data_4NSM
# 
_entry.id   4NSM 
# 
_audit_conform.dict_name       mmcif_pdbx.dic 
_audit_conform.dict_version    5.387 
_audit_conform.dict_location   http://mmcif.pdb.org/dictionaries/ascii/mmcif_pdbx.dic 
# 
loop_
_database_2.database_id 
_database_2.database_code 
_database_2.pdbx_database_accession 
_database_2.pdbx_DOI 
PDB   4NSM         pdb_00004nsm 10.2210/pdb4nsm/pdb 
RCSB  RCSB083604   ?            ?                   
WWPDB D_1000083604 ?            ?                   
# 
loop_
_pdbx_audit_revision_history.ordinal 
_pdbx_audit_revision_history.data_content_type 
_pdbx_audit_revision_history.major_revision 
_pdbx_audit_revision_history.minor_revision 
_pdbx_audit_revision_history.revision_date 
1 'Structure model' 1 0 2013-12-25 
2 'Structure model' 1 1 2014-01-15 
3 'Structure model' 1 2 2014-03-12 
4 'Structure model' 1 3 2024-02-28 
# 
_pdbx_audit_revision_details.ordinal             1 
_pdbx_audit_revision_details.revision_ordinal    1 
_pdbx_audit_revision_details.data_content_type   'Structure model' 
_pdbx_audit_revision_details.provider            repository 
_pdbx_audit_revision_details.type                'Initial release' 
_pdbx_audit_revision_details.description         ? 
_pdbx_audit_revision_details.details             ? 
# 
loop_
_pdbx_audit_revision_group.ordinal 
_pdbx_audit_revision_group.revision_ordinal 
_pdbx_audit_revision_group.data_content_type 
_pdbx_audit_revision_group.group 
1 2 'Structure model' 'Database references'  
2 3 'Structure model' 'Database references'  
3 4 'Structure model' 'Data collection'      
4 4 'Structure model' 'Database references'  
5 4 'Structure model' 'Derived calculations' 
# 
loop_
_pdbx_audit_revision_category.ordinal 
_pdbx_audit_revision_category.revision_ordinal 
_pdbx_audit_revision_category.data_content_type 
_pdbx_audit_revision_category.category 
1 4 'Structure model' chem_comp_atom               
2 4 'Structure model' chem_comp_bond               
3 4 'Structure model' database_2                   
4 4 'Structure model' pdbx_struct_special_symmetry 
5 4 'Structure model' struct_ref_seq_dif           
6 4 'Structure model' struct_site                  
# 
loop_
_pdbx_audit_revision_item.ordinal 
_pdbx_audit_revision_item.revision_ordinal 
_pdbx_audit_revision_item.data_content_type 
_pdbx_audit_revision_item.item 
1 4 'Structure model' '_database_2.pdbx_DOI'                
2 4 'Structure model' '_database_2.pdbx_database_accession' 
3 4 'Structure model' '_struct_ref_seq_dif.details'         
4 4 'Structure model' '_struct_site.pdbx_auth_asym_id'      
5 4 'Structure model' '_struct_site.pdbx_auth_comp_id'      
6 4 'Structure model' '_struct_site.pdbx_auth_seq_id'       
# 
_pdbx_database_status.status_code                     REL 
_pdbx_database_status.entry_id                        4NSM 
_pdbx_database_status.recvd_initial_deposition_date   2013-11-28 
_pdbx_database_status.deposit_site                    RCSB 
_pdbx_database_status.process_site                    RCSB 
_pdbx_database_status.status_code_sf                  REL 
_pdbx_database_status.status_code_mr                  ? 
_pdbx_database_status.SG_entry                        ? 
_pdbx_database_status.status_code_cs                  ? 
_pdbx_database_status.methods_development_category    ? 
_pdbx_database_status.pdb_format_compatible           Y 
_pdbx_database_status.status_code_nmr_data            ? 
# 
loop_
_audit_author.name 
_audit_author.pdbx_ordinal 
'Berisio, R.'  1 
'Squeglia, F.' 2 
'Lukomski, S.' 3 
'Bachert, B.'  4 
# 
_citation.id                        primary 
_citation.title                     
;The Crystal Structure of the Streptococcal Collagen-like Protein 2 Globular Domain from Invasive M3-type Group A Streptococcus Shows Significant Similarity to Immunomodulatory HIV Protein gp41.
;
_citation.journal_abbrev            J.Biol.Chem. 
_citation.journal_volume            289 
_citation.page_first                5122 
_citation.page_last                 5133 
_citation.year                      2014 
_citation.journal_id_ASTM           JBCHA3 
_citation.country                   US 
_citation.journal_id_ISSN           0021-9258 
_citation.journal_id_CSD            0071 
_citation.book_publisher            ? 
_citation.pdbx_database_id_PubMed   24356966 
_citation.pdbx_database_id_DOI      10.1074/jbc.M113.523597 
# 
loop_
_citation_author.citation_id 
_citation_author.name 
_citation_author.ordinal 
_citation_author.identifier_ORCID 
primary 'Squeglia, F.'  1 ? 
primary 'Bachert, B.'   2 ? 
primary 'De Simone, A.' 3 ? 
primary 'Lukomski, S.'  4 ? 
primary 'Berisio, R.'   5 ? 
# 
loop_
_entity.id 
_entity.type 
_entity.src_method 
_entity.pdbx_description 
_entity.formula_weight 
_entity.pdbx_number_of_molecules 
_entity.pdbx_ec 
_entity.pdbx_mutation 
_entity.pdbx_fragment 
_entity.details 
1 polymer     man 'Collagen-like protein SclB'             10119.227 1  ? ? 'V domain' ? 
2 non-polymer syn 'SULFATE ION'                            96.063    2  ? ? ?          ? 
3 non-polymer syn 2-AMINO-2-HYDROXYMETHYL-PROPANE-1,3-DIOL 122.143   1  ? ? ?          ? 
4 water       nat water                                    18.015    98 ? ? ?          ? 
# 
_entity_poly.entity_id                      1 
_entity_poly.type                           'polypeptide(L)' 
_entity_poly.nstd_linkage                   no 
_entity_poly.nstd_monomer                   no 
_entity_poly.pdbx_seq_one_letter_code       
;DGEDAQKRAQIQKREELLSALIDGTSRLENKQFPYPGSTGLDDTYMNSLIQYLQERKQIEDKWRASLLKGIQDHVLDSAW
SHPQFEK
;
_entity_poly.pdbx_seq_one_letter_code_can   
;DGEDAQKRAQIQKREELLSALIDGTSRLENKQFPYPGSTGLDDTYMNSLIQYLQERKQIEDKWRASLLKGIQDHVLDSAW
SHPQFEK
;
_entity_poly.pdbx_strand_id                 A 
_entity_poly.pdbx_target_identifier         ? 
# 
loop_
_pdbx_entity_nonpoly.entity_id 
_pdbx_entity_nonpoly.name 
_pdbx_entity_nonpoly.comp_id 
2 'SULFATE ION'                            SO4 
3 2-AMINO-2-HYDROXYMETHYL-PROPANE-1,3-DIOL TRS 
4 water                                    HOH 
# 
loop_
_entity_poly_seq.entity_id 
_entity_poly_seq.num 
_entity_poly_seq.mon_id 
_entity_poly_seq.hetero 
1 1  ASP n 
1 2  GLY n 
1 3  GLU n 
1 4  ASP n 
1 5  ALA n 
1 6  GLN n 
1 7  LYS n 
1 8  ARG n 
1 9  ALA n 
1 10 GLN n 
1 11 ILE n 
1 12 GLN n 
1 13 LYS n 
1 14 ARG n 
1 15 GLU n 
1 16 GLU n 
1 17 LEU n 
1 18 LEU n 
1 19 SER n 
1 20 ALA n 
1 21 LEU n 
1 22 ILE n 
1 23 ASP n 
1 24 GLY n 
1 25 THR n 
1 26 SER n 
1 27 ARG n 
1 28 LEU n 
1 29 GLU n 
1 30 ASN n 
1 31 LYS n 
1 32 GLN n 
1 33 PHE n 
1 34 PRO n 
1 35 TYR n 
1 36 PRO n 
1 37 GLY n 
1 38 SER n 
1 39 THR n 
1 40 GLY n 
1 41 LEU n 
1 42 ASP n 
1 43 ASP n 
1 44 THR n 
1 45 TYR n 
1 46 MET n 
1 47 ASN n 
1 48 SER n 
1 49 LEU n 
1 50 ILE n 
1 51 GLN n 
1 52 TYR n 
1 53 LEU n 
1 54 GLN n 
1 55 GLU n 
1 56 ARG n 
1 57 LYS n 
1 58 GLN n 
1 59 ILE n 
1 60 GLU n 
1 61 ASP n 
1 62 LYS n 
1 63 TRP n 
1 64 ARG n 
1 65 ALA n 
1 66 SER n 
1 67 LEU n 
1 68 LEU n 
1 69 LYS n 
1 70 GLY n 
1 71 ILE n 
1 72 GLN n 
1 73 ASP n 
1 74 HIS n 
1 75 VAL n 
1 76 LEU n 
1 77 ASP n 
1 78 SER n 
1 79 ALA n 
1 80 TRP n 
1 81 SER n 
1 82 HIS n 
1 83 PRO n 
1 84 GLN n 
1 85 PHE n 
1 86 GLU n 
1 87 LYS n 
# 
_entity_src_gen.entity_id                          1 
_entity_src_gen.pdbx_src_id                        1 
_entity_src_gen.pdbx_alt_source_flag               sample 
_entity_src_gen.pdbx_seq_type                      ? 
_entity_src_gen.pdbx_beg_seq_num                   ? 
_entity_src_gen.pdbx_end_seq_num                   ? 
_entity_src_gen.gene_src_common_name               ? 
_entity_src_gen.gene_src_genus                     ? 
_entity_src_gen.pdbx_gene_src_gene                 'sclB, SpyM3_0738' 
_entity_src_gen.gene_src_species                   ? 
_entity_src_gen.gene_src_strain                    'ATCC BAA-595 / MGAS315' 
_entity_src_gen.gene_src_tissue                    ? 
_entity_src_gen.gene_src_tissue_fraction           ? 
_entity_src_gen.gene_src_details                   ? 
_entity_src_gen.pdbx_gene_src_fragment             ? 
_entity_src_gen.pdbx_gene_src_scientific_name      'Streptococcus pyogenes' 
_entity_src_gen.pdbx_gene_src_ncbi_taxonomy_id     198466 
_entity_src_gen.pdbx_gene_src_variant              ? 
_entity_src_gen.pdbx_gene_src_cell_line            ? 
_entity_src_gen.pdbx_gene_src_atcc                 ? 
_entity_src_gen.pdbx_gene_src_organ                ? 
_entity_src_gen.pdbx_gene_src_organelle            ? 
_entity_src_gen.pdbx_gene_src_cell                 ? 
_entity_src_gen.pdbx_gene_src_cellular_location    ? 
_entity_src_gen.host_org_common_name               ? 
_entity_src_gen.pdbx_host_org_scientific_name      'Escherichia coli' 
_entity_src_gen.pdbx_host_org_ncbi_taxonomy_id     562 
_entity_src_gen.host_org_genus                     ? 
_entity_src_gen.pdbx_host_org_gene                 ? 
_entity_src_gen.pdbx_host_org_organ                ? 
_entity_src_gen.host_org_species                   ? 
_entity_src_gen.pdbx_host_org_tissue               ? 
_entity_src_gen.pdbx_host_org_tissue_fraction      ? 
_entity_src_gen.pdbx_host_org_strain               ? 
_entity_src_gen.pdbx_host_org_variant              ? 
_entity_src_gen.pdbx_host_org_cell_line            ? 
_entity_src_gen.pdbx_host_org_atcc                 ? 
_entity_src_gen.pdbx_host_org_culture_collection   ? 
_entity_src_gen.pdbx_host_org_cell                 ? 
_entity_src_gen.pdbx_host_org_organelle            ? 
_entity_src_gen.pdbx_host_org_cellular_location    ? 
_entity_src_gen.pdbx_host_org_vector_type          ? 
_entity_src_gen.pdbx_host_org_vector               ? 
_entity_src_gen.host_org_details                   ? 
_entity_src_gen.expression_system_id               ? 
_entity_src_gen.plasmid_name                       ? 
_entity_src_gen.plasmid_details                    ? 
_entity_src_gen.pdbx_description                   ? 
# 
loop_
_chem_comp.id 
_chem_comp.type 
_chem_comp.mon_nstd_flag 
_chem_comp.name 
_chem_comp.pdbx_synonyms 
_chem_comp.formula 
_chem_comp.formula_weight 
ALA 'L-peptide linking' y ALANINE                                  ?             'C3 H7 N O2'     89.093  
ARG 'L-peptide linking' y ARGININE                                 ?             'C6 H15 N4 O2 1' 175.209 
ASN 'L-peptide linking' y ASPARAGINE                               ?             'C4 H8 N2 O3'    132.118 
ASP 'L-peptide linking' y 'ASPARTIC ACID'                          ?             'C4 H7 N O4'     133.103 
GLN 'L-peptide linking' y GLUTAMINE                                ?             'C5 H10 N2 O3'   146.144 
GLU 'L-peptide linking' y 'GLUTAMIC ACID'                          ?             'C5 H9 N O4'     147.129 
GLY 'peptide linking'   y GLYCINE                                  ?             'C2 H5 N O2'     75.067  
HIS 'L-peptide linking' y HISTIDINE                                ?             'C6 H10 N3 O2 1' 156.162 
HOH non-polymer         . WATER                                    ?             'H2 O'           18.015  
ILE 'L-peptide linking' y ISOLEUCINE                               ?             'C6 H13 N O2'    131.173 
LEU 'L-peptide linking' y LEUCINE                                  ?             'C6 H13 N O2'    131.173 
LYS 'L-peptide linking' y LYSINE                                   ?             'C6 H15 N2 O2 1' 147.195 
MET 'L-peptide linking' y METHIONINE                               ?             'C5 H11 N O2 S'  149.211 
PHE 'L-peptide linking' y PHENYLALANINE                            ?             'C9 H11 N O2'    165.189 
PRO 'L-peptide linking' y PROLINE                                  ?             'C5 H9 N O2'     115.130 
SER 'L-peptide linking' y SERINE                                   ?             'C3 H7 N O3'     105.093 
SO4 non-polymer         . 'SULFATE ION'                            ?             'O4 S -2'        96.063  
THR 'L-peptide linking' y THREONINE                                ?             'C4 H9 N O3'     119.119 
TRP 'L-peptide linking' y TRYPTOPHAN                               ?             'C11 H12 N2 O2'  204.225 
TRS non-polymer         . 2-AMINO-2-HYDROXYMETHYL-PROPANE-1,3-DIOL 'TRIS BUFFER' 'C4 H12 N O3 1'  122.143 
TYR 'L-peptide linking' y TYROSINE                                 ?             'C9 H11 N O3'    181.189 
VAL 'L-peptide linking' y VALINE                                   ?             'C5 H11 N O2'    117.146 
# 
loop_
_pdbx_poly_seq_scheme.asym_id 
_pdbx_poly_seq_scheme.entity_id 
_pdbx_poly_seq_scheme.seq_id 
_pdbx_poly_seq_scheme.mon_id 
_pdbx_poly_seq_scheme.ndb_seq_num 
_pdbx_poly_seq_scheme.pdb_seq_num 
_pdbx_poly_seq_scheme.auth_seq_num 
_pdbx_poly_seq_scheme.pdb_mon_id 
_pdbx_poly_seq_scheme.auth_mon_id 
_pdbx_poly_seq_scheme.pdb_strand_id 
_pdbx_poly_seq_scheme.pdb_ins_code 
_pdbx_poly_seq_scheme.hetero 
A 1 1  ASP 1  2  ?  ?   ?   A . n 
A 1 2  GLY 2  3  ?  ?   ?   A . n 
A 1 3  GLU 3  4  ?  ?   ?   A . n 
A 1 4  ASP 4  5  ?  ?   ?   A . n 
A 1 5  ALA 5  6  ?  ?   ?   A . n 
A 1 6  GLN 6  7  7  GLN GLN A . n 
A 1 7  LYS 7  8  8  LYS LYS A . n 
A 1 8  ARG 8  9  9  ARG ARG A . n 
A 1 9  ALA 9  10 10 ALA ALA A . n 
A 1 10 GLN 10 11 11 GLN GLN A . n 
A 1 11 ILE 11 12 12 ILE ILE A . n 
A 1 12 GLN 12 13 13 GLN GLN A . n 
A 1 13 LYS 13 14 14 LYS LYS A . n 
A 1 14 ARG 14 15 15 ARG ARG A . n 
A 1 15 GLU 15 16 16 GLU GLU A . n 
A 1 16 GLU 16 17 17 GLU GLU A . n 
A 1 17 LEU 17 18 18 LEU LEU A . n 
A 1 18 LEU 18 19 19 LEU LEU A . n 
A 1 19 SER 19 20 20 SER SER A . n 
A 1 20 ALA 20 21 21 ALA ALA A . n 
A 1 21 LEU 21 22 22 LEU LEU A . n 
A 1 22 ILE 22 23 23 ILE ILE A . n 
A 1 23 ASP 23 24 24 ASP ASP A . n 
A 1 24 GLY 24 25 25 GLY GLY A . n 
A 1 25 THR 25 26 26 THR THR A . n 
A 1 26 SER 26 27 27 SER SER A . n 
A 1 27 ARG 27 28 28 ARG ARG A . n 
A 1 28 LEU 28 29 29 LEU LEU A . n 
A 1 29 GLU 29 30 30 GLU GLU A . n 
A 1 30 ASN 30 31 31 ASN ASN A . n 
A 1 31 LYS 31 32 32 LYS LYS A . n 
A 1 32 GLN 32 33 33 GLN GLN A . n 
A 1 33 PHE 33 34 34 PHE PHE A . n 
A 1 34 PRO 34 35 35 PRO PRO A . n 
A 1 35 TYR 35 36 36 TYR TYR A . n 
A 1 36 PRO 36 37 37 PRO PRO A . n 
A 1 37 GLY 37 38 38 GLY GLY A . n 
A 1 38 SER 38 39 39 SER SER A . n 
A 1 39 THR 39 40 40 THR THR A . n 
A 1 40 GLY 40 41 41 GLY GLY A . n 
A 1 41 LEU 41 42 42 LEU LEU A . n 
A 1 42 ASP 42 43 43 ASP ASP A . n 
A 1 43 ASP 43 44 44 ASP ASP A . n 
A 1 44 THR 44 45 45 THR THR A . n 
A 1 45 TYR 45 46 46 TYR TYR A . n 
A 1 46 MET 46 47 47 MET MET A . n 
A 1 47 ASN 47 48 48 ASN ASN A . n 
A 1 48 SER 48 49 49 SER SER A . n 
A 1 49 LEU 49 50 50 LEU LEU A . n 
A 1 50 ILE 50 51 51 ILE ILE A . n 
A 1 51 GLN 51 52 52 GLN GLN A . n 
A 1 52 TYR 52 53 53 TYR TYR A . n 
A 1 53 LEU 53 54 54 LEU LEU A . n 
A 1 54 GLN 54 55 55 GLN GLN A . n 
A 1 55 GLU 55 56 56 GLU GLU A . n 
A 1 56 ARG 56 57 57 ARG ARG A . n 
A 1 57 LYS 57 58 58 LYS LYS A . n 
A 1 58 GLN 58 59 59 GLN GLN A . n 
A 1 59 ILE 59 60 60 ILE ILE A . n 
A 1 60 GLU 60 61 61 GLU GLU A . n 
A 1 61 ASP 61 62 62 ASP ASP A . n 
A 1 62 LYS 62 63 63 LYS LYS A . n 
A 1 63 TRP 63 64 64 TRP TRP A . n 
A 1 64 ARG 64 65 65 ARG ARG A . n 
A 1 65 ALA 65 66 66 ALA ALA A . n 
A 1 66 SER 66 67 67 SER SER A . n 
A 1 67 LEU 67 68 68 LEU LEU A . n 
A 1 68 LEU 68 69 69 LEU LEU A . n 
A 1 69 LYS 69 70 70 LYS LYS A . n 
A 1 70 GLY 70 71 71 GLY GLY A . n 
A 1 71 ILE 71 72 72 ILE ILE A . n 
A 1 72 GLN 72 73 73 GLN GLN A . n 
A 1 73 ASP 73 74 74 ASP ASP A . n 
A 1 74 HIS 74 75 75 HIS HIS A . n 
A 1 75 VAL 75 76 76 VAL VAL A . n 
A 1 76 LEU 76 77 77 LEU LEU A . n 
A 1 77 ASP 77 78 ?  ?   ?   A . n 
A 1 78 SER 78 79 ?  ?   ?   A . n 
A 1 79 ALA 79 80 ?  ?   ?   A . n 
A 1 80 TRP 80 81 ?  ?   ?   A . n 
A 1 81 SER 81 82 ?  ?   ?   A . n 
A 1 82 HIS 82 83 ?  ?   ?   A . n 
A 1 83 PRO 83 84 ?  ?   ?   A . n 
A 1 84 GLN 84 85 ?  ?   ?   A . n 
A 1 85 PHE 85 86 ?  ?   ?   A . n 
A 1 86 GLU 86 87 ?  ?   ?   A . n 
A 1 87 LYS 87 88 ?  ?   ?   A . n 
# 
loop_
_pdbx_nonpoly_scheme.asym_id 
_pdbx_nonpoly_scheme.entity_id 
_pdbx_nonpoly_scheme.mon_id 
_pdbx_nonpoly_scheme.ndb_seq_num 
_pdbx_nonpoly_scheme.pdb_seq_num 
_pdbx_nonpoly_scheme.auth_seq_num 
_pdbx_nonpoly_scheme.pdb_mon_id 
_pdbx_nonpoly_scheme.auth_mon_id 
_pdbx_nonpoly_scheme.pdb_strand_id 
_pdbx_nonpoly_scheme.pdb_ins_code 
B 2 SO4 1  601 601 SO4 SO4 A . 
C 3 TRS 1  602 602 TRS TRS A . 
D 2 SO4 1  603 603 SO4 SO4 A . 
E 4 HOH 1  701 1   HOH HOH A . 
E 4 HOH 2  702 2   HOH HOH A . 
E 4 HOH 3  703 3   HOH HOH A . 
E 4 HOH 4  704 4   HOH HOH A . 
E 4 HOH 5  705 5   HOH HOH A . 
E 4 HOH 6  706 6   HOH HOH A . 
E 4 HOH 7  707 7   HOH HOH A . 
E 4 HOH 8  708 8   HOH HOH A . 
E 4 HOH 9  709 10  HOH HOH A . 
E 4 HOH 10 710 11  HOH HOH A . 
E 4 HOH 11 711 12  HOH HOH A . 
E 4 HOH 12 712 13  HOH HOH A . 
E 4 HOH 13 713 14  HOH HOH A . 
E 4 HOH 14 714 15  HOH HOH A . 
E 4 HOH 15 715 16  HOH HOH A . 
E 4 HOH 16 716 17  HOH HOH A . 
E 4 HOH 17 717 19  HOH HOH A . 
E 4 HOH 18 718 20  HOH HOH A . 
E 4 HOH 19 719 21  HOH HOH A . 
E 4 HOH 20 720 22  HOH HOH A . 
E 4 HOH 21 721 23  HOH HOH A . 
E 4 HOH 22 722 24  HOH HOH A . 
E 4 HOH 23 723 25  HOH HOH A . 
E 4 HOH 24 724 26  HOH HOH A . 
E 4 HOH 25 725 27  HOH HOH A . 
E 4 HOH 26 726 28  HOH HOH A . 
E 4 HOH 27 727 29  HOH HOH A . 
E 4 HOH 28 728 30  HOH HOH A . 
E 4 HOH 29 729 31  HOH HOH A . 
E 4 HOH 30 730 32  HOH HOH A . 
E 4 HOH 31 731 33  HOH HOH A . 
E 4 HOH 32 732 34  HOH HOH A . 
E 4 HOH 33 733 35  HOH HOH A . 
E 4 HOH 34 734 36  HOH HOH A . 
E 4 HOH 35 735 37  HOH HOH A . 
E 4 HOH 36 736 38  HOH HOH A . 
E 4 HOH 37 737 40  HOH HOH A . 
E 4 HOH 38 738 41  HOH HOH A . 
E 4 HOH 39 739 42  HOH HOH A . 
E 4 HOH 40 740 43  HOH HOH A . 
E 4 HOH 41 741 44  HOH HOH A . 
E 4 HOH 42 742 45  HOH HOH A . 
E 4 HOH 43 743 46  HOH HOH A . 
E 4 HOH 44 744 47  HOH HOH A . 
E 4 HOH 45 745 48  HOH HOH A . 
E 4 HOH 46 746 49  HOH HOH A . 
E 4 HOH 47 747 50  HOH HOH A . 
E 4 HOH 48 748 51  HOH HOH A . 
E 4 HOH 49 749 52  HOH HOH A . 
E 4 HOH 50 750 53  HOH HOH A . 
E 4 HOH 51 751 54  HOH HOH A . 
E 4 HOH 52 752 55  HOH HOH A . 
E 4 HOH 53 753 56  HOH HOH A . 
E 4 HOH 54 754 57  HOH HOH A . 
E 4 HOH 55 755 58  HOH HOH A . 
E 4 HOH 56 756 59  HOH HOH A . 
E 4 HOH 57 757 60  HOH HOH A . 
E 4 HOH 58 758 61  HOH HOH A . 
E 4 HOH 59 759 63  HOH HOH A . 
E 4 HOH 60 760 64  HOH HOH A . 
E 4 HOH 61 761 65  HOH HOH A . 
E 4 HOH 62 762 66  HOH HOH A . 
E 4 HOH 63 763 67  HOH HOH A . 
E 4 HOH 64 764 68  HOH HOH A . 
E 4 HOH 65 765 69  HOH HOH A . 
E 4 HOH 66 766 70  HOH HOH A . 
E 4 HOH 67 767 71  HOH HOH A . 
E 4 HOH 68 768 72  HOH HOH A . 
E 4 HOH 69 769 73  HOH HOH A . 
E 4 HOH 70 770 74  HOH HOH A . 
E 4 HOH 71 771 75  HOH HOH A . 
E 4 HOH 72 772 77  HOH HOH A . 
E 4 HOH 73 773 78  HOH HOH A . 
E 4 HOH 74 774 79  HOH HOH A . 
E 4 HOH 75 775 80  HOH HOH A . 
E 4 HOH 76 776 81  HOH HOH A . 
E 4 HOH 77 777 83  HOH HOH A . 
E 4 HOH 78 778 84  HOH HOH A . 
E 4 HOH 79 779 85  HOH HOH A . 
E 4 HOH 80 780 86  HOH HOH A . 
E 4 HOH 81 781 87  HOH HOH A . 
E 4 HOH 82 782 88  HOH HOH A . 
E 4 HOH 83 783 89  HOH HOH A . 
E 4 HOH 84 784 90  HOH HOH A . 
E 4 HOH 85 785 92  HOH HOH A . 
E 4 HOH 86 786 93  HOH HOH A . 
E 4 HOH 87 787 94  HOH HOH A . 
E 4 HOH 88 788 96  HOH HOH A . 
E 4 HOH 89 789 97  HOH HOH A . 
E 4 HOH 90 790 99  HOH HOH A . 
E 4 HOH 91 791 100 HOH HOH A . 
E 4 HOH 92 792 101 HOH HOH A . 
E 4 HOH 93 793 102 HOH HOH A . 
E 4 HOH 94 794 103 HOH HOH A . 
E 4 HOH 95 795 105 HOH HOH A . 
E 4 HOH 96 796 106 HOH HOH A . 
E 4 HOH 97 797 108 HOH HOH A . 
E 4 HOH 98 798 109 HOH HOH A . 
# 
loop_
_pdbx_unobs_or_zero_occ_atoms.id 
_pdbx_unobs_or_zero_occ_atoms.PDB_model_num 
_pdbx_unobs_or_zero_occ_atoms.polymer_flag 
_pdbx_unobs_or_zero_occ_atoms.occupancy_flag 
_pdbx_unobs_or_zero_occ_atoms.auth_asym_id 
_pdbx_unobs_or_zero_occ_atoms.auth_comp_id 
_pdbx_unobs_or_zero_occ_atoms.auth_seq_id 
_pdbx_unobs_or_zero_occ_atoms.PDB_ins_code 
_pdbx_unobs_or_zero_occ_atoms.auth_atom_id 
_pdbx_unobs_or_zero_occ_atoms.label_alt_id 
_pdbx_unobs_or_zero_occ_atoms.label_asym_id 
_pdbx_unobs_or_zero_occ_atoms.label_comp_id 
_pdbx_unobs_or_zero_occ_atoms.label_seq_id 
_pdbx_unobs_or_zero_occ_atoms.label_atom_id 
1 1 Y 1 A LYS 8 ? CG ? A LYS 7 CG 
2 1 Y 1 A LYS 8 ? CD ? A LYS 7 CD 
3 1 Y 1 A LYS 8 ? CE ? A LYS 7 CE 
4 1 Y 1 A LYS 8 ? NZ ? A LYS 7 NZ 
# 
loop_
_software.name 
_software.classification 
_software.version 
_software.citation_id 
_software.pdbx_ordinal 
HKL-2000 'data collection' .        ? 1 
SHELXS   phasing           .        ? 2 
REFMAC   refinement        5.5.0110 ? 3 
HKL-2000 'data reduction'  .        ? 4 
HKL-2000 'data scaling'    .        ? 5 
# 
_cell.entry_id           4NSM 
_cell.length_a           44.405 
_cell.length_b           44.405 
_cell.length_c           227.767 
_cell.angle_alpha        90.00 
_cell.angle_beta         90.00 
_cell.angle_gamma        120.00 
_cell.Z_PDB              18 
_cell.pdbx_unique_axis   ? 
_cell.length_a_esd       ? 
_cell.length_b_esd       ? 
_cell.length_c_esd       ? 
_cell.angle_alpha_esd    ? 
_cell.angle_beta_esd     ? 
_cell.angle_gamma_esd    ? 
# 
_symmetry.entry_id                         4NSM 
_symmetry.space_group_name_H-M             'H 3 2' 
_symmetry.pdbx_full_space_group_name_H-M   ? 
_symmetry.cell_setting                     ? 
_symmetry.Int_Tables_number                155 
_symmetry.space_group_name_Hall            ? 
# 
_exptl.entry_id          4NSM 
_exptl.method            'X-RAY DIFFRACTION' 
_exptl.crystals_number   1 
# 
_exptl_crystal.id                    1 
_exptl_crystal.density_meas          ? 
_exptl_crystal.density_Matthews      2.14 
_exptl_crystal.density_percent_sol   42.40 
_exptl_crystal.description           ? 
_exptl_crystal.F_000                 ? 
_exptl_crystal.preparation           ? 
# 
_exptl_crystal_grow.crystal_id      1 
_exptl_crystal_grow.method          EVAPORATION 
_exptl_crystal_grow.temp            298 
_exptl_crystal_grow.temp_details    ? 
_exptl_crystal_grow.pH              6.5 
_exptl_crystal_grow.pdbx_details    
'0.05M Ammonium sulfate, 0.05M BIS-TRIS pH 6.5, 30% v/v Pentaerythritol ethoxylate (15/4 EO/OH), EVAPORATION, temperature 298K' 
_exptl_crystal_grow.pdbx_pH_range   ? 
# 
_diffrn.id                     1 
_diffrn.ambient_temp           100 
_diffrn.ambient_temp_details   ? 
_diffrn.crystal_id             1 
# 
_diffrn_detector.diffrn_id              1 
_diffrn_detector.detector               CCD 
_diffrn_detector.details                ? 
_diffrn_detector.type                   'RIGAKU SATURN 944' 
_diffrn_detector.pdbx_collection_date   2013-03-12 
# 
_diffrn_radiation.diffrn_id                        1 
_diffrn_radiation.wavelength_id                    1 
_diffrn_radiation.pdbx_monochromatic_or_laue_m_l   M 
_diffrn_radiation.monochromator                    GRAPHITE 
_diffrn_radiation.pdbx_diffrn_protocol             'SINGLE WAVELENGTH' 
_diffrn_radiation.pdbx_scattering_type             x-ray 
# 
_diffrn_radiation_wavelength.id           1 
_diffrn_radiation_wavelength.wavelength   1.54 
_diffrn_radiation_wavelength.wt           1.0 
# 
_diffrn_source.diffrn_id                   1 
_diffrn_source.source                      'ROTATING ANODE' 
_diffrn_source.type                        'RIGAKU MICROMAX-007 HF' 
_diffrn_source.pdbx_synchrotron_site       ? 
_diffrn_source.pdbx_synchrotron_beamline   ? 
_diffrn_source.pdbx_wavelength             ? 
_diffrn_source.pdbx_wavelength_list        1.54 
# 
_reflns.pdbx_chi_squared             ? 
_reflns.pdbx_scaling_rejects         ? 
_reflns.limit_k_max                  ? 
_reflns.d_resolution_high            1.52 
_reflns.observed_criterion_F_min     ? 
_reflns.pdbx_netI_over_sigmaI        ? 
_reflns.observed_criterion_F_max     ? 
_reflns.pdbx_Rmerge_I_obs            0.061 
_reflns.limit_l_max                  ? 
_reflns.limit_k_min                  ? 
_reflns.entry_id                     4NSM 
_reflns.B_iso_Wilson_estimate        ? 
_reflns.percent_possible_obs         99.2 
_reflns.pdbx_Rsym_value              ? 
_reflns.observed_criterion_sigma_I   0 
_reflns.observed_criterion_sigma_F   0 
_reflns.limit_l_min                  ? 
_reflns.limit_h_min                  ? 
_reflns.R_free_details               ? 
_reflns.number_all                   13802 
_reflns.d_resolution_low             30 
_reflns.pdbx_redundancy              5.3 
_reflns.number_obs                   13802 
_reflns.limit_h_max                  ? 
_reflns.pdbx_ordinal                 1 
_reflns.pdbx_diffrn_id               1 
# 
_reflns_shell.d_res_high             1.52 
_reflns_shell.d_res_low              1.55 
_reflns_shell.percent_possible_all   86.7 
_reflns_shell.Rmerge_I_obs           0.345 
_reflns_shell.pdbx_Rsym_value        ? 
_reflns_shell.meanI_over_sigI_obs    ? 
_reflns_shell.pdbx_redundancy        ? 
_reflns_shell.percent_possible_obs   ? 
_reflns_shell.number_unique_all      ? 
_reflns_shell.number_measured_all    ? 
_reflns_shell.number_measured_obs    ? 
_reflns_shell.number_unique_obs      ? 
_reflns_shell.pdbx_chi_squared       ? 
_reflns_shell.pdbx_ordinal           1 
_reflns_shell.pdbx_diffrn_id         1 
# 
_refine.ls_percent_reflns_R_free                 6.9 
_refine.overall_SU_B                             4.632 
_refine.pdbx_solvent_vdw_probe_radii             1.40 
_refine.pdbx_R_Free_selection_details            RANDOM 
_refine.overall_FOM_free_R_set                   ? 
_refine.pdbx_data_cutoff_low_absF                ? 
_refine.entry_id                                 4NSM 
_refine.aniso_B[2][3]                            0.00 
_refine.overall_SU_R_Cruickshank_DPI             ? 
_refine.overall_SU_ML                            0.073 
_refine.aniso_B[1][3]                            0.00 
_refine.pdbx_stereochemistry_target_values       'MAXIMUM LIKELIHOOD WITH PHASES' 
_refine.aniso_B[3][3]                            0.08 
_refine.solvent_model_param_ksol                 ? 
_refine.ls_number_restraints                     ? 
_refine.aniso_B[1][1]                            -0.05 
_refine.pdbx_overall_ESU_R                       0.127 
_refine.ls_R_factor_obs                          0.19854 
_refine.occupancy_min                            ? 
_refine.pdbx_solvent_ion_probe_radii             0.80 
_refine.pdbx_starting_model                      ? 
_refine.ls_wR_factor_R_free                      ? 
_refine.ls_wR_factor_R_work                      ? 
_refine.pdbx_isotropic_thermal_model             ? 
_refine.pdbx_method_to_determine_struct          SAD 
_refine.occupancy_max                            ? 
_refine.pdbx_solvent_shrinkage_radii             0.80 
_refine.correlation_coeff_Fo_to_Fc               0.959 
_refine.ls_number_reflns_R_free                  822 
_refine.correlation_coeff_Fo_to_Fc_free          0.942 
_refine.pdbx_ls_sigma_F                          . 
_refine.ls_percent_reflns_obs                    99.90 
_refine.ls_R_factor_R_work                       0.19546 
_refine.overall_SU_R_free                        ? 
_refine.ls_d_res_high                            1.60 
_refine.pdbx_overall_ESU_R_Free                  0.100 
_refine.B_iso_min                                ? 
_refine.pdbx_ls_cross_valid_method               THROUGHOUT 
_refine.B_iso_mean                               20.793 
_refine.pdbx_stereochem_target_val_spec_case     ? 
_refine.ls_R_factor_all                          ? 
_refine.aniso_B[2][2]                            -0.05 
_refine.B_iso_max                                ? 
_refine.pdbx_ls_sigma_I                          ? 
_refine.ls_d_res_low                             14.98 
_refine.pdbx_overall_phase_error                 ? 
_refine.solvent_model_details                    'BABINET MODEL WITH MASK' 
_refine.aniso_B[1][2]                            -0.03 
_refine.ls_R_factor_R_free                       0.23995 
_refine.ls_R_factor_R_free_error                 ? 
_refine.ls_number_reflns_obs                     11101 
_refine.overall_FOM_work_R_set                   ? 
_refine.ls_number_parameters                     ? 
_refine.details                                  ? 
_refine.ls_number_reflns_all                     ? 
_refine.ls_redundancy_reflns_obs                 ? 
_refine.pdbx_data_cutoff_high_absF               ? 
_refine.solvent_model_param_bsol                 ? 
_refine.ls_R_factor_R_free_error_details         ? 
_refine.pdbx_data_cutoff_high_rms_absF           ? 
_refine.pdbx_diffrn_id                           1 
_refine.pdbx_refine_id                           'X-RAY DIFFRACTION' 
_refine.pdbx_TLS_residual_ADP_flag               ? 
_refine.pdbx_overall_SU_R_free_Cruickshank_DPI   ? 
_refine.pdbx_overall_SU_R_Blow_DPI               ? 
_refine.pdbx_overall_SU_R_free_Blow_DPI          ? 
# 
_refine_hist.pdbx_refine_id                   'X-RAY DIFFRACTION' 
_refine_hist.cycle_id                         LAST 
_refine_hist.pdbx_number_atoms_protein        580 
_refine_hist.pdbx_number_atoms_nucleic_acid   0 
_refine_hist.pdbx_number_atoms_ligand         18 
_refine_hist.number_atoms_solvent             98 
_refine_hist.number_atoms_total               696 
_refine_hist.d_res_high                       1.60 
_refine_hist.d_res_low                        14.98 
# 
loop_
_refine_ls_restr.type 
_refine_ls_restr.dev_ideal 
_refine_ls_restr.dev_ideal_target 
_refine_ls_restr.weight 
_refine_ls_restr.number 
_refine_ls_restr.pdbx_restraint_function 
_refine_ls_restr.pdbx_refine_id 
r_bond_refined_d    0.026 0.022 ? 622  ? 'X-RAY DIFFRACTION' 
r_bond_other_d      0.004 0.020 ? 441  ? 'X-RAY DIFFRACTION' 
r_angle_refined_deg 2.059 1.999 ? 839  ? 'X-RAY DIFFRACTION' 
r_angle_other_deg   1.069 3.000 ? 1073 ? 'X-RAY DIFFRACTION' 
# 
_refine_ls_shell.pdbx_total_number_of_bins_used   20 
_refine_ls_shell.d_res_high                       1.600 
_refine_ls_shell.d_res_low                        1.641 
_refine_ls_shell.number_reflns_R_work             804 
_refine_ls_shell.R_factor_R_work                  0.194 
_refine_ls_shell.percent_reflns_obs               100.00 
_refine_ls_shell.R_factor_R_free                  0.225 
_refine_ls_shell.R_factor_R_free_error            ? 
_refine_ls_shell.percent_reflns_R_free            ? 
_refine_ls_shell.number_reflns_R_free             58 
_refine_ls_shell.number_reflns_all                ? 
_refine_ls_shell.R_factor_all                     ? 
_refine_ls_shell.number_reflns_obs                ? 
_refine_ls_shell.redundancy_reflns_obs            ? 
_refine_ls_shell.pdbx_refine_id                   'X-RAY DIFFRACTION' 
# 
_struct.entry_id                  4NSM 
_struct.title                     
'crystal structure of the streptococcal collagen-like protein 2 globular domain from invasive M3-type group A Streptococcus' 
_struct.pdbx_model_details        ? 
_struct.pdbx_CASP_flag            ? 
_struct.pdbx_model_type_details   ? 
# 
_struct_keywords.entry_id        4NSM 
_struct_keywords.pdbx_keywords   'STRUCTURAL PROTEIN' 
_struct_keywords.text            'six-helix bundle, STRUCTURAL PROTEIN' 
# 
loop_
_struct_asym.id 
_struct_asym.pdbx_blank_PDB_chainid_flag 
_struct_asym.pdbx_modified 
_struct_asym.entity_id 
_struct_asym.details 
A N N 1 ? 
B N N 2 ? 
C N N 3 ? 
D N N 2 ? 
E N N 4 ? 
# 
_struct_ref.id                         1 
_struct_ref.db_name                    UNP 
_struct_ref.db_code                    Q8K7M7_STRP3 
_struct_ref.pdbx_db_accession          Q8K7M7 
_struct_ref.entity_id                  1 
_struct_ref.pdbx_seq_one_letter_code   DGEDAQKRAQIQKREELLSALIDGTSRLENKQFPYPGSTGLDDTYMNSLIQYLQERKQIEDKWRASLLKGIQDHVLD 
_struct_ref.pdbx_align_begin           38 
_struct_ref.pdbx_db_isoform            ? 
# 
_struct_ref_seq.align_id                      1 
_struct_ref_seq.ref_id                        1 
_struct_ref_seq.pdbx_PDB_id_code              4NSM 
_struct_ref_seq.pdbx_strand_id                A 
_struct_ref_seq.seq_align_beg                 1 
_struct_ref_seq.pdbx_seq_align_beg_ins_code   ? 
_struct_ref_seq.seq_align_end                 77 
_struct_ref_seq.pdbx_seq_align_end_ins_code   ? 
_struct_ref_seq.pdbx_db_accession             Q8K7M7 
_struct_ref_seq.db_align_beg                  38 
_struct_ref_seq.pdbx_db_align_beg_ins_code    ? 
_struct_ref_seq.db_align_end                  114 
_struct_ref_seq.pdbx_db_align_end_ins_code    ? 
_struct_ref_seq.pdbx_auth_seq_align_beg       2 
_struct_ref_seq.pdbx_auth_seq_align_end       78 
# 
loop_
_struct_ref_seq_dif.align_id 
_struct_ref_seq_dif.pdbx_pdb_id_code 
_struct_ref_seq_dif.mon_id 
_struct_ref_seq_dif.pdbx_pdb_strand_id 
_struct_ref_seq_dif.seq_num 
_struct_ref_seq_dif.pdbx_pdb_ins_code 
_struct_ref_seq_dif.pdbx_seq_db_name 
_struct_ref_seq_dif.pdbx_seq_db_accession_code 
_struct_ref_seq_dif.db_mon_id 
_struct_ref_seq_dif.pdbx_seq_db_seq_num 
_struct_ref_seq_dif.details 
_struct_ref_seq_dif.pdbx_auth_seq_num 
_struct_ref_seq_dif.pdbx_ordinal 
1 4NSM SER A 78 ? UNP Q8K7M7 ? ? 'expression tag' 79 1  
1 4NSM ALA A 79 ? UNP Q8K7M7 ? ? 'expression tag' 80 2  
1 4NSM TRP A 80 ? UNP Q8K7M7 ? ? 'expression tag' 81 3  
1 4NSM SER A 81 ? UNP Q8K7M7 ? ? 'expression tag' 82 4  
1 4NSM HIS A 82 ? UNP Q8K7M7 ? ? 'expression tag' 83 5  
1 4NSM PRO A 83 ? UNP Q8K7M7 ? ? 'expression tag' 84 6  
1 4NSM GLN A 84 ? UNP Q8K7M7 ? ? 'expression tag' 85 7  
1 4NSM PHE A 85 ? UNP Q8K7M7 ? ? 'expression tag' 86 8  
1 4NSM GLU A 86 ? UNP Q8K7M7 ? ? 'expression tag' 87 9  
1 4NSM LYS A 87 ? UNP Q8K7M7 ? ? 'expression tag' 88 10 
# 
_pdbx_struct_assembly.id                   1 
_pdbx_struct_assembly.details              author_and_software_defined_assembly 
_pdbx_struct_assembly.method_details       PISA 
_pdbx_struct_assembly.oligomeric_details   trimeric 
_pdbx_struct_assembly.oligomeric_count     3 
# 
loop_
_pdbx_struct_assembly_prop.biol_id 
_pdbx_struct_assembly_prop.type 
_pdbx_struct_assembly_prop.value 
_pdbx_struct_assembly_prop.details 
1 'ABSA (A^2)' 7030  ? 
1 MORE         -93   ? 
1 'SSA (A^2)'  11570 ? 
# 
_pdbx_struct_assembly_gen.assembly_id       1 
_pdbx_struct_assembly_gen.oper_expression   1,2,3 
_pdbx_struct_assembly_gen.asym_id_list      A,B,C,D,E 
# 
loop_
_pdbx_struct_oper_list.id 
_pdbx_struct_oper_list.type 
_pdbx_struct_oper_list.name 
_pdbx_struct_oper_list.symmetry_operation 
_pdbx_struct_oper_list.matrix[1][1] 
_pdbx_struct_oper_list.matrix[1][2] 
_pdbx_struct_oper_list.matrix[1][3] 
_pdbx_struct_oper_list.vector[1] 
_pdbx_struct_oper_list.matrix[2][1] 
_pdbx_struct_oper_list.matrix[2][2] 
_pdbx_struct_oper_list.matrix[2][3] 
_pdbx_struct_oper_list.vector[2] 
_pdbx_struct_oper_list.matrix[3][1] 
_pdbx_struct_oper_list.matrix[3][2] 
_pdbx_struct_oper_list.matrix[3][3] 
_pdbx_struct_oper_list.vector[3] 
1 'identity operation'         1_555 x,y,z     1.0000000000  0.0000000000 0.0000000000  0.0000000000  0.0000000000 1.0000000000 0.0000000000  0.0000000000   0.0000000000  0.0000000000  1.0000000000  0.0000000000  
2 'crystal symmetry operation' 2_555 -y,x-y,z  -0.0291175547 0.2269390596 -0.9734735904 6.2271536178  0.9662296099 0.2558422959 0.0307418371  -10.1087009461 0.2560322419  -0.9397038804 -0.2267247411 -8.6374595312 
3 'crystal symmetry operation' 3_555 -x+y,-x,z -0.0291175547 0.9662296099 0.2560322419  12.1601137865 0.2269390596 0.2558422959 -0.9397038804 -6.9436053664  -0.9734735904 0.0307418371  -0.2267247411 4.4144038516 
# 
_struct_biol.id        1 
_struct_biol.details   ? 
# 
loop_
_struct_conf.conf_type_id 
_struct_conf.id 
_struct_conf.pdbx_PDB_helix_id 
_struct_conf.beg_label_comp_id 
_struct_conf.beg_label_asym_id 
_struct_conf.beg_label_seq_id 
_struct_conf.pdbx_beg_PDB_ins_code 
_struct_conf.end_label_comp_id 
_struct_conf.end_label_asym_id 
_struct_conf.end_label_seq_id 
_struct_conf.pdbx_end_PDB_ins_code 
_struct_conf.beg_auth_comp_id 
_struct_conf.beg_auth_asym_id 
_struct_conf.beg_auth_seq_id 
_struct_conf.end_auth_comp_id 
_struct_conf.end_auth_asym_id 
_struct_conf.end_auth_seq_id 
_struct_conf.pdbx_PDB_helix_class 
_struct_conf.details 
_struct_conf.pdbx_PDB_helix_length 
HELX_P HELX_P1 1 GLN A 6  ? LYS A 31 ? GLN A 7  LYS A 32 1 ? 26 
HELX_P HELX_P2 2 ASP A 42 ? ASP A 73 ? ASP A 43 ASP A 74 1 ? 32 
# 
_struct_conf_type.id          HELX_P 
_struct_conf_type.criteria    ? 
_struct_conf_type.reference   ? 
# 
loop_
_struct_site.id 
_struct_site.pdbx_evidence_code 
_struct_site.pdbx_auth_asym_id 
_struct_site.pdbx_auth_comp_id 
_struct_site.pdbx_auth_seq_id 
_struct_site.pdbx_auth_ins_code 
_struct_site.pdbx_num_residues 
_struct_site.details 
AC1 Software A SO4 601 ? 8 'BINDING SITE FOR RESIDUE SO4 A 601' 
AC2 Software A TRS 602 ? 9 'BINDING SITE FOR RESIDUE TRS A 602' 
AC3 Software A SO4 603 ? 5 'BINDING SITE FOR RESIDUE SO4 A 603' 
# 
loop_
_struct_site_gen.id 
_struct_site_gen.site_id 
_struct_site_gen.pdbx_num_res 
_struct_site_gen.label_comp_id 
_struct_site_gen.label_asym_id 
_struct_site_gen.label_seq_id 
_struct_site_gen.pdbx_auth_ins_code 
_struct_site_gen.auth_comp_id 
_struct_site_gen.auth_asym_id 
_struct_site_gen.auth_seq_id 
_struct_site_gen.label_atom_id 
_struct_site_gen.label_alt_id 
_struct_site_gen.symmetry 
_struct_site_gen.details 
1  AC1 8 ARG A 8  ? ARG A 9   . ? 17_555 ? 
2  AC1 8 ARG A 8  ? ARG A 9   . ? 16_545 ? 
3  AC1 8 ARG A 8  ? ARG A 9   . ? 18_655 ? 
4  AC1 8 GLN A 12 ? GLN A 13  . ? 2_655  ? 
5  AC1 8 GLN A 12 ? GLN A 13  . ? 1_555  ? 
6  AC1 8 HOH E .  ? HOH A 760 . ? 2_655  ? 
7  AC1 8 HOH E .  ? HOH A 760 . ? 1_555  ? 
8  AC1 8 HOH E .  ? HOH A 760 . ? 3_665  ? 
9  AC2 9 ARG A 56 ? ARG A 57  . ? 3_555  ? 
10 AC2 9 ARG A 56 ? ARG A 57  . ? 2_555  ? 
11 AC2 9 ARG A 56 ? ARG A 57  . ? 1_555  ? 
12 AC2 9 GLU A 60 ? GLU A 61  . ? 2_555  ? 
13 AC2 9 GLU A 60 ? GLU A 61  . ? 1_555  ? 
14 AC2 9 GLU A 60 ? GLU A 61  . ? 3_555  ? 
15 AC2 9 HOH E .  ? HOH A 701 . ? 1_555  ? 
16 AC2 9 HOH E .  ? HOH A 701 . ? 3_555  ? 
17 AC2 9 HOH E .  ? HOH A 701 . ? 2_555  ? 
18 AC3 5 GLU A 60 ? GLU A 61  . ? 3_555  ? 
19 AC3 5 GLU A 60 ? GLU A 61  . ? 2_555  ? 
20 AC3 5 ARG A 64 ? ARG A 65  . ? 2_555  ? 
21 AC3 5 ARG A 64 ? ARG A 65  . ? 1_555  ? 
22 AC3 5 ARG A 64 ? ARG A 65  . ? 3_555  ? 
# 
_pdbx_validate_close_contact.id               1 
_pdbx_validate_close_contact.PDB_model_num    1 
_pdbx_validate_close_contact.auth_atom_id_1   OE1 
_pdbx_validate_close_contact.auth_asym_id_1   A 
_pdbx_validate_close_contact.auth_comp_id_1   GLN 
_pdbx_validate_close_contact.auth_seq_id_1    7 
_pdbx_validate_close_contact.PDB_ins_code_1   ? 
_pdbx_validate_close_contact.label_alt_id_1   ? 
_pdbx_validate_close_contact.auth_atom_id_2   O 
_pdbx_validate_close_contact.auth_asym_id_2   A 
_pdbx_validate_close_contact.auth_comp_id_2   HOH 
_pdbx_validate_close_contact.auth_seq_id_2    780 
_pdbx_validate_close_contact.PDB_ins_code_2   ? 
_pdbx_validate_close_contact.label_alt_id_2   ? 
_pdbx_validate_close_contact.dist             2.14 
# 
_pdbx_validate_symm_contact.id                1 
_pdbx_validate_symm_contact.PDB_model_num     1 
_pdbx_validate_symm_contact.auth_atom_id_1    NH2 
_pdbx_validate_symm_contact.auth_asym_id_1    A 
_pdbx_validate_symm_contact.auth_comp_id_1    ARG 
_pdbx_validate_symm_contact.auth_seq_id_1     9 
_pdbx_validate_symm_contact.PDB_ins_code_1    ? 
_pdbx_validate_symm_contact.label_alt_id_1    ? 
_pdbx_validate_symm_contact.site_symmetry_1   1_555 
_pdbx_validate_symm_contact.auth_atom_id_2    NH2 
_pdbx_validate_symm_contact.auth_asym_id_2    A 
_pdbx_validate_symm_contact.auth_comp_id_2    ARG 
_pdbx_validate_symm_contact.auth_seq_id_2     9 
_pdbx_validate_symm_contact.PDB_ins_code_2    ? 
_pdbx_validate_symm_contact.label_alt_id_2    ? 
_pdbx_validate_symm_contact.site_symmetry_2   2_655 
_pdbx_validate_symm_contact.dist              2.11 
# 
_pdbx_validate_rmsd_angle.id                         1 
_pdbx_validate_rmsd_angle.PDB_model_num              1 
_pdbx_validate_rmsd_angle.auth_atom_id_1             NE 
_pdbx_validate_rmsd_angle.auth_asym_id_1             A 
_pdbx_validate_rmsd_angle.auth_comp_id_1             ARG 
_pdbx_validate_rmsd_angle.auth_seq_id_1              65 
_pdbx_validate_rmsd_angle.PDB_ins_code_1             ? 
_pdbx_validate_rmsd_angle.label_alt_id_1             A 
_pdbx_validate_rmsd_angle.auth_atom_id_2             CZ 
_pdbx_validate_rmsd_angle.auth_asym_id_2             A 
_pdbx_validate_rmsd_angle.auth_comp_id_2             ARG 
_pdbx_validate_rmsd_angle.auth_seq_id_2              65 
_pdbx_validate_rmsd_angle.PDB_ins_code_2             ? 
_pdbx_validate_rmsd_angle.label_alt_id_2             A 
_pdbx_validate_rmsd_angle.auth_atom_id_3             NH1 
_pdbx_validate_rmsd_angle.auth_asym_id_3             A 
_pdbx_validate_rmsd_angle.auth_comp_id_3             ARG 
_pdbx_validate_rmsd_angle.auth_seq_id_3              65 
_pdbx_validate_rmsd_angle.PDB_ins_code_3             ? 
_pdbx_validate_rmsd_angle.label_alt_id_3             A 
_pdbx_validate_rmsd_angle.angle_value                124.00 
_pdbx_validate_rmsd_angle.angle_target_value         120.30 
_pdbx_validate_rmsd_angle.angle_deviation            3.70 
_pdbx_validate_rmsd_angle.angle_standard_deviation   0.50 
_pdbx_validate_rmsd_angle.linker_flag                N 
# 
_pdbx_validate_torsion.id              1 
_pdbx_validate_torsion.PDB_model_num   1 
_pdbx_validate_torsion.auth_comp_id    LEU 
_pdbx_validate_torsion.auth_asym_id    A 
_pdbx_validate_torsion.auth_seq_id     42 
_pdbx_validate_torsion.PDB_ins_code    ? 
_pdbx_validate_torsion.label_alt_id    ? 
_pdbx_validate_torsion.phi             -90.41 
_pdbx_validate_torsion.psi             56.20 
# 
loop_
_pdbx_struct_special_symmetry.id 
_pdbx_struct_special_symmetry.PDB_model_num 
_pdbx_struct_special_symmetry.auth_asym_id 
_pdbx_struct_special_symmetry.auth_comp_id 
_pdbx_struct_special_symmetry.auth_seq_id 
_pdbx_struct_special_symmetry.PDB_ins_code 
_pdbx_struct_special_symmetry.label_asym_id 
_pdbx_struct_special_symmetry.label_comp_id 
_pdbx_struct_special_symmetry.label_seq_id 
1 1 A TRS 602 ? C TRS . 
2 1 A TRS 602 ? C TRS . 
3 1 A HOH 709 ? E HOH . 
# 
loop_
_pdbx_unobs_or_zero_occ_residues.id 
_pdbx_unobs_or_zero_occ_residues.PDB_model_num 
_pdbx_unobs_or_zero_occ_residues.polymer_flag 
_pdbx_unobs_or_zero_occ_residues.occupancy_flag 
_pdbx_unobs_or_zero_occ_residues.auth_asym_id 
_pdbx_unobs_or_zero_occ_residues.auth_comp_id 
_pdbx_unobs_or_zero_occ_residues.auth_seq_id 
_pdbx_unobs_or_zero_occ_residues.PDB_ins_code 
_pdbx_unobs_or_zero_occ_residues.label_asym_id 
_pdbx_unobs_or_zero_occ_residues.label_comp_id 
_pdbx_unobs_or_zero_occ_residues.label_seq_id 
1  1 Y 1 A ASP 2  ? A ASP 1  
2  1 Y 1 A GLY 3  ? A GLY 2  
3  1 Y 1 A GLU 4  ? A GLU 3  
4  1 Y 1 A ASP 5  ? A ASP 4  
5  1 Y 1 A ALA 6  ? A ALA 5  
6  1 Y 1 A ASP 78 ? A ASP 77 
7  1 Y 1 A SER 79 ? A SER 78 
8  1 Y 1 A ALA 80 ? A ALA 79 
9  1 Y 1 A TRP 81 ? A TRP 80 
10 1 Y 1 A SER 82 ? A SER 81 
11 1 Y 1 A HIS 83 ? A HIS 82 
12 1 Y 1 A PRO 84 ? A PRO 83 
13 1 Y 1 A GLN 85 ? A GLN 84 
14 1 Y 1 A PHE 86 ? A PHE 85 
15 1 Y 1 A GLU 87 ? A GLU 86 
16 1 Y 1 A LYS 88 ? A LYS 87 
# 
loop_
_chem_comp_atom.comp_id 
_chem_comp_atom.atom_id 
_chem_comp_atom.type_symbol 
_chem_comp_atom.pdbx_aromatic_flag 
_chem_comp_atom.pdbx_stereo_config 
_chem_comp_atom.pdbx_ordinal 
ALA N    N N N 1   
ALA CA   C N S 2   
ALA C    C N N 3   
ALA O    O N N 4   
ALA CB   C N N 5   
ALA OXT  O N N 6   
ALA H    H N N 7   
ALA H2   H N N 8   
ALA HA   H N N 9   
ALA HB1  H N N 10  
ALA HB2  H N N 11  
ALA HB3  H N N 12  
ALA HXT  H N N 13  
ARG N    N N N 14  
ARG CA   C N S 15  
ARG C    C N N 16  
ARG O    O N N 17  
ARG CB   C N N 18  
ARG CG   C N N 19  
ARG CD   C N N 20  
ARG NE   N N N 21  
ARG CZ   C N N 22  
ARG NH1  N N N 23  
ARG NH2  N N N 24  
ARG OXT  O N N 25  
ARG H    H N N 26  
ARG H2   H N N 27  
ARG HA   H N N 28  
ARG HB2  H N N 29  
ARG HB3  H N N 30  
ARG HG2  H N N 31  
ARG HG3  H N N 32  
ARG HD2  H N N 33  
ARG HD3  H N N 34  
ARG HE   H N N 35  
ARG HH11 H N N 36  
ARG HH12 H N N 37  
ARG HH21 H N N 38  
ARG HH22 H N N 39  
ARG HXT  H N N 40  
ASN N    N N N 41  
ASN CA   C N S 42  
ASN C    C N N 43  
ASN O    O N N 44  
ASN CB   C N N 45  
ASN CG   C N N 46  
ASN OD1  O N N 47  
ASN ND2  N N N 48  
ASN OXT  O N N 49  
ASN H    H N N 50  
ASN H2   H N N 51  
ASN HA   H N N 52  
ASN HB2  H N N 53  
ASN HB3  H N N 54  
ASN HD21 H N N 55  
ASN HD22 H N N 56  
ASN HXT  H N N 57  
ASP N    N N N 58  
ASP CA   C N S 59  
ASP C    C N N 60  
ASP O    O N N 61  
ASP CB   C N N 62  
ASP CG   C N N 63  
ASP OD1  O N N 64  
ASP OD2  O N N 65  
ASP OXT  O N N 66  
ASP H    H N N 67  
ASP H2   H N N 68  
ASP HA   H N N 69  
ASP HB2  H N N 70  
ASP HB3  H N N 71  
ASP HD2  H N N 72  
ASP HXT  H N N 73  
GLN N    N N N 74  
GLN CA   C N S 75  
GLN C    C N N 76  
GLN O    O N N 77  
GLN CB   C N N 78  
GLN CG   C N N 79  
GLN CD   C N N 80  
GLN OE1  O N N 81  
GLN NE2  N N N 82  
GLN OXT  O N N 83  
GLN H    H N N 84  
GLN H2   H N N 85  
GLN HA   H N N 86  
GLN HB2  H N N 87  
GLN HB3  H N N 88  
GLN HG2  H N N 89  
GLN HG3  H N N 90  
GLN HE21 H N N 91  
GLN HE22 H N N 92  
GLN HXT  H N N 93  
GLU N    N N N 94  
GLU CA   C N S 95  
GLU C    C N N 96  
GLU O    O N N 97  
GLU CB   C N N 98  
GLU CG   C N N 99  
GLU CD   C N N 100 
GLU OE1  O N N 101 
GLU OE2  O N N 102 
GLU OXT  O N N 103 
GLU H    H N N 104 
GLU H2   H N N 105 
GLU HA   H N N 106 
GLU HB2  H N N 107 
GLU HB3  H N N 108 
GLU HG2  H N N 109 
GLU HG3  H N N 110 
GLU HE2  H N N 111 
GLU HXT  H N N 112 
GLY N    N N N 113 
GLY CA   C N N 114 
GLY C    C N N 115 
GLY O    O N N 116 
GLY OXT  O N N 117 
GLY H    H N N 118 
GLY H2   H N N 119 
GLY HA2  H N N 120 
GLY HA3  H N N 121 
GLY HXT  H N N 122 
HIS N    N N N 123 
HIS CA   C N S 124 
HIS C    C N N 125 
HIS O    O N N 126 
HIS CB   C N N 127 
HIS CG   C Y N 128 
HIS ND1  N Y N 129 
HIS CD2  C Y N 130 
HIS CE1  C Y N 131 
HIS NE2  N Y N 132 
HIS OXT  O N N 133 
HIS H    H N N 134 
HIS H2   H N N 135 
HIS HA   H N N 136 
HIS HB2  H N N 137 
HIS HB3  H N N 138 
HIS HD1  H N N 139 
HIS HD2  H N N 140 
HIS HE1  H N N 141 
HIS HE2  H N N 142 
HIS HXT  H N N 143 
HOH O    O N N 144 
HOH H1   H N N 145 
HOH H2   H N N 146 
ILE N    N N N 147 
ILE CA   C N S 148 
ILE C    C N N 149 
ILE O    O N N 150 
ILE CB   C N S 151 
ILE CG1  C N N 152 
ILE CG2  C N N 153 
ILE CD1  C N N 154 
ILE OXT  O N N 155 
ILE H    H N N 156 
ILE H2   H N N 157 
ILE HA   H N N 158 
ILE HB   H N N 159 
ILE HG12 H N N 160 
ILE HG13 H N N 161 
ILE HG21 H N N 162 
ILE HG22 H N N 163 
ILE HG23 H N N 164 
ILE HD11 H N N 165 
ILE HD12 H N N 166 
ILE HD13 H N N 167 
ILE HXT  H N N 168 
LEU N    N N N 169 
LEU CA   C N S 170 
LEU C    C N N 171 
LEU O    O N N 172 
LEU CB   C N N 173 
LEU CG   C N N 174 
LEU CD1  C N N 175 
LEU CD2  C N N 176 
LEU OXT  O N N 177 
LEU H    H N N 178 
LEU H2   H N N 179 
LEU HA   H N N 180 
LEU HB2  H N N 181 
LEU HB3  H N N 182 
LEU HG   H N N 183 
LEU HD11 H N N 184 
LEU HD12 H N N 185 
LEU HD13 H N N 186 
LEU HD21 H N N 187 
LEU HD22 H N N 188 
LEU HD23 H N N 189 
LEU HXT  H N N 190 
LYS N    N N N 191 
LYS CA   C N S 192 
LYS C    C N N 193 
LYS O    O N N 194 
LYS CB   C N N 195 
LYS CG   C N N 196 
LYS CD   C N N 197 
LYS CE   C N N 198 
LYS NZ   N N N 199 
LYS OXT  O N N 200 
LYS H    H N N 201 
LYS H2   H N N 202 
LYS HA   H N N 203 
LYS HB2  H N N 204 
LYS HB3  H N N 205 
LYS HG2  H N N 206 
LYS HG3  H N N 207 
LYS HD2  H N N 208 
LYS HD3  H N N 209 
LYS HE2  H N N 210 
LYS HE3  H N N 211 
LYS HZ1  H N N 212 
LYS HZ2  H N N 213 
LYS HZ3  H N N 214 
LYS HXT  H N N 215 
MET N    N N N 216 
MET CA   C N S 217 
MET C    C N N 218 
MET O    O N N 219 
MET CB   C N N 220 
MET CG   C N N 221 
MET SD   S N N 222 
MET CE   C N N 223 
MET OXT  O N N 224 
MET H    H N N 225 
MET H2   H N N 226 
MET HA   H N N 227 
MET HB2  H N N 228 
MET HB3  H N N 229 
MET HG2  H N N 230 
MET HG3  H N N 231 
MET HE1  H N N 232 
MET HE2  H N N 233 
MET HE3  H N N 234 
MET HXT  H N N 235 
PHE N    N N N 236 
PHE CA   C N S 237 
PHE C    C N N 238 
PHE O    O N N 239 
PHE CB   C N N 240 
PHE CG   C Y N 241 
PHE CD1  C Y N 242 
PHE CD2  C Y N 243 
PHE CE1  C Y N 244 
PHE CE2  C Y N 245 
PHE CZ   C Y N 246 
PHE OXT  O N N 247 
PHE H    H N N 248 
PHE H2   H N N 249 
PHE HA   H N N 250 
PHE HB2  H N N 251 
PHE HB3  H N N 252 
PHE HD1  H N N 253 
PHE HD2  H N N 254 
PHE HE1  H N N 255 
PHE HE2  H N N 256 
PHE HZ   H N N 257 
PHE HXT  H N N 258 
PRO N    N N N 259 
PRO CA   C N S 260 
PRO C    C N N 261 
PRO O    O N N 262 
PRO CB   C N N 263 
PRO CG   C N N 264 
PRO CD   C N N 265 
PRO OXT  O N N 266 
PRO H    H N N 267 
PRO HA   H N N 268 
PRO HB2  H N N 269 
PRO HB3  H N N 270 
PRO HG2  H N N 271 
PRO HG3  H N N 272 
PRO HD2  H N N 273 
PRO HD3  H N N 274 
PRO HXT  H N N 275 
SER N    N N N 276 
SER CA   C N S 277 
SER C    C N N 278 
SER O    O N N 279 
SER CB   C N N 280 
SER OG   O N N 281 
SER OXT  O N N 282 
SER H    H N N 283 
SER H2   H N N 284 
SER HA   H N N 285 
SER HB2  H N N 286 
SER HB3  H N N 287 
SER HG   H N N 288 
SER HXT  H N N 289 
SO4 S    S N N 290 
SO4 O1   O N N 291 
SO4 O2   O N N 292 
SO4 O3   O N N 293 
SO4 O4   O N N 294 
THR N    N N N 295 
THR CA   C N S 296 
THR C    C N N 297 
THR O    O N N 298 
THR CB   C N R 299 
THR OG1  O N N 300 
THR CG2  C N N 301 
THR OXT  O N N 302 
THR H    H N N 303 
THR H2   H N N 304 
THR HA   H N N 305 
THR HB   H N N 306 
THR HG1  H N N 307 
THR HG21 H N N 308 
THR HG22 H N N 309 
THR HG23 H N N 310 
THR HXT  H N N 311 
TRP N    N N N 312 
TRP CA   C N S 313 
TRP C    C N N 314 
TRP O    O N N 315 
TRP CB   C N N 316 
TRP CG   C Y N 317 
TRP CD1  C Y N 318 
TRP CD2  C Y N 319 
TRP NE1  N Y N 320 
TRP CE2  C Y N 321 
TRP CE3  C Y N 322 
TRP CZ2  C Y N 323 
TRP CZ3  C Y N 324 
TRP CH2  C Y N 325 
TRP OXT  O N N 326 
TRP H    H N N 327 
TRP H2   H N N 328 
TRP HA   H N N 329 
TRP HB2  H N N 330 
TRP HB3  H N N 331 
TRP HD1  H N N 332 
TRP HE1  H N N 333 
TRP HE3  H N N 334 
TRP HZ2  H N N 335 
TRP HZ3  H N N 336 
TRP HH2  H N N 337 
TRP HXT  H N N 338 
TRS C    C N N 339 
TRS C1   C N N 340 
TRS C2   C N N 341 
TRS C3   C N N 342 
TRS N    N N N 343 
TRS O1   O N N 344 
TRS O2   O N N 345 
TRS O3   O N N 346 
TRS H11  H N N 347 
TRS H12  H N N 348 
TRS H21  H N N 349 
TRS H22  H N N 350 
TRS H31  H N N 351 
TRS H32  H N N 352 
TRS HN1  H N N 353 
TRS HN2  H N N 354 
TRS HN3  H N N 355 
TRS HO1  H N N 356 
TRS HO2  H N N 357 
TRS HO3  H N N 358 
TYR N    N N N 359 
TYR CA   C N S 360 
TYR C    C N N 361 
TYR O    O N N 362 
TYR CB   C N N 363 
TYR CG   C Y N 364 
TYR CD1  C Y N 365 
TYR CD2  C Y N 366 
TYR CE1  C Y N 367 
TYR CE2  C Y N 368 
TYR CZ   C Y N 369 
TYR OH   O N N 370 
TYR OXT  O N N 371 
TYR H    H N N 372 
TYR H2   H N N 373 
TYR HA   H N N 374 
TYR HB2  H N N 375 
TYR HB3  H N N 376 
TYR HD1  H N N 377 
TYR HD2  H N N 378 
TYR HE1  H N N 379 
TYR HE2  H N N 380 
TYR HH   H N N 381 
TYR HXT  H N N 382 
VAL N    N N N 383 
VAL CA   C N S 384 
VAL C    C N N 385 
VAL O    O N N 386 
VAL CB   C N N 387 
VAL CG1  C N N 388 
VAL CG2  C N N 389 
VAL OXT  O N N 390 
VAL H    H N N 391 
VAL H2   H N N 392 
VAL HA   H N N 393 
VAL HB   H N N 394 
VAL HG11 H N N 395 
VAL HG12 H N N 396 
VAL HG13 H N N 397 
VAL HG21 H N N 398 
VAL HG22 H N N 399 
VAL HG23 H N N 400 
VAL HXT  H N N 401 
# 
loop_
_chem_comp_bond.comp_id 
_chem_comp_bond.atom_id_1 
_chem_comp_bond.atom_id_2 
_chem_comp_bond.value_order 
_chem_comp_bond.pdbx_aromatic_flag 
_chem_comp_bond.pdbx_stereo_config 
_chem_comp_bond.pdbx_ordinal 
ALA N   CA   sing N N 1   
ALA N   H    sing N N 2   
ALA N   H2   sing N N 3   
ALA CA  C    sing N N 4   
ALA CA  CB   sing N N 5   
ALA CA  HA   sing N N 6   
ALA C   O    doub N N 7   
ALA C   OXT  sing N N 8   
ALA CB  HB1  sing N N 9   
ALA CB  HB2  sing N N 10  
ALA CB  HB3  sing N N 11  
ALA OXT HXT  sing N N 12  
ARG N   CA   sing N N 13  
ARG N   H    sing N N 14  
ARG N   H2   sing N N 15  
ARG CA  C    sing N N 16  
ARG CA  CB   sing N N 17  
ARG CA  HA   sing N N 18  
ARG C   O    doub N N 19  
ARG C   OXT  sing N N 20  
ARG CB  CG   sing N N 21  
ARG CB  HB2  sing N N 22  
ARG CB  HB3  sing N N 23  
ARG CG  CD   sing N N 24  
ARG CG  HG2  sing N N 25  
ARG CG  HG3  sing N N 26  
ARG CD  NE   sing N N 27  
ARG CD  HD2  sing N N 28  
ARG CD  HD3  sing N N 29  
ARG NE  CZ   sing N N 30  
ARG NE  HE   sing N N 31  
ARG CZ  NH1  sing N N 32  
ARG CZ  NH2  doub N N 33  
ARG NH1 HH11 sing N N 34  
ARG NH1 HH12 sing N N 35  
ARG NH2 HH21 sing N N 36  
ARG NH2 HH22 sing N N 37  
ARG OXT HXT  sing N N 38  
ASN N   CA   sing N N 39  
ASN N   H    sing N N 40  
ASN N   H2   sing N N 41  
ASN CA  C    sing N N 42  
ASN CA  CB   sing N N 43  
ASN CA  HA   sing N N 44  
ASN C   O    doub N N 45  
ASN C   OXT  sing N N 46  
ASN CB  CG   sing N N 47  
ASN CB  HB2  sing N N 48  
ASN CB  HB3  sing N N 49  
ASN CG  OD1  doub N N 50  
ASN CG  ND2  sing N N 51  
ASN ND2 HD21 sing N N 52  
ASN ND2 HD22 sing N N 53  
ASN OXT HXT  sing N N 54  
ASP N   CA   sing N N 55  
ASP N   H    sing N N 56  
ASP N   H2   sing N N 57  
ASP CA  C    sing N N 58  
ASP CA  CB   sing N N 59  
ASP CA  HA   sing N N 60  
ASP C   O    doub N N 61  
ASP C   OXT  sing N N 62  
ASP CB  CG   sing N N 63  
ASP CB  HB2  sing N N 64  
ASP CB  HB3  sing N N 65  
ASP CG  OD1  doub N N 66  
ASP CG  OD2  sing N N 67  
ASP OD2 HD2  sing N N 68  
ASP OXT HXT  sing N N 69  
GLN N   CA   sing N N 70  
GLN N   H    sing N N 71  
GLN N   H2   sing N N 72  
GLN CA  C    sing N N 73  
GLN CA  CB   sing N N 74  
GLN CA  HA   sing N N 75  
GLN C   O    doub N N 76  
GLN C   OXT  sing N N 77  
GLN CB  CG   sing N N 78  
GLN CB  HB2  sing N N 79  
GLN CB  HB3  sing N N 80  
GLN CG  CD   sing N N 81  
GLN CG  HG2  sing N N 82  
GLN CG  HG3  sing N N 83  
GLN CD  OE1  doub N N 84  
GLN CD  NE2  sing N N 85  
GLN NE2 HE21 sing N N 86  
GLN NE2 HE22 sing N N 87  
GLN OXT HXT  sing N N 88  
GLU N   CA   sing N N 89  
GLU N   H    sing N N 90  
GLU N   H2   sing N N 91  
GLU CA  C    sing N N 92  
GLU CA  CB   sing N N 93  
GLU CA  HA   sing N N 94  
GLU C   O    doub N N 95  
GLU C   OXT  sing N N 96  
GLU CB  CG   sing N N 97  
GLU CB  HB2  sing N N 98  
GLU CB  HB3  sing N N 99  
GLU CG  CD   sing N N 100 
GLU CG  HG2  sing N N 101 
GLU CG  HG3  sing N N 102 
GLU CD  OE1  doub N N 103 
GLU CD  OE2  sing N N 104 
GLU OE2 HE2  sing N N 105 
GLU OXT HXT  sing N N 106 
GLY N   CA   sing N N 107 
GLY N   H    sing N N 108 
GLY N   H2   sing N N 109 
GLY CA  C    sing N N 110 
GLY CA  HA2  sing N N 111 
GLY CA  HA3  sing N N 112 
GLY C   O    doub N N 113 
GLY C   OXT  sing N N 114 
GLY OXT HXT  sing N N 115 
HIS N   CA   sing N N 116 
HIS N   H    sing N N 117 
HIS N   H2   sing N N 118 
HIS CA  C    sing N N 119 
HIS CA  CB   sing N N 120 
HIS CA  HA   sing N N 121 
HIS C   O    doub N N 122 
HIS C   OXT  sing N N 123 
HIS CB  CG   sing N N 124 
HIS CB  HB2  sing N N 125 
HIS CB  HB3  sing N N 126 
HIS CG  ND1  sing Y N 127 
HIS CG  CD2  doub Y N 128 
HIS ND1 CE1  doub Y N 129 
HIS ND1 HD1  sing N N 130 
HIS CD2 NE2  sing Y N 131 
HIS CD2 HD2  sing N N 132 
HIS CE1 NE2  sing Y N 133 
HIS CE1 HE1  sing N N 134 
HIS NE2 HE2  sing N N 135 
HIS OXT HXT  sing N N 136 
HOH O   H1   sing N N 137 
HOH O   H2   sing N N 138 
ILE N   CA   sing N N 139 
ILE N   H    sing N N 140 
ILE N   H2   sing N N 141 
ILE CA  C    sing N N 142 
ILE CA  CB   sing N N 143 
ILE CA  HA   sing N N 144 
ILE C   O    doub N N 145 
ILE C   OXT  sing N N 146 
ILE CB  CG1  sing N N 147 
ILE CB  CG2  sing N N 148 
ILE CB  HB   sing N N 149 
ILE CG1 CD1  sing N N 150 
ILE CG1 HG12 sing N N 151 
ILE CG1 HG13 sing N N 152 
ILE CG2 HG21 sing N N 153 
ILE CG2 HG22 sing N N 154 
ILE CG2 HG23 sing N N 155 
ILE CD1 HD11 sing N N 156 
ILE CD1 HD12 sing N N 157 
ILE CD1 HD13 sing N N 158 
ILE OXT HXT  sing N N 159 
LEU N   CA   sing N N 160 
LEU N   H    sing N N 161 
LEU N   H2   sing N N 162 
LEU CA  C    sing N N 163 
LEU CA  CB   sing N N 164 
LEU CA  HA   sing N N 165 
LEU C   O    doub N N 166 
LEU C   OXT  sing N N 167 
LEU CB  CG   sing N N 168 
LEU CB  HB2  sing N N 169 
LEU CB  HB3  sing N N 170 
LEU CG  CD1  sing N N 171 
LEU CG  CD2  sing N N 172 
LEU CG  HG   sing N N 173 
LEU CD1 HD11 sing N N 174 
LEU CD1 HD12 sing N N 175 
LEU CD1 HD13 sing N N 176 
LEU CD2 HD21 sing N N 177 
LEU CD2 HD22 sing N N 178 
LEU CD2 HD23 sing N N 179 
LEU OXT HXT  sing N N 180 
LYS N   CA   sing N N 181 
LYS N   H    sing N N 182 
LYS N   H2   sing N N 183 
LYS CA  C    sing N N 184 
LYS CA  CB   sing N N 185 
LYS CA  HA   sing N N 186 
LYS C   O    doub N N 187 
LYS C   OXT  sing N N 188 
LYS CB  CG   sing N N 189 
LYS CB  HB2  sing N N 190 
LYS CB  HB3  sing N N 191 
LYS CG  CD   sing N N 192 
LYS CG  HG2  sing N N 193 
LYS CG  HG3  sing N N 194 
LYS CD  CE   sing N N 195 
LYS CD  HD2  sing N N 196 
LYS CD  HD3  sing N N 197 
LYS CE  NZ   sing N N 198 
LYS CE  HE2  sing N N 199 
LYS CE  HE3  sing N N 200 
LYS NZ  HZ1  sing N N 201 
LYS NZ  HZ2  sing N N 202 
LYS NZ  HZ3  sing N N 203 
LYS OXT HXT  sing N N 204 
MET N   CA   sing N N 205 
MET N   H    sing N N 206 
MET N   H2   sing N N 207 
MET CA  C    sing N N 208 
MET CA  CB   sing N N 209 
MET CA  HA   sing N N 210 
MET C   O    doub N N 211 
MET C   OXT  sing N N 212 
MET CB  CG   sing N N 213 
MET CB  HB2  sing N N 214 
MET CB  HB3  sing N N 215 
MET CG  SD   sing N N 216 
MET CG  HG2  sing N N 217 
MET CG  HG3  sing N N 218 
MET SD  CE   sing N N 219 
MET CE  HE1  sing N N 220 
MET CE  HE2  sing N N 221 
MET CE  HE3  sing N N 222 
MET OXT HXT  sing N N 223 
PHE N   CA   sing N N 224 
PHE N   H    sing N N 225 
PHE N   H2   sing N N 226 
PHE CA  C    sing N N 227 
PHE CA  CB   sing N N 228 
PHE CA  HA   sing N N 229 
PHE C   O    doub N N 230 
PHE C   OXT  sing N N 231 
PHE CB  CG   sing N N 232 
PHE CB  HB2  sing N N 233 
PHE CB  HB3  sing N N 234 
PHE CG  CD1  doub Y N 235 
PHE CG  CD2  sing Y N 236 
PHE CD1 CE1  sing Y N 237 
PHE CD1 HD1  sing N N 238 
PHE CD2 CE2  doub Y N 239 
PHE CD2 HD2  sing N N 240 
PHE CE1 CZ   doub Y N 241 
PHE CE1 HE1  sing N N 242 
PHE CE2 CZ   sing Y N 243 
PHE CE2 HE2  sing N N 244 
PHE CZ  HZ   sing N N 245 
PHE OXT HXT  sing N N 246 
PRO N   CA   sing N N 247 
PRO N   CD   sing N N 248 
PRO N   H    sing N N 249 
PRO CA  C    sing N N 250 
PRO CA  CB   sing N N 251 
PRO CA  HA   sing N N 252 
PRO C   O    doub N N 253 
PRO C   OXT  sing N N 254 
PRO CB  CG   sing N N 255 
PRO CB  HB2  sing N N 256 
PRO CB  HB3  sing N N 257 
PRO CG  CD   sing N N 258 
PRO CG  HG2  sing N N 259 
PRO CG  HG3  sing N N 260 
PRO CD  HD2  sing N N 261 
PRO CD  HD3  sing N N 262 
PRO OXT HXT  sing N N 263 
SER N   CA   sing N N 264 
SER N   H    sing N N 265 
SER N   H2   sing N N 266 
SER CA  C    sing N N 267 
SER CA  CB   sing N N 268 
SER CA  HA   sing N N 269 
SER C   O    doub N N 270 
SER C   OXT  sing N N 271 
SER CB  OG   sing N N 272 
SER CB  HB2  sing N N 273 
SER CB  HB3  sing N N 274 
SER OG  HG   sing N N 275 
SER OXT HXT  sing N N 276 
SO4 S   O1   doub N N 277 
SO4 S   O2   doub N N 278 
SO4 S   O3   sing N N 279 
SO4 S   O4   sing N N 280 
THR N   CA   sing N N 281 
THR N   H    sing N N 282 
THR N   H2   sing N N 283 
THR CA  C    sing N N 284 
THR CA  CB   sing N N 285 
THR CA  HA   sing N N 286 
THR C   O    doub N N 287 
THR C   OXT  sing N N 288 
THR CB  OG1  sing N N 289 
THR CB  CG2  sing N N 290 
THR CB  HB   sing N N 291 
THR OG1 HG1  sing N N 292 
THR CG2 HG21 sing N N 293 
THR CG2 HG22 sing N N 294 
THR CG2 HG23 sing N N 295 
THR OXT HXT  sing N N 296 
TRP N   CA   sing N N 297 
TRP N   H    sing N N 298 
TRP N   H2   sing N N 299 
TRP CA  C    sing N N 300 
TRP CA  CB   sing N N 301 
TRP CA  HA   sing N N 302 
TRP C   O    doub N N 303 
TRP C   OXT  sing N N 304 
TRP CB  CG   sing N N 305 
TRP CB  HB2  sing N N 306 
TRP CB  HB3  sing N N 307 
TRP CG  CD1  doub Y N 308 
TRP CG  CD2  sing Y N 309 
TRP CD1 NE1  sing Y N 310 
TRP CD1 HD1  sing N N 311 
TRP CD2 CE2  doub Y N 312 
TRP CD2 CE3  sing Y N 313 
TRP NE1 CE2  sing Y N 314 
TRP NE1 HE1  sing N N 315 
TRP CE2 CZ2  sing Y N 316 
TRP CE3 CZ3  doub Y N 317 
TRP CE3 HE3  sing N N 318 
TRP CZ2 CH2  doub Y N 319 
TRP CZ2 HZ2  sing N N 320 
TRP CZ3 CH2  sing Y N 321 
TRP CZ3 HZ3  sing N N 322 
TRP CH2 HH2  sing N N 323 
TRP OXT HXT  sing N N 324 
TRS C   C1   sing N N 325 
TRS C   C2   sing N N 326 
TRS C   C3   sing N N 327 
TRS C   N    sing N N 328 
TRS C1  O1   sing N N 329 
TRS C1  H11  sing N N 330 
TRS C1  H12  sing N N 331 
TRS C2  O2   sing N N 332 
TRS C2  H21  sing N N 333 
TRS C2  H22  sing N N 334 
TRS C3  O3   sing N N 335 
TRS C3  H31  sing N N 336 
TRS C3  H32  sing N N 337 
TRS N   HN1  sing N N 338 
TRS N   HN2  sing N N 339 
TRS N   HN3  sing N N 340 
TRS O1  HO1  sing N N 341 
TRS O2  HO2  sing N N 342 
TRS O3  HO3  sing N N 343 
TYR N   CA   sing N N 344 
TYR N   H    sing N N 345 
TYR N   H2   sing N N 346 
TYR CA  C    sing N N 347 
TYR CA  CB   sing N N 348 
TYR CA  HA   sing N N 349 
TYR C   O    doub N N 350 
TYR C   OXT  sing N N 351 
TYR CB  CG   sing N N 352 
TYR CB  HB2  sing N N 353 
TYR CB  HB3  sing N N 354 
TYR CG  CD1  doub Y N 355 
TYR CG  CD2  sing Y N 356 
TYR CD1 CE1  sing Y N 357 
TYR CD1 HD1  sing N N 358 
TYR CD2 CE2  doub Y N 359 
TYR CD2 HD2  sing N N 360 
TYR CE1 CZ   doub Y N 361 
TYR CE1 HE1  sing N N 362 
TYR CE2 CZ   sing Y N 363 
TYR CE2 HE2  sing N N 364 
TYR CZ  OH   sing N N 365 
TYR OH  HH   sing N N 366 
TYR OXT HXT  sing N N 367 
VAL N   CA   sing N N 368 
VAL N   H    sing N N 369 
VAL N   H2   sing N N 370 
VAL CA  C    sing N N 371 
VAL CA  CB   sing N N 372 
VAL CA  HA   sing N N 373 
VAL C   O    doub N N 374 
VAL C   OXT  sing N N 375 
VAL CB  CG1  sing N N 376 
VAL CB  CG2  sing N N 377 
VAL CB  HB   sing N N 378 
VAL CG1 HG11 sing N N 379 
VAL CG1 HG12 sing N N 380 
VAL CG1 HG13 sing N N 381 
VAL CG2 HG21 sing N N 382 
VAL CG2 HG22 sing N N 383 
VAL CG2 HG23 sing N N 384 
VAL OXT HXT  sing N N 385 
# 
_atom_sites.entry_id                    4NSM 
_atom_sites.fract_transf_matrix[1][1]   -0.01320427 
_atom_sites.fract_transf_matrix[1][2]   0.01824130 
_atom_sites.fract_transf_matrix[1][3]   0.01300403 
_atom_sites.fract_transf_matrix[2][1]   -0.02133930 
_atom_sites.fract_transf_matrix[2][2]   0.01054968 
_atom_sites.fract_transf_matrix[2][3]   -0.01046644 
_atom_sites.fract_transf_matrix[3][1]   -0.00245966 
_atom_sites.fract_transf_matrix[3][2]   -0.00311627 
_atom_sites.fract_transf_matrix[3][3]   0.00187378 
_atom_sites.fract_transf_vector[1]      0.202921 
_atom_sites.fract_transf_vector[2]      0.176023 
_atom_sites.fract_transf_vector[3]      0.228100 
# 
loop_
_atom_type.symbol 
C 
N 
O 
S 
# 
loop_
_atom_site.group_PDB 
_atom_site.id 
_atom_site.type_symbol 
_atom_site.label_atom_id 
_atom_site.label_alt_id 
_atom_site.label_comp_id 
_atom_site.label_asym_id 
_atom_site.label_entity_id 
_atom_site.label_seq_id 
_atom_site.pdbx_PDB_ins_code 
_atom_site.Cartn_x 
_atom_site.Cartn_y 
_atom_site.Cartn_z 
_atom_site.occupancy 
_atom_site.B_iso_or_equiv 
_atom_site.pdbx_formal_charge 
_atom_site.auth_seq_id 
_atom_site.auth_comp_id 
_atom_site.auth_asym_id 
_atom_site.auth_atom_id 
_atom_site.pdbx_PDB_model_num 
ATOM   1   N N   . GLN A 1 6  ? -14.653 -13.419 21.090  1.00 47.12 ? 7   GLN A N   1 
ATOM   2   C CA  . GLN A 1 6  ? -15.897 -13.551 20.278  1.00 45.69 ? 7   GLN A CA  1 
ATOM   3   C C   . GLN A 1 6  ? -15.531 -13.375 18.836  1.00 46.38 ? 7   GLN A C   1 
ATOM   4   O O   . GLN A 1 6  ? -14.410 -12.942 18.573  1.00 43.67 ? 7   GLN A O   1 
ATOM   5   C CB  . GLN A 1 6  ? -16.876 -12.487 20.602  1.00 45.40 ? 7   GLN A CB  1 
ATOM   6   C CG  . GLN A 1 6  ? -16.648 -11.765 22.009  1.00 43.77 ? 7   GLN A CG  1 
ATOM   7   C CD  . GLN A 1 6  ? -17.916 -10.910 22.410  1.00 41.78 ? 7   GLN A CD  1 
ATOM   8   O OE1 . GLN A 1 6  ? -17.867 -9.683  22.531  1.00 45.84 ? 7   GLN A OE1 1 
ATOM   9   N NE2 . GLN A 1 6  ? -19.032 -11.589 22.564  1.00 26.26 ? 7   GLN A NE2 1 
ATOM   10  N N   . LYS A 1 7  ? -16.454 -13.696 17.936  1.00 46.36 ? 8   LYS A N   1 
ATOM   11  C CA  . LYS A 1 7  ? -16.332 -13.331 16.536  1.00 44.91 ? 8   LYS A CA  1 
ATOM   12  C C   . LYS A 1 7  ? -16.608 -11.836 16.427  1.00 44.13 ? 8   LYS A C   1 
ATOM   13  O O   . LYS A 1 7  ? -16.170 -11.179 15.483  1.00 40.63 ? 8   LYS A O   1 
ATOM   14  C CB  . LYS A 1 7  ? -17.325 -14.120 15.683  1.00 44.19 ? 8   LYS A CB  1 
ATOM   15  N N   . ARG A 1 8  ? -17.331 -11.304 17.412  1.00 43.52 ? 9   ARG A N   1 
ATOM   16  C CA  . ARG A 1 8  ? -17.569 -9.870  17.514  1.00 41.30 ? 9   ARG A CA  1 
ATOM   17  C C   . ARG A 1 8  ? -16.241 -9.154  17.332  1.00 39.61 ? 9   ARG A C   1 
ATOM   18  O O   . ARG A 1 8  ? -16.136 -8.200  16.562  1.00 38.36 ? 9   ARG A O   1 
ATOM   19  C CB  . ARG A 1 8  ? -18.182 -9.519  18.869  1.00 42.56 ? 9   ARG A CB  1 
ATOM   20  C CG  . ARG A 1 8  ? -19.674 -9.788  18.964  1.00 41.14 ? 9   ARG A CG  1 
ATOM   21  C CD  . ARG A 1 8  ? -20.478 -8.509  18.798  1.00 34.45 ? 9   ARG A CD  1 
ATOM   22  N NE  . ARG A 1 8  ? -20.776 -7.878  20.080  1.00 19.76 ? 9   ARG A NE  1 
ATOM   23  C CZ  . ARG A 1 8  ? -21.528 -8.432  21.027  1.00 26.54 ? 9   ARG A CZ  1 
ATOM   24  N NH1 . ARG A 1 8  ? -22.061 -9.631  20.837  1.00 27.72 ? 9   ARG A NH1 1 
ATOM   25  N NH2 . ARG A 1 8  ? -21.745 -7.786  22.164  1.00 29.39 ? 9   ARG A NH2 1 
ATOM   26  N N   . ALA A 1 9  ? -15.221 -9.635  18.037  1.00 35.61 ? 10  ALA A N   1 
ATOM   27  C CA  . ALA A 1 9  ? -13.926 -9.223  17.781  1.00 35.39 ? 10  ALA A CA  1 
ATOM   28  C C   . ALA A 1 9  ? -13.415 -9.980  16.487  1.00 35.79 ? 10  ALA A C   1 
ATOM   29  O O   . ALA A 1 9  ? -13.058 -9.342  15.487  1.00 35.47 ? 10  ALA A O   1 
ATOM   30  C CB  . ALA A 1 9  ? -13.062 -9.422  19.038  1.00 34.92 ? 10  ALA A CB  1 
ATOM   31  N N   . GLN A 1 10 ? -13.500 -11.308 16.412  1.00 34.53 ? 11  GLN A N   1 
ATOM   32  C CA  . GLN A 1 10 ? -12.879 -12.019 15.285  1.00 35.11 ? 11  GLN A CA  1 
ATOM   33  C C   . GLN A 1 10 ? -13.393 -11.662 13.890  1.00 34.66 ? 11  GLN A C   1 
ATOM   34  O O   . GLN A 1 10 ? -12.647 -11.657 12.905  1.00 31.41 ? 11  GLN A O   1 
ATOM   35  C CB  . GLN A 1 10 ? -12.902 -13.521 15.522  1.00 35.83 ? 11  GLN A CB  1 
ATOM   36  C CG  . GLN A 1 10 ? -11.999 -13.911 16.634  1.00 40.12 ? 11  GLN A CG  1 
ATOM   37  C CD  . GLN A 1 10 ? -10.580 -13.458 16.363  1.00 44.51 ? 11  GLN A CD  1 
ATOM   38  O OE1 . GLN A 1 10 ? -10.062 -12.634 17.104  1.00 50.69 ? 11  GLN A OE1 1 
ATOM   39  N NE2 . GLN A 1 10 ? -9.965  -13.946 15.270  1.00 48.53 ? 11  GLN A NE2 1 
ATOM   40  N N   . ILE A 1 11 ? -14.652 -11.272 13.794  1.00 35.65 ? 12  ILE A N   1 
ATOM   41  C CA  . ILE A 1 11 ? -15.112 -10.602 12.545  1.00 37.15 ? 12  ILE A CA  1 
ATOM   42  C C   . ILE A 1 11 ? -14.635 -9.131  12.464  1.00 37.83 ? 12  ILE A C   1 
ATOM   43  O O   . ILE A 1 11 ? -14.195 -8.719  11.404  1.00 38.89 ? 12  ILE A O   1 
ATOM   44  C CB  . ILE A 1 11 ? -16.626 -10.894 12.154  1.00 38.83 ? 12  ILE A CB  1 
ATOM   45  C CG1 . ILE A 1 11 ? -17.511 -9.643  12.195  1.00 38.10 ? 12  ILE A CG1 1 
ATOM   46  C CG2 . ILE A 1 11 ? -17.136 -12.193 12.876  1.00 36.79 ? 12  ILE A CG2 1 
ATOM   47  C CD1 . ILE A 1 11 ? -19.106 -9.854  12.356  1.00 32.87 ? 12  ILE A CD1 1 
ATOM   48  N N   . GLN A 1 12 ? -14.585 -8.357  13.572  1.00 38.09 ? 13  GLN A N   1 
ATOM   49  C CA  . GLN A 1 12 ? -13.993 -7.010  13.496  1.00 37.46 ? 13  GLN A CA  1 
ATOM   50  C C   . GLN A 1 12 ? -12.550 -7.144  12.902  1.00 37.57 ? 13  GLN A C   1 
ATOM   51  O O   . GLN A 1 12 ? -12.161 -6.452  11.909  1.00 35.09 ? 13  GLN A O   1 
ATOM   52  C CB  . GLN A 1 12 ? -14.008 -6.270  14.869  1.00 37.40 ? 13  GLN A CB  1 
ATOM   53  C CG  . GLN A 1 12 ? -13.469 -4.832  14.733  1.00 36.96 ? 13  GLN A CG  1 
ATOM   54  C CD  . GLN A 1 12 ? -13.689 -3.862  15.853  1.00 35.70 ? 13  GLN A CD  1 
ATOM   55  O OE1 . GLN A 1 12 ? -14.501 -4.038  16.761  1.00 35.14 ? 13  GLN A OE1 1 
ATOM   56  N NE2 . GLN A 1 12 ? -12.989 -2.756  15.744  1.00 40.83 ? 13  GLN A NE2 1 
ATOM   57  N N   . LYS A 1 13 ? -11.759 -8.063  13.449  1.00 36.94 ? 14  LYS A N   1 
ATOM   58  C CA  . LYS A 1 13 ? -10.467 -8.272  12.930  1.00 36.17 ? 14  LYS A CA  1 
ATOM   59  C C   . LYS A 1 13 ? -10.513 -8.687  11.412  1.00 34.09 ? 14  LYS A C   1 
ATOM   60  O O   . LYS A 1 13 ? -9.832  -7.995  10.571  1.00 31.05 ? 14  LYS A O   1 
ATOM   61  C CB  . LYS A 1 13 ? -9.740  -9.203  13.884  1.00 38.05 ? 14  LYS A CB  1 
ATOM   62  C CG  . LYS A 1 13 ? -9.653  -8.604  15.344  1.00 40.98 ? 14  LYS A CG  1 
ATOM   63  C CD  . LYS A 1 13 ? -8.597  -9.342  16.117  1.00 48.32 ? 14  LYS A CD  1 
ATOM   64  C CE  . LYS A 1 13 ? -7.479  -8.446  16.643  1.00 51.30 ? 14  LYS A CE  1 
ATOM   65  N NZ  . LYS A 1 13 ? -6.836  -7.518  15.632  1.00 54.75 ? 14  LYS A NZ  1 
ATOM   66  N N   . ARG A 1 14 ? -11.299 -9.711  11.004  1.00 31.21 ? 15  ARG A N   1 
ATOM   67  C CA  . ARG A 1 14 ? -11.209 -10.198 9.597   1.00 31.34 ? 15  ARG A CA  1 
ATOM   68  C C   . ARG A 1 14 ? -11.662 -9.111  8.618   1.00 31.22 ? 15  ARG A C   1 
ATOM   69  O O   . ARG A 1 14 ? -11.116 -8.967  7.504   1.00 27.24 ? 15  ARG A O   1 
ATOM   70  C CB  . ARG A 1 14 ? -11.921 -11.524 9.303   1.00 32.40 ? 15  ARG A CB  1 
ATOM   71  C CG  . ARG A 1 14 ? -11.393 -12.197 8.004   1.00 37.37 ? 15  ARG A CG  1 
ATOM   72  C CD  . ARG A 1 14 ? -12.292 -13.284 7.465   1.00 44.27 ? 15  ARG A CD  1 
ATOM   73  N NE  . ARG A 1 14 ? -12.218 -13.445 6.007   1.00 49.40 ? 15  ARG A NE  1 
ATOM   74  C CZ  . ARG A 1 14 ? -11.296 -14.159 5.355   1.00 52.08 ? 15  ARG A CZ  1 
ATOM   75  N NH1 . ARG A 1 14 ? -10.319 -14.793 6.020   1.00 52.54 ? 15  ARG A NH1 1 
ATOM   76  N NH2 . ARG A 1 14 ? -11.360 -14.221 4.021   1.00 51.36 ? 15  ARG A NH2 1 
ATOM   77  N N   . GLU A 1 15 ? -12.651 -8.314  9.066   1.00 33.05 ? 16  GLU A N   1 
ATOM   78  C CA  . GLU A 1 15 ? -13.183 -7.172  8.260   1.00 34.72 ? 16  GLU A CA  1 
ATOM   79  C C   . GLU A 1 15 ? -12.265 -6.042  8.120   1.00 33.54 ? 16  GLU A C   1 
ATOM   80  O O   . GLU A 1 15 ? -12.131 -5.492  7.034   1.00 36.15 ? 16  GLU A O   1 
ATOM   81  C CB  . GLU A 1 15 ? -14.450 -6.615  8.943   1.00 35.23 ? 16  GLU A CB  1 
ATOM   82  C CG  . GLU A 1 15 ? -15.631 -7.564  8.885   1.00 38.58 ? 16  GLU A CG  1 
ATOM   83  C CD  . GLU A 1 15 ? -15.962 -7.950  7.471   1.00 41.22 ? 16  GLU A CD  1 
ATOM   84  O OE1 . GLU A 1 15 ? -16.021 -9.173  7.230   1.00 42.40 ? 16  GLU A OE1 1 
ATOM   85  O OE2 . GLU A 1 15 ? -16.153 -7.030  6.636   1.00 41.02 ? 16  GLU A OE2 1 
ATOM   86  N N   . GLU A 1 16 ? -11.653 -5.663  9.233   1.00 35.89 ? 17  GLU A N   1 
ATOM   87  C CA  . GLU A 1 16 ? -10.647 -4.637  9.263   1.00 35.49 ? 17  GLU A CA  1 
ATOM   88  C C   . GLU A 1 16 ? -9.676  -5.031  8.189   1.00 34.67 ? 17  GLU A C   1 
ATOM   89  O O   . GLU A 1 16 ? -9.542  -4.283  7.227   1.00 34.74 ? 17  GLU A O   1 
ATOM   90  C CB  . GLU A 1 16 ? -9.957  -4.515  10.626  1.00 37.08 ? 17  GLU A CB  1 
ATOM   91  C CG  . GLU A 1 16 ? -10.671 -3.456  11.485  1.00 38.86 ? 17  GLU A CG  1 
ATOM   92  C CD  . GLU A 1 16 ? -10.348 -3.399  12.982  1.00 39.98 ? 17  GLU A CD  1 
ATOM   93  O OE1 . GLU A 1 16 ? -9.431  -4.060  13.530  1.00 39.93 ? 17  GLU A OE1 1 
ATOM   94  O OE2 . GLU A 1 16 ? -11.084 -2.629  13.606  1.00 41.39 ? 17  GLU A OE2 1 
ATOM   95  N N   . LEU A 1 17 ? -9.121  -6.241  8.326   1.00 31.21 ? 18  LEU A N   1 
ATOM   96  C CA  . LEU A 1 17 ? -7.984  -6.735  7.562   1.00 28.24 ? 18  LEU A CA  1 
ATOM   97  C C   . LEU A 1 17 ? -8.308  -6.666  6.071   1.00 25.96 ? 18  LEU A C   1 
ATOM   98  O O   . LEU A 1 17 ? -7.524  -6.156  5.259   1.00 22.69 ? 18  LEU A O   1 
ATOM   99  C CB  . LEU A 1 17 ? -7.655  -8.215  7.934   1.00 27.64 ? 18  LEU A CB  1 
ATOM   100 C CG  . LEU A 1 17 ? -6.634  -8.951  7.024   1.00 30.59 ? 18  LEU A CG  1 
ATOM   101 C CD1 . LEU A 1 17 ? -5.306  -8.358  7.354   1.00 34.47 ? 18  LEU A CD1 1 
ATOM   102 C CD2 . LEU A 1 17 ? -6.656  -10.595 7.100   1.00 29.70 ? 18  LEU A CD2 1 
ATOM   103 N N   . LEU A 1 18 ? -9.379  -7.297  5.675   1.00 24.33 ? 19  LEU A N   1 
ATOM   104 C CA  . LEU A 1 18 ? -9.692  -7.345  4.251   1.00 27.46 ? 19  LEU A CA  1 
ATOM   105 C C   . LEU A 1 18 ? -9.880  -5.952  3.665   1.00 27.24 ? 19  LEU A C   1 
ATOM   106 O O   . LEU A 1 18 ? -9.383  -5.643  2.578   1.00 26.19 ? 19  LEU A O   1 
ATOM   107 C CB  . LEU A 1 18 ? -10.959 -8.204  4.029   1.00 29.02 ? 19  LEU A CB  1 
ATOM   108 C CG  . LEU A 1 18 ? -10.577 -9.693  4.006   1.00 33.90 ? 19  LEU A CG  1 
ATOM   109 C CD1 . LEU A 1 18 ? -11.793 -10.679 3.923   1.00 38.31 ? 19  LEU A CD1 1 
ATOM   110 C CD2 . LEU A 1 18 ? -9.578  -9.933  2.875   1.00 37.38 ? 19  LEU A CD2 1 
ATOM   111 N N   . SER A 1 19 ? -10.566 -5.095  4.395   1.00 28.09 ? 20  SER A N   1 
ATOM   112 C CA  . SER A 1 19 ? -10.774 -3.727  3.929   1.00 29.63 ? 20  SER A CA  1 
ATOM   113 C C   . SER A 1 19 ? -9.436  -2.991  3.744   1.00 28.64 ? 20  SER A C   1 
ATOM   114 O O   . SER A 1 19 ? -9.253  -2.274  2.733   1.00 27.83 ? 20  SER A O   1 
ATOM   115 C CB  . SER A 1 19 ? -11.752 -2.998  4.864   1.00 32.21 ? 20  SER A CB  1 
ATOM   116 O OG  . SER A 1 19 ? -11.227 -1.756  5.313   1.00 37.56 ? 20  SER A OG  1 
ATOM   117 N N   . ALA A 1 20 ? -8.519  -3.163  4.704   1.00 25.95 ? 21  ALA A N   1 
ATOM   118 C CA  . ALA A 1 20 ? -7.216  -2.555  4.710   1.00 25.92 ? 21  ALA A CA  1 
ATOM   119 C C   . ALA A 1 20 ? -6.394  -3.097  3.534   1.00 23.59 ? 21  ALA A C   1 
ATOM   120 O O   . ALA A 1 20 ? -5.777  -2.331  2.794   1.00 24.84 ? 21  ALA A O   1 
ATOM   121 C CB  . ALA A 1 20 ? -6.440  -2.781  6.063   1.00 25.97 ? 21  ALA A CB  1 
ATOM   122 N N   . LEU A 1 21 ? -6.421  -4.405  3.349   1.00 21.35 ? 22  LEU A N   1 
ATOM   123 C CA  . LEU A 1 21 ? -5.634  -4.958  2.279   1.00 21.12 ? 22  LEU A CA  1 
ATOM   124 C C   . LEU A 1 21 ? -6.175  -4.590  0.912   1.00 20.75 ? 22  LEU A C   1 
ATOM   125 O O   . LEU A 1 21 ? -5.398  -4.357  -0.011  1.00 18.52 ? 22  LEU A O   1 
ATOM   126 C CB  . LEU A 1 21 ? -5.490  -6.469  2.376   1.00 21.77 ? 22  LEU A CB  1 
ATOM   127 C CG  . LEU A 1 21 ? -4.756  -6.934  3.631   1.00 22.21 ? 22  LEU A CG  1 
ATOM   128 C CD1 . LEU A 1 21 ? -4.827  -8.503  3.588   1.00 23.07 ? 22  LEU A CD1 1 
ATOM   129 C CD2 . LEU A 1 21 ? -3.277  -6.400  3.799   1.00 21.48 ? 22  LEU A CD2 1 
ATOM   130 N N   . ILE A 1 22 ? -7.493  -4.584  0.761   1.00 21.26 ? 23  ILE A N   1 
ATOM   131 C CA  . ILE A 1 22 ? -8.111  -4.172  -0.506  1.00 23.07 ? 23  ILE A CA  1 
ATOM   132 C C   . ILE A 1 22 ? -7.785  -2.729  -0.843  1.00 23.44 ? 23  ILE A C   1 
ATOM   133 O O   . ILE A 1 22 ? -7.368  -2.445  -1.993  1.00 24.05 ? 23  ILE A O   1 
ATOM   134 C CB  . ILE A 1 22 ? -9.661  -4.359  -0.457  1.00 26.29 ? 23  ILE A CB  1 
ATOM   135 C CG1 . ILE A 1 22 ? -10.019 -5.830  -0.298  1.00 30.32 ? 23  ILE A CG1 1 
ATOM   136 C CG2 . ILE A 1 22 ? -10.329 -3.854  -1.770  1.00 29.05 ? 23  ILE A CG2 1 
ATOM   137 C CD1 . ILE A 1 22 ? -11.592 -6.090  0.136   1.00 32.60 ? 23  ILE A CD1 1 
ATOM   138 N N   . ASP A 1 23 ? -7.896  -1.859  0.147   1.00 23.87 ? 24  ASP A N   1 
ATOM   139 C CA  . ASP A 1 23 ? -7.591  -0.395  0.029   1.00 26.15 ? 24  ASP A CA  1 
ATOM   140 C C   . ASP A 1 23 ? -6.161  -0.197  -0.472  1.00 23.25 ? 24  ASP A C   1 
ATOM   141 O O   . ASP A 1 23 ? -5.909  0.520   -1.448  1.00 21.82 ? 24  ASP A O   1 
ATOM   142 C CB  . ASP A 1 23 ? -7.697  0.344   1.402   1.00 27.50 ? 24  ASP A CB  1 
ATOM   143 C CG  . ASP A 1 23 ? -7.284  1.851   1.309   1.00 31.66 ? 24  ASP A CG  1 
ATOM   144 O OD1 . ASP A 1 23 ? -8.088  2.629   0.742   1.00 35.99 ? 24  ASP A OD1 1 
ATOM   145 O OD2 . ASP A 1 23 ? -6.147  2.231   1.749   1.00 36.19 ? 24  ASP A OD2 1 
ATOM   146 N N   . GLY A 1 24 ? -5.247  -0.869  0.223   1.00 21.27 ? 25  GLY A N   1 
ATOM   147 C CA  . GLY A 1 24 ? -3.834  -0.812  -0.035  1.00 19.64 ? 25  GLY A CA  1 
ATOM   148 C C   . GLY A 1 24 ? -3.503  -1.292  -1.425  1.00 18.52 ? 25  GLY A C   1 
ATOM   149 O O   . GLY A 1 24 ? -2.800  -0.609  -2.160  1.00 18.65 ? 25  GLY A O   1 
ATOM   150 N N   . THR A 1 25 ? -4.006  -2.472  -1.746  1.00 18.02 ? 26  THR A N   1 
ATOM   151 C CA  . THR A 1 25 ? -3.718  -3.151  -3.025  1.00 19.62 ? 26  THR A CA  1 
ATOM   152 C C   . THR A 1 25 ? -4.186  -2.284  -4.160  1.00 19.08 ? 26  THR A C   1 
ATOM   153 O O   . THR A 1 25 ? -3.500  -2.086  -5.149  1.00 17.21 ? 26  THR A O   1 
ATOM   154 C CB  . THR A 1 25 ? -4.460  -4.554  -3.048  1.00 21.60 ? 26  THR A CB  1 
ATOM   155 O OG1 . THR A 1 25 ? -3.886  -5.391  -2.035  1.00 29.44 ? 26  THR A OG1 1 
ATOM   156 C CG2 . THR A 1 25 ? -4.446  -5.237  -4.314  1.00 25.59 ? 26  THR A CG2 1 
ATOM   157 N N   . SER A 1 26 ? -5.398  -1.770  -4.001  1.00 19.72 ? 27  SER A N   1 
ATOM   158 C CA  . SER A 1 26 ? -6.028  -0.997  -5.060  1.00 20.56 ? 27  SER A CA  1 
ATOM   159 C C   . SER A 1 26 ? -5.252  0.333   -5.261  1.00 20.50 ? 27  SER A C   1 
ATOM   160 O O   . SER A 1 26 ? -4.928  0.694   -6.389  1.00 18.60 ? 27  SER A O   1 
ATOM   161 C CB  . SER A 1 26 ? -7.511  -0.726  -4.705  1.00 23.23 ? 27  SER A CB  1 
ATOM   162 O OG  . SER A 1 26 ? -8.094  0.060   -5.736  1.00 30.54 ? 27  SER A OG  1 
ATOM   163 N N   . ARG A 1 27 ? -4.882  1.010   -4.184  1.00 19.77 ? 28  ARG A N   1 
ATOM   164 C CA  . ARG A 1 27 ? -4.169  2.278   -4.306  1.00 20.34 ? 28  ARG A CA  1 
ATOM   165 C C   . ARG A 1 27 ? -2.782  2.062   -4.920  1.00 19.40 ? 28  ARG A C   1 
ATOM   166 O O   . ARG A 1 27 ? -2.334  2.824   -5.772  1.00 17.82 ? 28  ARG A O   1 
ATOM   167 C CB  . ARG A 1 27 ? -3.982  2.887   -2.918  1.00 21.49 ? 28  ARG A CB  1 
ATOM   168 C CG  . ARG A 1 27 ? -5.284  3.445   -2.326  1.00 26.05 ? 28  ARG A CG  1 
ATOM   169 C CD  . ARG A 1 27 ? -5.036  3.820   -0.910  1.00 30.19 ? 28  ARG A CD  1 
ATOM   170 N NE  . ARG A 1 27 ? -4.035  4.869   -0.740  1.00 34.91 ? 28  ARG A NE  1 
ATOM   171 C CZ  . ARG A 1 27 ? -3.583  5.288   0.445   1.00 36.92 ? 28  ARG A CZ  1 
ATOM   172 N NH1 . ARG A 1 27 ? -3.997  4.717   1.594   1.00 39.58 ? 28  ARG A NH1 1 
ATOM   173 N NH2 . ARG A 1 27 ? -2.706  6.265   0.469   1.00 37.06 ? 28  ARG A NH2 1 
ATOM   174 N N   . LEU A 1 28 ? -2.143  0.968   -4.540  1.00 17.02 ? 29  LEU A N   1 
ATOM   175 C CA  . LEU A 1 28 ? -0.802  0.633   -5.103  1.00 16.08 ? 29  LEU A CA  1 
ATOM   176 C C   . LEU A 1 28 ? -0.853  0.331   -6.571  1.00 16.38 ? 29  LEU A C   1 
ATOM   177 O O   . LEU A 1 28 ? -0.059  0.857   -7.356  1.00 15.71 ? 29  LEU A O   1 
ATOM   178 C CB  . LEU A 1 28 ? -0.172  -0.546  -4.369  1.00 15.58 ? 29  LEU A CB  1 
ATOM   179 C CG  . LEU A 1 28 ? 0.372   -0.258  -2.951  1.00 15.34 ? 29  LEU A CG  1 
ATOM   180 C CD1 . LEU A 1 28 ? 0.556   -1.508  -2.059  1.00 15.55 ? 29  LEU A CD1 1 
ATOM   181 C CD2 . LEU A 1 28 ? 1.680   0.514   -3.081  1.00 17.67 ? 29  LEU A CD2 1 
ATOM   182 N N   . GLU A 1 29 ? -1.787  -0.516  -6.957  1.00 17.68 ? 30  GLU A N   1 
ATOM   183 C CA  . GLU A 1 29 ? -1.831  -0.934  -8.353  1.00 19.19 ? 30  GLU A CA  1 
ATOM   184 C C   . GLU A 1 29 ? -2.380  0.182   -9.274  1.00 19.35 ? 30  GLU A C   1 
ATOM   185 O O   . GLU A 1 29 ? -2.008  0.236   -10.474 1.00 18.68 ? 30  GLU A O   1 
ATOM   186 C CB  . GLU A 1 29 ? -2.521  -2.285  -8.503  1.00 22.47 ? 30  GLU A CB  1 
ATOM   187 C CG  . GLU A 1 29 ? -3.948  -2.224  -8.314  1.00 23.61 ? 30  GLU A CG  1 
ATOM   188 C CD  . GLU A 1 29 ? -4.605  -3.616  -8.160  1.00 27.99 ? 30  GLU A CD  1 
ATOM   189 O OE1 . GLU A 1 29 ? -3.940  -4.661  -8.059  1.00 30.37 ? 30  GLU A OE1 1 
ATOM   190 O OE2 . GLU A 1 29 ? -5.840  -3.623  -8.108  1.00 30.52 ? 30  GLU A OE2 1 
ATOM   191 N N   . ASN A 1 30 ? -3.205  1.089   -8.758  1.00 18.89 ? 31  ASN A N   1 
ATOM   192 C CA  . ASN A 1 30 ? -3.829  2.094   -9.616  1.00 21.70 ? 31  ASN A CA  1 
ATOM   193 C C   . ASN A 1 30 ? -2.883  3.248   -9.858  1.00 20.94 ? 31  ASN A C   1 
ATOM   194 O O   . ASN A 1 30 ? -3.082  4.006   -10.813 1.00 22.99 ? 31  ASN A O   1 
ATOM   195 C CB  . ASN A 1 30 ? -5.124  2.652   -9.040  1.00 22.40 ? 31  ASN A CB  1 
ATOM   196 C CG  . ASN A 1 30 ? -6.242  1.661   -8.994  1.00 24.82 ? 31  ASN A CG  1 
ATOM   197 O OD1 . ASN A 1 30 ? -6.275  0.715   -9.757  1.00 28.65 ? 31  ASN A OD1 1 
ATOM   198 N ND2 . ASN A 1 30 ? -7.215  1.895   -8.086  1.00 30.09 ? 31  ASN A ND2 1 
ATOM   199 N N   . LYS A 1 31 ? -1.874  3.412   -9.022  1.00 19.31 ? 32  LYS A N   1 
ATOM   200 C CA  . LYS A 1 31 ? -0.873  4.461   -9.205  1.00 19.23 ? 32  LYS A CA  1 
ATOM   201 C C   . LYS A 1 31 ? -0.078  4.186   -10.471 1.00 20.58 ? 32  LYS A C   1 
ATOM   202 O O   . LYS A 1 31 ? 0.399   3.105   -10.650 1.00 19.89 ? 32  LYS A O   1 
ATOM   203 C CB  . LYS A 1 31 ? 0.095   4.482   -8.034  1.00 19.24 ? 32  LYS A CB  1 
ATOM   204 C CG  . LYS A 1 31 ? 1.191   5.558   -8.142  1.00 20.63 ? 32  LYS A CG  1 
ATOM   205 C CD  . LYS A 1 31 ? 0.641   6.947   -7.818  1.00 24.85 ? 32  LYS A CD  1 
ATOM   206 C CE  . LYS A 1 31 ? 1.610   8.124   -8.134  1.00 31.81 ? 32  LYS A CE  1 
ATOM   207 N NZ  . LYS A 1 31 ? 0.909   9.490   -8.094  1.00 32.98 ? 32  LYS A NZ  1 
ATOM   208 N N   . GLN A 1 32 ? -0.009  5.150   -11.375 1.00 22.15 ? 33  GLN A N   1 
ATOM   209 C CA  . GLN A 1 32 ? 0.838   5.033   -12.564 1.00 23.94 ? 33  GLN A CA  1 
ATOM   210 C C   . GLN A 1 32 ? 2.335   5.204   -12.206 1.00 21.46 ? 33  GLN A C   1 
ATOM   211 O O   . GLN A 1 32 ? 2.745   6.174   -11.530 1.00 21.70 ? 33  GLN A O   1 
ATOM   212 C CB  . GLN A 1 32 ? 0.477   6.074   -13.622 1.00 25.79 ? 33  GLN A CB  1 
ATOM   213 C CG  . GLN A 1 32 ? 1.204   5.830   -14.986 1.00 30.28 ? 33  GLN A CG  1 
ATOM   214 C CD  . GLN A 1 32 ? 1.151   7.028   -15.925 1.00 42.48 ? 33  GLN A CD  1 
ATOM   215 O OE1 . GLN A 1 32 ? 1.657   8.140   -15.591 1.00 48.52 ? 33  GLN A OE1 1 
ATOM   216 N NE2 . GLN A 1 32 ? 0.559   6.817   -17.122 1.00 45.45 ? 33  GLN A NE2 1 
ATOM   217 N N   . PHE A 1 33 ? 3.131   4.281   -12.670 1.00 20.29 ? 34  PHE A N   1 
ATOM   218 C CA  . PHE A 1 33 ? 4.601   4.429   -12.532 1.00 18.74 ? 34  PHE A CA  1 
ATOM   219 C C   . PHE A 1 33 ? 5.098   5.581   -13.411 1.00 17.74 ? 34  PHE A C   1 
ATOM   220 O O   . PHE A 1 33 ? 4.824   5.600   -14.628 1.00 20.12 ? 34  PHE A O   1 
ATOM   221 C CB  . PHE A 1 33 ? 5.322   3.175   -12.969 1.00 18.65 ? 34  PHE A CB  1 
ATOM   222 C CG  . PHE A 1 33 ? 6.773   3.274   -12.787 1.00 15.60 ? 34  PHE A CG  1 
ATOM   223 C CD1 . PHE A 1 33 ? 7.357   2.942   -11.582 1.00 16.17 ? 34  PHE A CD1 1 
ATOM   224 C CD2 . PHE A 1 33 ? 7.562   3.801   -13.795 1.00 18.35 ? 34  PHE A CD2 1 
ATOM   225 C CE1 . PHE A 1 33 ? 8.683   3.119   -11.452 1.00 17.78 ? 34  PHE A CE1 1 
ATOM   226 C CE2 . PHE A 1 33 ? 8.894   3.956   -13.632 1.00 18.12 ? 34  PHE A CE2 1 
ATOM   227 C CZ  . PHE A 1 33 ? 9.440   3.662   -12.475 1.00 17.45 ? 34  PHE A CZ  1 
ATOM   228 N N   . PRO A 1 34 ? 5.808   6.561   -12.826 1.00 17.79 ? 35  PRO A N   1 
ATOM   229 C CA  . PRO A 1 34 ? 6.300   7.659   -13.658 1.00 18.35 ? 35  PRO A CA  1 
ATOM   230 C C   . PRO A 1 34 ? 7.558   7.298   -14.460 1.00 17.84 ? 35  PRO A C   1 
ATOM   231 O O   . PRO A 1 34 ? 8.552   7.061   -13.907 1.00 16.41 ? 35  PRO A O   1 
ATOM   232 C CB  . PRO A 1 34 ? 6.657   8.722   -12.629 1.00 18.90 ? 35  PRO A CB  1 
ATOM   233 C CG  . PRO A 1 34 ? 6.961   7.995   -11.404 1.00 18.38 ? 35  PRO A CG  1 
ATOM   234 C CD  . PRO A 1 34 ? 6.128   6.749   -11.408 1.00 17.20 ? 35  PRO A CD  1 
ATOM   235 N N   . TYR A 1 35 ? 7.462   7.249   -15.785 1.00 19.25 ? 36  TYR A N   1 
ATOM   236 C CA  . TYR A 1 35 ? 8.573   7.010   -16.678 1.00 20.07 ? 36  TYR A CA  1 
ATOM   237 C C   . TYR A 1 35 ? 8.845   8.366   -17.402 1.00 19.66 ? 36  TYR A C   1 
ATOM   238 O O   . TYR A 1 35 ? 7.877   9.107   -17.753 1.00 19.16 ? 36  TYR A O   1 
ATOM   239 C CB  . TYR A 1 35 ? 8.205   5.907   -17.738 1.00 19.64 ? 36  TYR A CB  1 
ATOM   240 C CG  . TYR A 1 35 ? 9.381   5.415   -18.535 1.00 20.51 ? 36  TYR A CG  1 
ATOM   241 C CD1 . TYR A 1 35 ? 10.172  4.377   -18.064 1.00 22.27 ? 36  TYR A CD1 1 
ATOM   242 C CD2 . TYR A 1 35 ? 9.705   5.981   -19.760 1.00 21.06 ? 36  TYR A CD2 1 
ATOM   243 C CE1 . TYR A 1 35 ? 11.312  4.017   -18.739 1.00 26.08 ? 36  TYR A CE1 1 
ATOM   244 C CE2 . TYR A 1 35 ? 10.793  5.605   -20.427 1.00 23.08 ? 36  TYR A CE2 1 
ATOM   245 C CZ  . TYR A 1 35 ? 11.580  4.618   -19.946 1.00 23.92 ? 36  TYR A CZ  1 
ATOM   246 O OH  . TYR A 1 35 ? 12.688  4.255   -20.637 1.00 31.15 ? 36  TYR A OH  1 
ATOM   247 N N   . PRO A 1 36 ? 10.129  8.680   -17.681 1.00 19.70 ? 37  PRO A N   1 
ATOM   248 C CA  . PRO A 1 36 ? 10.429  9.981   -18.309 1.00 21.67 ? 37  PRO A CA  1 
ATOM   249 C C   . PRO A 1 36 ? 9.749   10.131  -19.690 1.00 24.24 ? 37  PRO A C   1 
ATOM   250 O O   . PRO A 1 36 ? 9.552   9.131   -20.422 1.00 23.19 ? 37  PRO A O   1 
ATOM   251 C CB  . PRO A 1 36 ? 11.931  9.996   -18.476 1.00 22.66 ? 37  PRO A CB  1 
ATOM   252 C CG  . PRO A 1 36 ? 12.421  8.759   -17.880 1.00 23.87 ? 37  PRO A CG  1 
ATOM   253 C CD  . PRO A 1 36 ? 11.344  7.917   -17.364 1.00 20.35 ? 37  PRO A CD  1 
ATOM   254 N N   . GLY A 1 37 ? 9.363   11.371  -19.961 1.00 25.54 ? 38  GLY A N   1 
ATOM   255 C CA  . GLY A 1 37 ? 8.882   11.756  -21.269 1.00 26.56 ? 38  GLY A CA  1 
ATOM   256 C C   . GLY A 1 37 ? 9.920   12.552  -22.078 1.00 26.59 ? 38  GLY A C   1 
ATOM   257 O O   . GLY A 1 37 ? 11.105  12.396  -21.918 1.00 23.47 ? 38  GLY A O   1 
ATOM   258 N N   . SER A 1 38 ? 9.413   13.440  -22.949 1.00 27.63 ? 39  SER A N   1 
ATOM   259 C CA  . SER A 1 38 ? 10.276  14.192  -23.851 1.00 28.42 ? 39  SER A CA  1 
ATOM   260 C C   . SER A 1 38 ? 11.286  15.073  -23.148 1.00 27.47 ? 39  SER A C   1 
ATOM   261 O O   . SER A 1 38 ? 12.327  15.298  -23.710 1.00 27.43 ? 39  SER A O   1 
ATOM   262 C CB  . SER A 1 38 ? 9.452   15.037  -24.835 1.00 29.57 ? 39  SER A CB  1 
ATOM   263 O OG  . SER A 1 38 ? 8.870   16.122  -24.182 1.00 31.93 ? 39  SER A OG  1 
ATOM   264 N N   . THR A 1 39 ? 11.011  15.509  -21.900 1.00 27.36 ? 40  THR A N   1 
ATOM   265 C CA  . THR A 1 39 ? 11.941  16.342  -21.142 1.00 27.16 ? 40  THR A CA  1 
ATOM   266 C C   . THR A 1 39 ? 13.044  15.517  -20.432 1.00 25.37 ? 40  THR A C   1 
ATOM   267 O O   . THR A 1 39 ? 13.966  16.077  -19.846 1.00 25.49 ? 40  THR A O   1 
ATOM   268 C CB  . THR A 1 39 ? 11.151  17.160  -20.074 1.00 27.85 ? 40  THR A CB  1 
ATOM   269 O OG1 . THR A 1 39 ? 10.287  16.287  -19.329 1.00 27.72 ? 40  THR A OG1 1 
ATOM   270 C CG2 . THR A 1 39 ? 10.304  18.234  -20.762 1.00 28.94 ? 40  THR A CG2 1 
ATOM   271 N N   . GLY A 1 40 ? 12.940  14.184  -20.473 1.00 22.19 ? 41  GLY A N   1 
ATOM   272 C CA  . GLY A 1 40 ? 14.002  13.346  -19.964 1.00 22.29 ? 41  GLY A CA  1 
ATOM   273 C C   . GLY A 1 40 ? 14.114  13.351  -18.483 1.00 22.48 ? 41  GLY A C   1 
ATOM   274 O O   . GLY A 1 40 ? 13.114  13.507  -17.828 1.00 21.89 ? 41  GLY A O   1 
ATOM   275 N N   . LEU A 1 41 ? 15.340  13.205  -17.965 1.00 21.11 ? 42  LEU A N   1 
ATOM   276 C CA  . LEU A 1 41 ? 15.522  13.105  -16.504 1.00 22.53 ? 42  LEU A CA  1 
ATOM   277 C C   . LEU A 1 41 ? 15.737  14.467  -15.855 1.00 22.55 ? 42  LEU A C   1 
ATOM   278 O O   . LEU A 1 41 ? 16.732  14.704  -15.167 1.00 23.28 ? 42  LEU A O   1 
ATOM   279 C CB  . LEU A 1 41 ? 16.693  12.191  -16.197 1.00 22.56 ? 42  LEU A CB  1 
ATOM   280 C CG  . LEU A 1 41 ? 16.628  10.836  -16.893 1.00 23.25 ? 42  LEU A CG  1 
ATOM   281 C CD1 . LEU A 1 41 ? 17.992  10.203  -16.762 1.00 23.86 ? 42  LEU A CD1 1 
ATOM   282 C CD2 . LEU A 1 41 ? 15.512  9.991   -16.242 1.00 24.21 ? 42  LEU A CD2 1 
ATOM   283 N N   . ASP A 1 42 ? 14.801  15.356  -16.072 1.00 21.84 ? 43  ASP A N   1 
ATOM   284 C CA  . ASP A 1 42 ? 14.897  16.697  -15.520 1.00 22.03 ? 43  ASP A CA  1 
ATOM   285 C C   . ASP A 1 42 ? 14.503  16.683  -14.014 1.00 22.49 ? 43  ASP A C   1 
ATOM   286 O O   . ASP A 1 42 ? 14.121  15.652  -13.423 1.00 20.05 ? 43  ASP A O   1 
ATOM   287 C CB  . ASP A 1 42 ? 14.130  17.739  -16.400 1.00 22.43 ? 43  ASP A CB  1 
ATOM   288 C CG  . ASP A 1 42 ? 12.623  17.587  -16.379 1.00 21.80 ? 43  ASP A CG  1 
ATOM   289 O OD1 . ASP A 1 42 ? 12.060  16.654  -15.742 1.00 22.40 ? 43  ASP A OD1 1 
ATOM   290 O OD2 . ASP A 1 42 ? 11.971  18.418  -17.053 1.00 23.84 ? 43  ASP A OD2 1 
ATOM   291 N N   . ASP A 1 43 ? 14.630  17.829  -13.369 1.00 22.83 ? 44  ASP A N   1 
ATOM   292 C CA  . ASP A 1 43 ? 14.384  17.872  -11.931 1.00 24.54 ? 44  ASP A CA  1 
ATOM   293 C C   . ASP A 1 43 ? 12.907  17.514  -11.619 1.00 21.76 ? 44  ASP A C   1 
ATOM   294 O O   . ASP A 1 43 ? 12.635  16.862  -10.614 1.00 20.67 ? 44  ASP A O   1 
ATOM   295 C CB  . ASP A 1 43 ? 14.791  19.253  -11.300 1.00 26.89 ? 44  ASP A CB  1 
ATOM   296 C CG  . ASP A 1 43 ? 16.314  19.396  -11.139 1.00 31.66 ? 44  ASP A CG  1 
ATOM   297 O OD1 . ASP A 1 43 ? 17.116  18.397  -11.281 1.00 37.49 ? 44  ASP A OD1 1 
ATOM   298 O OD2 . ASP A 1 43 ? 16.734  20.558  -10.889 1.00 39.22 ? 44  ASP A OD2 1 
ATOM   299 N N   . THR A 1 44 ? 11.963  17.916  -12.475 1.00 19.16 ? 45  THR A N   1 
ATOM   300 C CA  . THR A 1 44 ? 10.528  17.632  -12.294 1.00 19.91 ? 45  THR A CA  1 
ATOM   301 C C   . THR A 1 44 ? 10.327  16.130  -12.359 1.00 17.84 ? 45  THR A C   1 
ATOM   302 O O   . THR A 1 44 ? 9.664   15.543  -11.506 1.00 18.32 ? 45  THR A O   1 
ATOM   303 C CB  . THR A 1 44 ? 9.649   18.388  -13.354 1.00 19.14 ? 45  THR A CB  1 
ATOM   304 O OG1 . THR A 1 44 ? 9.890   19.809  -13.179 1.00 22.81 ? 45  THR A OG1 1 
ATOM   305 C CG2 . THR A 1 44 ? 8.140   18.059  -13.155 1.00 23.23 ? 45  THR A CG2 1 
ATOM   306 N N   . TYR A 1 45 ? 10.928  15.519  -13.381 1.00 17.34 ? 46  TYR A N   1 
ATOM   307 C CA  . TYR A 1 45 ? 10.768  14.075  -13.527 1.00 17.76 ? 46  TYR A CA  1 
ATOM   308 C C   . TYR A 1 45 ? 11.333  13.354  -12.274 1.00 17.83 ? 46  TYR A C   1 
ATOM   309 O O   . TYR A 1 45 ? 10.674  12.473  -11.705 1.00 15.86 ? 46  TYR A O   1 
ATOM   310 C CB  . TYR A 1 45 ? 11.437  13.491  -14.801 1.00 16.46 ? 46  TYR A CB  1 
ATOM   311 C CG  . TYR A 1 45 ? 11.377  11.990  -14.686 1.00 16.12 ? 46  TYR A CG  1 
ATOM   312 C CD1 . TYR A 1 45 ? 10.183  11.342  -14.852 1.00 15.25 ? 46  TYR A CD1 1 
ATOM   313 C CD2 . TYR A 1 45 ? 12.458  11.273  -14.249 1.00 16.50 ? 46  TYR A CD2 1 
ATOM   314 C CE1 . TYR A 1 45 ? 10.063  9.936   -14.598 1.00 15.95 ? 46  TYR A CE1 1 
ATOM   315 C CE2 . TYR A 1 45 ? 12.384  9.942   -14.020 1.00 16.60 ? 46  TYR A CE2 1 
ATOM   316 C CZ  . TYR A 1 45 ? 11.175  9.250   -14.156 1.00 17.94 ? 46  TYR A CZ  1 
ATOM   317 O OH  . TYR A 1 45 ? 11.120  7.893   -13.865 1.00 15.60 ? 46  TYR A OH  1 
ATOM   318 N N   . MET A 1 46 ? 12.559  13.704  -11.898 1.00 18.83 ? 47  MET A N   1 
ATOM   319 C CA  . MET A 1 46 ? 13.214  12.971  -10.850 1.00 17.36 ? 47  MET A CA  1 
ATOM   320 C C   . MET A 1 46 ? 12.440  13.130  -9.556  1.00 18.72 ? 47  MET A C   1 
ATOM   321 O O   . MET A 1 46 ? 12.334  12.198  -8.788  1.00 17.06 ? 47  MET A O   1 
ATOM   322 C CB  . MET A 1 46 ? 14.634  13.459  -10.672 1.00 17.30 ? 47  MET A CB  1 
ATOM   323 C CG  . MET A 1 46 ? 15.542  13.106  -11.807 1.00 19.57 ? 47  MET A CG  1 
ATOM   324 S SD  . MET A 1 46 ? 15.730  11.293  -11.969 1.00 21.21 ? 47  MET A SD  1 
ATOM   325 C CE  . MET A 1 46 ? 16.236  10.790  -10.273 1.00 25.45 ? 47  MET A CE  1 
ATOM   326 N N   . ASN A 1 47 ? 11.903  14.316  -9.302  1.00 18.20 ? 48  ASN A N   1 
ATOM   327 C CA  . ASN A 1 47 ? 11.017  14.495  -8.097  1.00 20.58 ? 48  ASN A CA  1 
ATOM   328 C C   . ASN A 1 47 ? 9.806   13.606  -8.135  1.00 18.85 ? 48  ASN A C   1 
ATOM   329 O O   . ASN A 1 47 ? 9.384   13.075  -7.126  1.00 18.63 ? 48  ASN A O   1 
ATOM   330 C CB  . ASN A 1 47 ? 10.458  15.920  -7.909  1.00 21.93 ? 48  ASN A CB  1 
ATOM   331 C CG  . ASN A 1 47 ? 9.459   16.008  -6.727  1.00 24.90 ? 48  ASN A CG  1 
ATOM   332 O OD1 . ASN A 1 47 ? 9.878   16.009  -5.558  1.00 32.69 ? 48  ASN A OD1 1 
ATOM   333 N ND2 . ASN A 1 47 ? 8.142   16.042  -7.024  1.00 28.49 ? 48  ASN A ND2 1 
ATOM   334 N N   . SER A 1 48 ? 9.211   13.487  -9.305  1.00 17.53 ? 49  SER A N   1 
ATOM   335 C CA  . SER A 1 48 ? 8.017   12.643  -9.440  1.00 16.63 ? 49  SER A CA  1 
ATOM   336 C C   . SER A 1 48 ? 8.351   11.189  -9.169  1.00 15.06 ? 49  SER A C   1 
ATOM   337 O O   . SER A 1 48 ? 7.553   10.474  -8.547  1.00 16.81 ? 49  SER A O   1 
ATOM   338 C CB  . SER A 1 48 ? 7.369   12.774  -10.788 1.00 17.09 ? 49  SER A CB  1 
ATOM   339 O OG  . SER A 1 48 ? 8.081   12.120  -11.791 1.00 22.97 ? 49  SER A OG  1 
ATOM   340 N N   . LEU A 1 49 ? 9.505   10.745  -9.642  1.00 14.62 ? 50  LEU A N   1 
ATOM   341 C CA  . LEU A 1 49 ? 9.962   9.376   -9.344  1.00 14.56 ? 50  LEU A CA  1 
ATOM   342 C C   . LEU A 1 49 ? 10.185  9.153   -7.854  1.00 14.37 ? 50  LEU A C   1 
ATOM   343 O O   . LEU A 1 49 ? 9.753   8.143   -7.281  1.00 14.31 ? 50  LEU A O   1 
ATOM   344 C CB  . LEU A 1 49 ? 11.282  9.098   -10.105 1.00 14.78 ? 50  LEU A CB  1 
ATOM   345 C CG  . LEU A 1 49 ? 11.849  7.689   -9.904  1.00 15.10 ? 50  LEU A CG  1 
ATOM   346 C CD1 . LEU A 1 49 ? 10.868  6.583   -10.290 1.00 16.00 ? 50  LEU A CD1 1 
ATOM   347 C CD2 . LEU A 1 49 ? 13.166  7.582   -10.701 1.00 16.17 ? 50  LEU A CD2 1 
ATOM   348 N N   . ILE A 1 50 ? 10.930  10.080  -7.239  1.00 14.86 ? 51  ILE A N   1 
ATOM   349 C CA  . ILE A 1 50 ? 11.234  9.994   -5.818  1.00 15.90 ? 51  ILE A CA  1 
ATOM   350 C C   . ILE A 1 50 ? 9.968   10.047  -4.922  1.00 15.53 ? 51  ILE A C   1 
ATOM   351 O O   . ILE A 1 50 ? 9.834   9.244   -3.984  1.00 15.52 ? 51  ILE A O   1 
ATOM   352 C CB  . ILE A 1 50 ? 12.261  11.119  -5.420  1.00 15.92 ? 51  ILE A CB  1 
ATOM   353 C CG1 . ILE A 1 50 ? 13.622  10.869  -6.137  1.00 16.46 ? 51  ILE A CG1 1 
ATOM   354 C CG2 . ILE A 1 50 ? 12.471  11.243  -3.865  1.00 16.57 ? 51  ILE A CG2 1 
ATOM   355 C CD1 . ILE A 1 50 ? 14.554  12.079  -6.208  1.00 16.99 ? 51  ILE A CD1 1 
ATOM   356 N N   . GLN A 1 51 ? 9.051   10.951  -5.233  1.00 15.66 ? 52  GLN A N   1 
ATOM   357 C CA  . GLN A 1 51 ? 7.780   11.049  -4.512  1.00 15.71 ? 52  GLN A CA  1 
ATOM   358 C C   . GLN A 1 51 ? 6.938   9.806   -4.688  1.00 15.73 ? 52  GLN A C   1 
ATOM   359 O O   . GLN A 1 51 ? 6.371   9.318   -3.741  1.00 14.42 ? 52  GLN A O   1 
ATOM   360 C CB  . GLN A 1 51 ? 7.031   12.294  -4.885  1.00 18.68 ? 52  GLN A CB  1 
ATOM   361 C CG  . GLN A 1 51 ? 7.776   13.517  -4.301  1.00 20.64 ? 52  GLN A CG  1 
ATOM   362 C CD  . GLN A 1 51 ? 6.918   14.705  -4.050  1.00 23.99 ? 52  GLN A CD  1 
ATOM   363 O OE1 . GLN A 1 51 ? 6.083   15.037  -4.970  1.00 24.61 ? 52  GLN A OE1 1 
ATOM   364 N NE2 . GLN A 1 51 ? 7.107   15.426  -2.787  1.00 17.72 ? 52  GLN A NE2 1 
ATOM   365 N N   . TYR A 1 52 ? 6.970   9.242   -5.879  1.00 14.58 ? 53  TYR A N   1 
ATOM   366 C CA  . TYR A 1 52 ? 6.287   7.942   -6.144  1.00 14.32 ? 53  TYR A CA  1 
ATOM   367 C C   . TYR A 1 52 ? 6.841   6.849   -5.226  1.00 13.87 ? 53  TYR A C   1 
ATOM   368 O O   . TYR A 1 52 ? 6.096   6.128   -4.551  1.00 14.91 ? 53  TYR A O   1 
ATOM   369 C CB  . TYR A 1 52 ? 6.413   7.556   -7.624  1.00 14.98 ? 53  TYR A CB  1 
ATOM   370 C CG  . TYR A 1 52 ? 6.288   6.054   -7.807  1.00 14.57 ? 53  TYR A CG  1 
ATOM   371 C CD1 . TYR A 1 52 ? 5.049   5.427   -7.853  1.00 13.89 ? 53  TYR A CD1 1 
ATOM   372 C CD2 . TYR A 1 52 ? 7.405   5.285   -8.003  1.00 14.94 ? 53  TYR A CD2 1 
ATOM   373 C CE1 . TYR A 1 52 ? 4.970   4.021   -8.029  1.00 15.70 ? 53  TYR A CE1 1 
ATOM   374 C CE2 . TYR A 1 52 ? 7.342   3.914   -8.135  1.00 14.66 ? 53  TYR A CE2 1 
ATOM   375 C CZ  . TYR A 1 52 ? 6.117   3.267   -8.162  1.00 15.37 ? 53  TYR A CZ  1 
ATOM   376 O OH  . TYR A 1 52 ? 6.037   1.903   -8.338  1.00 14.54 ? 53  TYR A OH  1 
ATOM   377 N N   . LEU A 1 53 ? 8.157   6.762   -5.166  1.00 14.24 ? 54  LEU A N   1 
ATOM   378 C CA  . LEU A 1 53 ? 8.794   5.709   -4.360  1.00 14.99 ? 54  LEU A CA  1 
ATOM   379 C C   . LEU A 1 53 ? 8.512   5.921   -2.858  1.00 15.19 ? 54  LEU A C   1 
ATOM   380 O O   . LEU A 1 53 ? 8.355   4.974   -2.090  1.00 14.04 ? 54  LEU A O   1 
ATOM   381 C CB  . LEU A 1 53 ? 10.317  5.689   -4.586  1.00 14.54 ? 54  LEU A CB  1 
ATOM   382 C CG  . LEU A 1 53 ? 10.740  5.226   -6.000  1.00 13.59 ? 54  LEU A CG  1 
ATOM   383 C CD1 . LEU A 1 53 ? 12.199  5.591   -6.292  1.00 14.15 ? 54  LEU A CD1 1 
ATOM   384 C CD2 . LEU A 1 53 ? 10.453  3.685   -6.184  1.00 14.32 ? 54  LEU A CD2 1 
ATOM   385 N N   . GLN A 1 54 ? 8.488   7.175   -2.439  1.00 14.28 ? 55  GLN A N   1 
ATOM   386 C CA  . GLN A 1 54 ? 8.358   7.519   -1.025  1.00 14.99 ? 55  GLN A CA  1 
ATOM   387 C C   . GLN A 1 54 ? 6.948   7.172   -0.570  1.00 15.56 ? 55  GLN A C   1 
ATOM   388 O O   . GLN A 1 54 ? 6.762   6.584   0.483   1.00 15.38 ? 55  GLN A O   1 
ATOM   389 C CB  . GLN A 1 54 ? 8.609   9.026   -0.816  1.00 14.72 ? 55  GLN A CB  1 
ATOM   390 C CG  . GLN A 1 54 ? 8.577   9.488   0.620   1.00 14.06 ? 55  GLN A CG  1 
ATOM   391 C CD  . GLN A 1 54 ? 8.776   11.015  0.633   1.00 15.66 ? 55  GLN A CD  1 
ATOM   392 O OE1 . GLN A 1 54 ? 9.717   11.527  1.278   1.00 20.16 ? 55  GLN A OE1 1 
ATOM   393 N NE2 . GLN A 1 54 ? 7.953   11.722  -0.201  1.00 14.81 ? 55  GLN A NE2 1 
ATOM   394 N N   . GLU A 1 55 ? 5.962   7.539   -1.373  1.00 15.23 ? 56  GLU A N   1 
ATOM   395 C CA  . GLU A 1 55 ? 4.555   7.207   -1.084  1.00 15.76 ? 56  GLU A CA  1 
ATOM   396 C C   . GLU A 1 55 ? 4.360   5.689   -1.131  1.00 15.60 ? 56  GLU A C   1 
ATOM   397 O O   . GLU A 1 55 ? 3.684   5.094   -0.297  1.00 15.09 ? 56  GLU A O   1 
ATOM   398 C CB  . GLU A 1 55 ? 3.614   7.884   -2.047  1.00 17.23 ? 56  GLU A CB  1 
ATOM   399 C CG  . GLU A 1 55 ? 2.158   7.572   -1.790  1.00 19.69 ? 56  GLU A CG  1 
ATOM   400 C CD  . GLU A 1 55 ? 1.233   8.041   -2.887  1.00 24.51 ? 56  GLU A CD  1 
ATOM   401 O OE1 . GLU A 1 55 ? 1.682   8.288   -4.029  1.00 24.50 ? 56  GLU A OE1 1 
ATOM   402 O OE2 . GLU A 1 55 ? 0.015   8.145   -2.581  1.00 31.09 ? 56  GLU A OE2 1 
ATOM   403 N N   . ARG A 1 56 ? 4.895   5.060   -2.164  1.00 15.32 ? 57  ARG A N   1 
ATOM   404 C CA  . ARG A 1 56 ? 4.707   3.619   -2.296  1.00 15.20 ? 57  ARG A CA  1 
ATOM   405 C C   . ARG A 1 56 ? 5.286   2.897   -1.070  1.00 15.70 ? 57  ARG A C   1 
ATOM   406 O O   . ARG A 1 56 ? 4.711   1.912   -0.588  1.00 14.77 ? 57  ARG A O   1 
ATOM   407 C CB  . ARG A 1 56 ? 5.306   3.107   -3.601  1.00 15.97 ? 57  ARG A CB  1 
ATOM   408 C CG  . ARG A 1 56 ? 5.169   1.594   -3.777  1.00 14.78 ? 57  ARG A CG  1 
ATOM   409 C CD  . ARG A 1 56 ? 5.337   1.203   -5.206  1.00 15.63 ? 57  ARG A CD  1 
ATOM   410 N NE  . ARG A 1 56 ? 5.303   -0.225  -5.437  1.00 15.74 ? 57  ARG A NE  1 
ATOM   411 C CZ  . ARG A 1 56 ? 4.318   -0.927  -6.004  1.00 14.89 ? 57  ARG A CZ  1 
ATOM   412 N NH1 . ARG A 1 56 ? 3.172   -0.400  -6.353  1.00 15.58 ? 57  ARG A NH1 1 
ATOM   413 N NH2 . ARG A 1 56 ? 4.496   -2.233  -6.137  1.00 16.39 ? 57  ARG A NH2 1 
ATOM   414 N N   . LYS A 1 57 ? 6.432   3.347   -0.579  1.00 16.15 ? 58  LYS A N   1 
ATOM   415 C CA  . LYS A 1 57 ? 6.986   2.772   0.648   1.00 17.07 ? 58  LYS A CA  1 
ATOM   416 C C   . LYS A 1 57 ? 5.994   2.765   1.760   1.00 16.56 ? 58  LYS A C   1 
ATOM   417 O O   . LYS A 1 57 ? 5.812   1.743   2.426   1.00 14.99 ? 58  LYS A O   1 
ATOM   418 C CB  . LYS A 1 57 ? 8.246   3.531   1.077   1.00 16.47 ? 58  LYS A CB  1 
ATOM   419 C CG  . LYS A 1 57 ? 8.842   2.970   2.425   1.00 14.98 ? 58  LYS A CG  1 
ATOM   420 C CD  . LYS A 1 57 ? 9.929   3.859   2.966   1.00 15.40 ? 58  LYS A CD  1 
ATOM   421 C CE  . LYS A 1 57 ? 10.756  3.197   4.013   1.00 16.58 ? 58  LYS A CE  1 
ATOM   422 N NZ  . LYS A 1 57 ? 10.030  2.821   5.279   1.00 17.77 ? 58  LYS A NZ  1 
ATOM   423 N N   . GLN A 1 58 ? 5.371   3.930   1.988   1.00 15.67 ? 59  GLN A N   1 
ATOM   424 C CA  . GLN A 1 58 ? 4.453   4.068   3.130   1.00 16.88 ? 59  GLN A CA  1 
ATOM   425 C C   . GLN A 1 58 ? 3.284   3.063   2.998   1.00 16.50 ? 59  GLN A C   1 
ATOM   426 O O   . GLN A 1 58 ? 2.859   2.416   3.964   1.00 15.65 ? 59  GLN A O   1 
ATOM   427 C CB  . GLN A 1 58 ? 3.870   5.473   3.177   1.00 17.62 ? 59  GLN A CB  1 
ATOM   428 C CG  . GLN A 1 58 ? 4.835   6.585   3.522   1.00 24.22 ? 59  GLN A CG  1 
ATOM   429 C CD  . GLN A 1 58 ? 5.335   6.513   4.994   1.00 30.02 ? 59  GLN A CD  1 
ATOM   430 O OE1 . GLN A 1 58 ? 6.522   6.181   5.208   1.00 31.53 ? 59  GLN A OE1 1 
ATOM   431 N NE2 . GLN A 1 58 ? 4.435   6.767   6.010   1.00 35.12 ? 59  GLN A NE2 1 
ATOM   432 N N   . ILE A 1 59 ? 2.738   2.981   1.793   1.00 15.16 ? 60  ILE A N   1 
ATOM   433 C CA  . ILE A 1 59 ? 1.520   2.163   1.605   1.00 15.72 ? 60  ILE A CA  1 
ATOM   434 C C   . ILE A 1 59 ? 1.936   0.667   1.670   1.00 14.59 ? 60  ILE A C   1 
ATOM   435 O O   . ILE A 1 59 ? 1.240   -0.165  2.235   1.00 15.77 ? 60  ILE A O   1 
ATOM   436 C CB  . ILE A 1 59 ? 0.763   2.475   0.265   1.00 15.04 ? 60  ILE A CB  1 
ATOM   437 C CG1 . ILE A 1 59 ? 0.328   3.942   0.197   1.00 15.03 ? 60  ILE A CG1 1 
ATOM   438 C CG2 . ILE A 1 59 ? -0.415  1.629   0.085   1.00 16.41 ? 60  ILE A CG2 1 
ATOM   439 C CD1 . ILE A 1 59 ? -0.033  4.388   -1.209  1.00 20.69 ? 60  ILE A CD1 1 
ATOM   440 N N   . GLU A 1 60 ? 3.067   0.328   1.079   1.00 14.40 ? 61  GLU A N   1 
ATOM   441 C CA  . GLU A 1 60 ? 3.572   -1.049  1.126   1.00 14.88 ? 61  GLU A CA  1 
ATOM   442 C C   . GLU A 1 60 ? 3.805   -1.463  2.599   1.00 16.46 ? 61  GLU A C   1 
ATOM   443 O O   . GLU A 1 60 ? 3.468   -2.567  3.024   1.00 14.99 ? 61  GLU A O   1 
ATOM   444 C CB  . GLU A 1 60 ? 4.901   -1.149  0.378   1.00 14.57 ? 61  GLU A CB  1 
ATOM   445 C CG  . GLU A 1 60 ? 4.823   -1.141  -1.133  1.00 14.91 ? 61  GLU A CG  1 
ATOM   446 C CD  . GLU A 1 60 ? 6.155   -1.205  -1.814  1.00 12.62 ? 61  GLU A CD  1 
ATOM   447 O OE1 . GLU A 1 60 ? 7.115   -0.643  -1.235  1.00 14.65 ? 61  GLU A OE1 1 
ATOM   448 O OE2 . GLU A 1 60 ? 6.214   -1.750  -2.957  1.00 14.07 ? 61  GLU A OE2 1 
ATOM   449 N N   . ASP A 1 61 ? 4.447   -0.579  3.333   1.00 14.59 ? 62  ASP A N   1 
ATOM   450 C CA  . ASP A 1 61 ? 4.780   -0.861  4.733   1.00 16.03 ? 62  ASP A CA  1 
ATOM   451 C C   . ASP A 1 61 ? 3.480   -1.072  5.540   1.00 17.37 ? 62  ASP A C   1 
ATOM   452 O O   . ASP A 1 61 ? 3.406   -2.026  6.318   1.00 17.11 ? 62  ASP A O   1 
ATOM   453 C CB  . ASP A 1 61 ? 5.620   0.283   5.400   1.00 16.35 ? 62  ASP A CB  1 
ATOM   454 C CG  . ASP A 1 61 ? 7.046   0.438   4.891   1.00 15.07 ? 62  ASP A CG  1 
ATOM   455 O OD1 . ASP A 1 61 ? 7.592   -0.511  4.221   1.00 16.25 ? 62  ASP A OD1 1 
ATOM   456 O OD2 . ASP A 1 61 ? 7.614   1.519   5.228   1.00 16.72 ? 62  ASP A OD2 1 
ATOM   457 N N   . LYS A 1 62 ? 2.479   -0.207  5.361   1.00 16.35 ? 63  LYS A N   1 
ATOM   458 C CA  . LYS A 1 62 ? 1.178   -0.426  6.079   1.00 18.20 ? 63  LYS A CA  1 
ATOM   459 C C   . LYS A 1 62 ? 0.523   -1.777  5.680   1.00 18.15 ? 63  LYS A C   1 
ATOM   460 O O   . LYS A 1 62 ? -0.034  -2.502  6.517   1.00 17.86 ? 63  LYS A O   1 
ATOM   461 C CB  . LYS A 1 62 ? 0.211   0.703   5.756   1.00 19.80 ? 63  LYS A CB  1 
ATOM   462 C CG  . LYS A 1 62 ? 0.552   1.966   6.423   1.00 29.84 ? 63  LYS A CG  1 
ATOM   463 C CD  . LYS A 1 62 ? -0.331  3.156   5.906   1.00 38.77 ? 63  LYS A CD  1 
ATOM   464 C CE  . LYS A 1 62 ? -1.808  2.944   6.212   1.00 43.36 ? 63  LYS A CE  1 
ATOM   465 N NZ  . LYS A 1 62 ? -2.604  4.239   6.171   1.00 47.00 ? 63  LYS A NZ  1 
ATOM   466 N N   . TRP A 1 63 ? 0.604   -2.100  4.367   1.00 16.46 ? 64  TRP A N   1 
ATOM   467 C CA  . TRP A 1 63 ? 0.015   -3.321  3.805   1.00 17.63 ? 64  TRP A CA  1 
ATOM   468 C C   . TRP A 1 63 ? 0.656   -4.534  4.455   1.00 16.59 ? 64  TRP A C   1 
ATOM   469 O O   . TRP A 1 63 ? -0.064  -5.402  4.942   1.00 17.22 ? 64  TRP A O   1 
ATOM   470 C CB  . TRP A 1 63 ? 0.185   -3.336  2.314   1.00 16.95 ? 64  TRP A CB  1 
ATOM   471 C CG  . TRP A 1 63 ? -0.577  -4.388  1.611   1.00 21.58 ? 64  TRP A CG  1 
ATOM   472 C CD1 . TRP A 1 63 ? -1.879  -4.292  1.161   1.00 25.19 ? 64  TRP A CD1 1 
ATOM   473 C CD2 . TRP A 1 63 ? -0.153  -5.697  1.312   1.00 24.76 ? 64  TRP A CD2 1 
ATOM   474 N NE1 . TRP A 1 63 ? -2.262  -5.469  0.586   1.00 27.33 ? 64  TRP A NE1 1 
ATOM   475 C CE2 . TRP A 1 63 ? -1.219  -6.350  0.654   1.00 25.17 ? 64  TRP A CE2 1 
ATOM   476 C CE3 . TRP A 1 63 ? 1.043   -6.376  1.487   1.00 26.43 ? 64  TRP A CE3 1 
ATOM   477 C CZ2 . TRP A 1 63 ? -1.120  -7.688  0.181   1.00 26.18 ? 64  TRP A CZ2 1 
ATOM   478 C CZ3 . TRP A 1 63 ? 1.141   -7.661  1.035   1.00 29.58 ? 64  TRP A CZ3 1 
ATOM   479 C CH2 . TRP A 1 63 ? 0.059   -8.308  0.378   1.00 26.48 ? 64  TRP A CH2 1 
ATOM   480 N N   A ARG A 1 64 ? 1.992   -4.579  4.509   0.50 16.18 ? 65  ARG A N   1 
ATOM   481 N N   B ARG A 1 64 ? 1.992   -4.569  4.523   0.50 15.94 ? 65  ARG A N   1 
ATOM   482 C CA  A ARG A 1 64 ? 2.664   -5.737  5.117   0.50 17.07 ? 65  ARG A CA  1 
ATOM   483 C CA  B ARG A 1 64 ? 2.692   -5.721  5.125   0.50 16.65 ? 65  ARG A CA  1 
ATOM   484 C C   A ARG A 1 64 ? 2.309   -5.808  6.599   0.50 16.82 ? 65  ARG A C   1 
ATOM   485 C C   B ARG A 1 64 ? 2.389   -5.807  6.619   0.50 16.69 ? 65  ARG A C   1 
ATOM   486 O O   A ARG A 1 64 ? 2.096   -6.903  7.116   0.50 17.05 ? 65  ARG A O   1 
ATOM   487 O O   B ARG A 1 64 ? 2.333   -6.901  7.179   0.50 16.80 ? 65  ARG A O   1 
ATOM   488 C CB  A ARG A 1 64 ? 4.172   -5.689  4.960   0.50 18.19 ? 65  ARG A CB  1 
ATOM   489 C CB  B ARG A 1 64 ? 4.196   -5.637  4.931   0.50 17.65 ? 65  ARG A CB  1 
ATOM   490 C CG  A ARG A 1 64 ? 4.718   -5.952  3.533   0.50 20.55 ? 65  ARG A CG  1 
ATOM   491 C CG  B ARG A 1 64 ? 4.659   -5.586  3.465   0.50 18.79 ? 65  ARG A CG  1 
ATOM   492 C CD  A ARG A 1 64 ? 6.259   -6.027  3.580   0.50 22.49 ? 65  ARG A CD  1 
ATOM   493 C CD  B ARG A 1 64 ? 6.193   -5.833  3.292   0.50 21.36 ? 65  ARG A CD  1 
ATOM   494 N NE  A ARG A 1 64 ? 6.712   -5.081  4.561   0.50 23.71 ? 65  ARG A NE  1 
ATOM   495 N NE  B ARG A 1 64 ? 6.526   -5.563  1.889   0.50 21.32 ? 65  ARG A NE  1 
ATOM   496 C CZ  A ARG A 1 64 ? 7.067   -3.821  4.323   0.50 21.52 ? 65  ARG A CZ  1 
ATOM   497 C CZ  B ARG A 1 64 ? 7.106   -4.425  1.463   0.50 21.13 ? 65  ARG A CZ  1 
ATOM   498 N NH1 A ARG A 1 64 ? 7.124   -3.285  3.117   0.50 20.85 ? 65  ARG A NH1 1 
ATOM   499 N NH1 B ARG A 1 64 ? 7.486   -3.541  2.338   0.50 21.86 ? 65  ARG A NH1 1 
ATOM   500 N NH2 A ARG A 1 64 ? 7.354   -3.105  5.314   0.50 16.20 ? 65  ARG A NH2 1 
ATOM   501 N NH2 B ARG A 1 64 ? 7.269   -4.161  0.168   0.50 19.42 ? 65  ARG A NH2 1 
ATOM   502 N N   . ALA A 1 65 ? 2.266   -4.661  7.263   1.00 17.11 ? 66  ALA A N   1 
ATOM   503 C CA  . ALA A 1 65 ? 1.979   -4.615  8.715   1.00 17.76 ? 66  ALA A CA  1 
ATOM   504 C C   . ALA A 1 65 ? 0.596   -5.147  9.001   1.00 19.64 ? 66  ALA A C   1 
ATOM   505 O O   . ALA A 1 65 ? 0.384   -5.907  9.983   1.00 20.37 ? 66  ALA A O   1 
ATOM   506 C CB  . ALA A 1 65 ? 2.191   -3.172  9.259   1.00 17.22 ? 66  ALA A CB  1 
ATOM   507 N N   . SER A 1 66 ? -0.332  -4.815  8.117   1.00 20.83 ? 67  SER A N   1 
ATOM   508 C CA  . SER A 1 66 ? -1.718  -5.253  8.234   1.00 22.07 ? 67  SER A CA  1 
ATOM   509 C C   . SER A 1 66 ? -1.817  -6.777  8.079   1.00 22.28 ? 67  SER A C   1 
ATOM   510 O O   . SER A 1 66 ? -2.530  -7.464  8.835   1.00 22.15 ? 67  SER A O   1 
ATOM   511 C CB  . SER A 1 66 ? -2.624  -4.515  7.222   1.00 23.14 ? 67  SER A CB  1 
ATOM   512 O OG  . SER A 1 66 ? -2.756  -3.130  7.578   1.00 25.95 ? 67  SER A OG  1 
ATOM   513 N N   . LEU A 1 67 ? -1.131  -7.285  7.059   1.00 21.27 ? 68  LEU A N   1 
ATOM   514 C CA  . LEU A 1 67 ? -1.074  -8.705  6.798   1.00 21.96 ? 68  LEU A CA  1 
ATOM   515 C C   . LEU A 1 67 ? -0.484  -9.458  7.999   1.00 23.02 ? 68  LEU A C   1 
ATOM   516 O O   . LEU A 1 67 ? -1.005  -10.486 8.398   1.00 23.94 ? 68  LEU A O   1 
ATOM   517 C CB  . LEU A 1 67 ? -0.264  -8.987  5.531   1.00 22.54 ? 68  LEU A CB  1 
ATOM   518 C CG  . LEU A 1 67 ? -0.244  -10.410 5.023   1.00 23.43 ? 68  LEU A CG  1 
ATOM   519 C CD1 . LEU A 1 67 ? -1.686  -10.892 4.670   1.00 26.79 ? 68  LEU A CD1 1 
ATOM   520 C CD2 . LEU A 1 67 ? 0.662   -10.501 3.781   1.00 25.67 ? 68  LEU A CD2 1 
ATOM   521 N N   . LEU A 1 68 ? 0.622   -8.954  8.533   1.00 23.07 ? 69  LEU A N   1 
ATOM   522 C CA  . LEU A 1 68 ? 1.300   -9.644  9.634   1.00 24.81 ? 69  LEU A CA  1 
ATOM   523 C C   . LEU A 1 68 ? 0.396   -9.651  10.840  1.00 25.26 ? 69  LEU A C   1 
ATOM   524 O O   . LEU A 1 68 ? 0.336   -10.644 11.544  1.00 24.95 ? 69  LEU A O   1 
ATOM   525 C CB  . LEU A 1 68 ? 2.637   -9.018  9.983   1.00 24.70 ? 69  LEU A CB  1 
ATOM   526 C CG  . LEU A 1 68 ? 3.372   -9.334  11.305  1.00 28.37 ? 69  LEU A CG  1 
ATOM   527 C CD1 . LEU A 1 68 ? 3.790   -10.813 11.315  1.00 29.16 ? 69  LEU A CD1 1 
ATOM   528 C CD2 . LEU A 1 68 ? 4.598   -8.400  11.462  1.00 28.92 ? 69  LEU A CD2 1 
ATOM   529 N N   . LYS A 1 69 ? -0.238  -8.536  11.117  1.00 26.06 ? 70  LYS A N   1 
ATOM   530 C CA  . LYS A 1 69 ? -1.149  -8.470  12.255  1.00 30.16 ? 70  LYS A CA  1 
ATOM   531 C C   . LYS A 1 69 ? -2.250  -9.508  12.075  1.00 29.61 ? 70  LYS A C   1 
ATOM   532 O O   . LYS A 1 69 ? -2.579  -10.236 13.033  1.00 28.55 ? 70  LYS A O   1 
ATOM   533 C CB  . LYS A 1 69 ? -1.711  -7.065  12.449  1.00 31.03 ? 70  LYS A CB  1 
ATOM   534 C CG  . LYS A 1 69 ? -2.763  -7.012  13.570  1.00 38.29 ? 70  LYS A CG  1 
ATOM   535 C CD  . LYS A 1 69 ? -2.816  -5.665  14.306  1.00 44.80 ? 70  LYS A CD  1 
ATOM   536 C CE  . LYS A 1 69 ? -3.673  -5.801  15.617  1.00 47.54 ? 70  LYS A CE  1 
ATOM   537 N NZ  . LYS A 1 69 ? -3.095  -6.658  16.738  1.00 48.49 ? 70  LYS A NZ  1 
ATOM   538 N N   . GLY A 1 70 ? -2.801  -9.605  10.870  1.00 29.67 ? 71  GLY A N   1 
ATOM   539 C CA  . GLY A 1 70 ? -3.821  -10.607 10.547  1.00 29.77 ? 71  GLY A CA  1 
ATOM   540 C C   . GLY A 1 70 ? -3.317  -12.020 10.826  1.00 29.53 ? 71  GLY A C   1 
ATOM   541 O O   . GLY A 1 70 ? -4.043  -12.869 11.354  1.00 26.21 ? 71  GLY A O   1 
ATOM   542 N N   . ILE A 1 71 ? -2.038  -12.272 10.503  1.00 28.80 ? 72  ILE A N   1 
ATOM   543 C CA  . ILE A 1 71 ? -1.440  -13.619 10.706  1.00 30.86 ? 72  ILE A CA  1 
ATOM   544 C C   . ILE A 1 71 ? -1.297  -13.858 12.229  1.00 33.37 ? 72  ILE A C   1 
ATOM   545 O O   . ILE A 1 71 ? -1.764  -14.912 12.765  1.00 33.86 ? 72  ILE A O   1 
ATOM   546 C CB  . ILE A 1 71 ? -0.090  -13.761 9.929   1.00 30.57 ? 72  ILE A CB  1 
ATOM   547 C CG1 . ILE A 1 71 ? -0.345  -13.762 8.424   1.00 31.40 ? 72  ILE A CG1 1 
ATOM   548 C CG2 . ILE A 1 71 ? 0.735   -15.081 10.373  1.00 31.25 ? 72  ILE A CG2 1 
ATOM   549 C CD1 . ILE A 1 71 ? 0.909   -13.485 7.606   1.00 33.49 ? 72  ILE A CD1 1 
ATOM   550 N N   . GLN A 1 72 ? -0.725  -12.867 12.928  1.00 35.73 ? 73  GLN A N   1 
ATOM   551 C CA  . GLN A 1 72 ? -0.565  -12.895 14.419  1.00 39.20 ? 73  GLN A CA  1 
ATOM   552 C C   . GLN A 1 72 ? -1.875  -13.095 15.201  1.00 40.73 ? 73  GLN A C   1 
ATOM   553 O O   . GLN A 1 72 ? -1.951  -13.854 16.195  1.00 41.95 ? 73  GLN A O   1 
ATOM   554 C CB  . GLN A 1 72 ? 0.101   -11.602 14.916  1.00 39.55 ? 73  GLN A CB  1 
ATOM   555 C CG  . GLN A 1 72 ? 1.578   -11.541 14.635  1.00 41.68 ? 73  GLN A CG  1 
ATOM   556 C CD  . GLN A 1 72 ? 2.280   -10.330 15.270  1.00 44.88 ? 73  GLN A CD  1 
ATOM   557 O OE1 . GLN A 1 72 ? 1.962   -9.177  14.968  1.00 46.40 ? 73  GLN A OE1 1 
ATOM   558 N NE2 . GLN A 1 72 ? 3.260   -10.602 16.133  1.00 48.06 ? 73  GLN A NE2 1 
ATOM   559 N N   . ASP A 1 73 ? -2.908  -12.423 14.760  1.00 42.15 ? 74  ASP A N   1 
ATOM   560 C CA  . ASP A 1 73 ? -4.188  -12.491 15.444  1.00 44.15 ? 74  ASP A CA  1 
ATOM   561 C C   . ASP A 1 73 ? -5.043  -13.650 14.949  1.00 44.87 ? 74  ASP A C   1 
ATOM   562 O O   . ASP A 1 73 ? -6.213  -13.743 15.313  1.00 45.59 ? 74  ASP A O   1 
ATOM   563 C CB  . ASP A 1 73 ? -4.933  -11.144 15.292  1.00 44.60 ? 74  ASP A CB  1 
ATOM   564 C CG  . ASP A 1 73 ? -4.200  -9.987  15.979  1.00 45.36 ? 74  ASP A CG  1 
ATOM   565 O OD1 . ASP A 1 73 ? -3.242  -10.261 16.744  1.00 45.90 ? 74  ASP A OD1 1 
ATOM   566 O OD2 . ASP A 1 73 ? -4.545  -8.811  15.722  1.00 46.83 ? 74  ASP A OD2 1 
ATOM   567 N N   . HIS A 1 74 ? -4.503  -14.543 14.134  1.00 45.10 ? 75  HIS A N   1 
ATOM   568 C CA  . HIS A 1 74 ? -5.264  -15.695 13.661  1.00 47.12 ? 75  HIS A CA  1 
ATOM   569 C C   . HIS A 1 74 ? -6.542  -15.327 12.882  1.00 48.44 ? 75  HIS A C   1 
ATOM   570 O O   . HIS A 1 74 ? -7.499  -16.100 12.818  1.00 47.92 ? 75  HIS A O   1 
ATOM   571 C CB  . HIS A 1 74 ? -5.626  -16.615 14.853  1.00 47.43 ? 75  HIS A CB  1 
ATOM   572 C CG  . HIS A 1 74 ? -4.438  -17.175 15.565  1.00 48.25 ? 75  HIS A CG  1 
ATOM   573 N ND1 . HIS A 1 74 ? -3.719  -18.250 15.078  1.00 48.94 ? 75  HIS A ND1 1 
ATOM   574 C CD2 . HIS A 1 74 ? -3.837  -16.811 16.722  1.00 49.51 ? 75  HIS A CD2 1 
ATOM   575 C CE1 . HIS A 1 74 ? -2.732  -18.533 15.909  1.00 49.56 ? 75  HIS A CE1 1 
ATOM   576 N NE2 . HIS A 1 74 ? -2.780  -17.676 16.916  1.00 50.65 ? 75  HIS A NE2 1 
ATOM   577 N N   . VAL A 1 75 ? -6.568  -14.139 12.303  1.00 50.21 ? 76  VAL A N   1 
ATOM   578 C CA  . VAL A 1 75 ? -7.712  -13.668 11.521  1.00 51.90 ? 76  VAL A CA  1 
ATOM   579 C C   . VAL A 1 75 ? -7.834  -14.318 10.136  1.00 54.12 ? 76  VAL A C   1 
ATOM   580 O O   . VAL A 1 75 ? -8.881  -14.225 9.511   1.00 54.17 ? 76  VAL A O   1 
ATOM   581 C CB  . VAL A 1 75 ? -7.616  -12.126 11.281  1.00 51.65 ? 76  VAL A CB  1 
ATOM   582 C CG1 . VAL A 1 75 ? -8.300  -11.766 9.997   1.00 49.94 ? 76  VAL A CG1 1 
ATOM   583 C CG2 . VAL A 1 75 ? -8.151  -11.350 12.490  1.00 51.29 ? 76  VAL A CG2 1 
ATOM   584 N N   . LEU A 1 76 ? -6.743  -14.896 9.623   1.00 56.22 ? 77  LEU A N   1 
ATOM   585 C CA  . LEU A 1 76 ? -6.775  -15.683 8.375   1.00 57.20 ? 77  LEU A CA  1 
ATOM   586 C C   . LEU A 1 76 ? -6.235  -17.081 8.672   1.00 57.80 ? 77  LEU A C   1 
ATOM   587 O O   . LEU A 1 76 ? -6.897  -17.885 9.361   1.00 58.00 ? 77  LEU A O   1 
ATOM   588 C CB  . LEU A 1 76 ? -6.007  -14.977 7.236   1.00 57.60 ? 77  LEU A CB  1 
ATOM   589 C CG  . LEU A 1 76 ? -4.507  -14.627 7.388   1.00 57.83 ? 77  LEU A CG  1 
ATOM   590 C CD1 . LEU A 1 76 ? -3.643  -15.562 6.569   1.00 57.29 ? 77  LEU A CD1 1 
ATOM   591 C CD2 . LEU A 1 76 ? -4.212  -13.178 6.985   1.00 58.44 ? 77  LEU A CD2 1 
HETATM 592 S S   . SO4 B 2 .  ? -16.718 -0.650  18.877  0.33 27.09 ? 601 SO4 A S   1 
HETATM 593 O O1  . SO4 B 2 .  ? -18.160 -0.511  18.442  0.33 25.98 ? 601 SO4 A O1  1 
HETATM 594 O O2  . SO4 B 2 .  ? -16.179 -2.027  18.555  0.33 18.53 ? 601 SO4 A O2  1 
HETATM 595 O O3  . SO4 B 2 .  ? -15.923 0.296   18.072  0.33 28.31 ? 601 SO4 A O3  1 
HETATM 596 O O4  . SO4 B 2 .  ? -16.583 -0.334  20.351  0.33 27.34 ? 601 SO4 A O4  1 
HETATM 597 C C   . TRS C 3 .  ? 9.751   -1.094  -4.190  0.33 19.68 ? 602 TRS A C   1 
HETATM 598 C C1  . TRS C 3 .  ? 9.220   0.269   -3.705  0.33 18.05 ? 602 TRS A C1  1 
HETATM 599 C C2  . TRS C 3 .  ? 9.593   -1.176  -5.717  0.33 17.93 ? 602 TRS A C2  1 
HETATM 600 C C3  . TRS C 3 .  ? 11.252  -1.198  -3.868  0.33 18.07 ? 602 TRS A C3  1 
HETATM 601 N N   . TRS C 3 .  ? 8.995   -2.204  -3.532  0.33 19.39 ? 602 TRS A N   1 
HETATM 602 O O1  . TRS C 3 .  ? 9.250   0.379   -2.296  0.33 18.65 ? 602 TRS A O1  1 
HETATM 603 O O2  . TRS C 3 .  ? 8.230   -1.209  -6.095  0.33 18.61 ? 602 TRS A O2  1 
HETATM 604 O O3  . TRS C 3 .  ? 11.717  -2.520  -4.022  0.33 19.16 ? 602 TRS A O3  1 
HETATM 605 S S   . SO4 D 2 .  ? 7.266   -6.923  -1.426  0.16 43.08 ? 603 SO4 A S   1 
HETATM 606 O O1  . SO4 D 2 .  ? 7.988   -7.155  -0.158  0.16 42.88 ? 603 SO4 A O1  1 
HETATM 607 O O2  . SO4 D 2 .  ? 7.648   -7.959  -2.397  0.16 43.15 ? 603 SO4 A O2  1 
HETATM 608 O O3  . SO4 D 2 .  ? 5.809   -6.983  -1.130  0.16 40.17 ? 603 SO4 A O3  1 
HETATM 609 O O4  . SO4 D 2 .  ? 7.679   -5.645  -2.012  0.16 41.51 ? 603 SO4 A O4  1 
HETATM 610 O O   . HOH E 4 .  ? 14.243  -2.105  -5.080  0.33 2.08  ? 701 HOH A O   1 
HETATM 611 O O   . HOH E 4 .  ? 2.149   2.223   -6.436  1.00 16.32 ? 702 HOH A O   1 
HETATM 612 O O   . HOH E 4 .  ? 12.317  20.209  -14.343 1.00 24.63 ? 703 HOH A O   1 
HETATM 613 O O   . HOH E 4 .  ? 3.241   6.312   -5.210  1.00 20.35 ? 704 HOH A O   1 
HETATM 614 O O   . HOH E 4 .  ? 4.718   7.457   -16.980 1.00 25.69 ? 705 HOH A O   1 
HETATM 615 O O   . HOH E 4 .  ? 6.464   3.543   6.642   1.00 22.15 ? 706 HOH A O   1 
HETATM 616 O O   . HOH E 4 .  ? 10.416  13.551  -18.310 1.00 21.86 ? 707 HOH A O   1 
HETATM 617 O O   . HOH E 4 .  ? 9.458   16.252  -16.465 1.00 29.25 ? 708 HOH A O   1 
HETATM 618 O O   . HOH E 4 .  ? 4.435   5.247   -18.449 0.50 19.47 ? 709 HOH A O   1 
HETATM 619 O O   . HOH E 4 .  ? 1.983   4.117   -4.444  1.00 20.33 ? 710 HOH A O   1 
HETATM 620 O O   . HOH E 4 .  ? 8.199   6.863   3.007   1.00 24.13 ? 711 HOH A O   1 
HETATM 621 O O   . HOH E 4 .  ? 16.331  19.915  -14.641 1.00 28.33 ? 712 HOH A O   1 
HETATM 622 O O   . HOH E 4 .  ? -0.747  4.875   -4.413  1.00 26.42 ? 713 HOH A O   1 
HETATM 623 O O   . HOH E 4 .  ? 7.490   16.492  -9.795  1.00 25.01 ? 714 HOH A O   1 
HETATM 624 O O   . HOH E 4 .  ? -2.048  -5.205  -6.102  1.00 25.77 ? 715 HOH A O   1 
HETATM 625 O O   . HOH E 4 .  ? -1.687  -0.233  2.634   1.00 27.52 ? 716 HOH A O   1 
HETATM 626 O O   . HOH E 4 .  ? 17.409  12.827  -19.909 1.00 31.52 ? 717 HOH A O   1 
HETATM 627 O O   . HOH E 4 .  ? -18.329 -14.292 22.136  1.00 27.96 ? 718 HOH A O   1 
HETATM 628 O O   . HOH E 4 .  ? -1.757  7.409   -11.323 1.00 34.03 ? 719 HOH A O   1 
HETATM 629 O O   . HOH E 4 .  ? 2.233   -5.481  12.242  1.00 32.04 ? 720 HOH A O   1 
HETATM 630 O O   . HOH E 4 .  ? 3.719   2.978   6.854   1.00 31.41 ? 721 HOH A O   1 
HETATM 631 O O   . HOH E 4 .  ? 17.551  16.093  -12.722 1.00 37.10 ? 722 HOH A O   1 
HETATM 632 O O   . HOH E 4 .  ? 8.726   21.278  -15.205 1.00 33.39 ? 723 HOH A O   1 
HETATM 633 O O   . HOH E 4 .  ? 13.305  20.222  -18.686 1.00 37.94 ? 724 HOH A O   1 
HETATM 634 O O   . HOH E 4 .  ? -2.329  6.691   -3.103  1.00 38.16 ? 725 HOH A O   1 
HETATM 635 O O   . HOH E 4 .  ? -3.624  5.105   -6.520  1.00 28.69 ? 726 HOH A O   1 
HETATM 636 O O   . HOH E 4 .  ? -11.504 -1.588  16.900  1.00 32.99 ? 727 HOH A O   1 
HETATM 637 O O   . HOH E 4 .  ? -2.171  -6.109  -10.091 1.00 31.82 ? 728 HOH A O   1 
HETATM 638 O O   . HOH E 4 .  ? 2.851   1.908   -15.032 1.00 34.42 ? 729 HOH A O   1 
HETATM 639 O O   . HOH E 4 .  ? 8.903   4.892   6.820   1.00 32.97 ? 730 HOH A O   1 
HETATM 640 O O   . HOH E 4 .  ? 6.542   10.737  -16.188 1.00 33.70 ? 731 HOH A O   1 
HETATM 641 O O   . HOH E 4 .  ? 2.108   7.689   6.092   1.00 38.31 ? 732 HOH A O   1 
HETATM 642 O O   . HOH E 4 .  ? -1.269  1.692   -13.063 1.00 41.89 ? 733 HOH A O   1 
HETATM 643 O O   . HOH E 4 .  ? 14.591  18.524  -20.322 1.00 43.60 ? 734 HOH A O   1 
HETATM 644 O O   . HOH E 4 .  ? -16.715 0.315   14.797  1.00 29.92 ? 735 HOH A O   1 
HETATM 645 O O   . HOH E 4 .  ? 4.894   11.115  -7.952  1.00 31.05 ? 736 HOH A O   1 
HETATM 646 O O   . HOH E 4 .  ? -6.438  4.370   -6.475  1.00 47.27 ? 737 HOH A O   1 
HETATM 647 O O   . HOH E 4 .  ? 7.853   14.868  -15.062 1.00 40.52 ? 738 HOH A O   1 
HETATM 648 O O   . HOH E 4 .  ? -3.047  -1.853  4.367   1.00 33.75 ? 739 HOH A O   1 
HETATM 649 O O   . HOH E 4 .  ? -1.584  -2.509  11.057  1.00 43.48 ? 740 HOH A O   1 
HETATM 650 O O   . HOH E 4 .  ? -17.110 -16.821 16.392  1.00 46.08 ? 741 HOH A O   1 
HETATM 651 O O   . HOH E 4 .  ? -13.179 -3.431  12.326  1.00 37.23 ? 742 HOH A O   1 
HETATM 652 O O   . HOH E 4 .  ? 5.976   9.119   -19.800 1.00 35.20 ? 743 HOH A O   1 
HETATM 653 O O   . HOH E 4 .  ? -18.663 -16.629 21.890  1.00 36.45 ? 744 HOH A O   1 
HETATM 654 O O   . HOH E 4 .  ? 3.924   16.875  -5.195  1.00 32.83 ? 745 HOH A O   1 
HETATM 655 O O   . HOH E 4 .  ? 9.065   19.429  -17.244 1.00 36.88 ? 746 HOH A O   1 
HETATM 656 O O   . HOH E 4 .  ? -13.543 -13.736 2.763   1.00 56.34 ? 747 HOH A O   1 
HETATM 657 O O   . HOH E 4 .  ? 1.765   4.850   7.012   1.00 49.73 ? 748 HOH A O   1 
HETATM 658 O O   . HOH E 4 .  ? -7.224  5.332   2.803   1.00 56.41 ? 749 HOH A O   1 
HETATM 659 O O   . HOH E 4 .  ? 5.036   13.794  -7.169  1.00 37.70 ? 750 HOH A O   1 
HETATM 660 O O   . HOH E 4 .  ? 12.980  16.174  -5.895  1.00 41.43 ? 751 HOH A O   1 
HETATM 661 O O   . HOH E 4 .  ? 1.424   0.201   9.855   1.00 40.90 ? 752 HOH A O   1 
HETATM 662 O O   . HOH E 4 .  ? -22.186 -11.605 18.260  1.00 35.33 ? 753 HOH A O   1 
HETATM 663 O O   . HOH E 4 .  ? -1.066  7.804   -0.044  1.00 44.12 ? 754 HOH A O   1 
HETATM 664 O O   . HOH E 4 .  ? -5.013  -3.182  9.460   1.00 45.79 ? 755 HOH A O   1 
HETATM 665 O O   . HOH E 4 .  ? 16.015  22.531  -12.963 1.00 59.55 ? 756 HOH A O   1 
HETATM 666 O O   . HOH E 4 .  ? 13.743  17.097  -8.238  1.00 33.44 ? 757 HOH A O   1 
HETATM 667 O O   . HOH E 4 .  ? -0.803  -1.159  8.889   1.00 36.69 ? 758 HOH A O   1 
HETATM 668 O O   . HOH E 4 .  ? 4.815   15.156  -9.365  1.00 40.38 ? 759 HOH A O   1 
HETATM 669 O O   . HOH E 4 .  ? -14.218 -0.931  16.835  1.00 35.63 ? 760 HOH A O   1 
HETATM 670 O O   . HOH E 4 .  ? -14.297 -16.175 17.584  1.00 79.83 ? 761 HOH A O   1 
HETATM 671 O O   . HOH E 4 .  ? 2.922   8.363   3.724   1.00 49.28 ? 762 HOH A O   1 
HETATM 672 O O   . HOH E 4 .  ? 6.388   12.170  -14.017 1.00 39.63 ? 763 HOH A O   1 
HETATM 673 O O   . HOH E 4 .  ? -7.313  -1.776  -8.968  1.00 36.65 ? 764 HOH A O   1 
HETATM 674 O O   . HOH E 4 .  ? 11.038  10.532  3.602   1.00 18.49 ? 765 HOH A O   1 
HETATM 675 O O   . HOH E 4 .  ? -18.664 -14.538 19.179  1.00 33.72 ? 766 HOH A O   1 
HETATM 676 O O   . HOH E 4 .  ? 17.210  10.313  -20.450 1.00 49.03 ? 767 HOH A O   1 
HETATM 677 O O   . HOH E 4 .  ? -9.137  -0.655  17.750  1.00 39.88 ? 768 HOH A O   1 
HETATM 678 O O   . HOH E 4 .  ? 0.082   7.186   2.481   1.00 46.49 ? 769 HOH A O   1 
HETATM 679 O O   . HOH E 4 .  ? -18.444 -5.893  21.761  0.50 14.65 ? 770 HOH A O   1 
HETATM 680 O O   . HOH E 4 .  ? 6.590   21.113  -12.807 1.00 36.24 ? 771 HOH A O   1 
HETATM 681 O O   . HOH E 4 .  ? -9.895  -5.999  18.205  1.00 42.43 ? 772 HOH A O   1 
HETATM 682 O O   . HOH E 4 .  ? -4.434  -6.275  10.519  1.00 44.74 ? 773 HOH A O   1 
HETATM 683 O O   . HOH E 4 .  ? -6.673  -4.781  15.396  1.00 46.05 ? 774 HOH A O   1 
HETATM 684 O O   . HOH E 4 .  ? -10.997 -11.413 19.778  1.00 53.39 ? 775 HOH A O   1 
HETATM 685 O O   . HOH E 4 .  ? -3.820  -18.819 8.713   1.00 89.36 ? 776 HOH A O   1 
HETATM 686 O O   . HOH E 4 .  ? -7.961  4.544   -0.879  1.00 52.27 ? 777 HOH A O   1 
HETATM 687 O O   . HOH E 4 .  ? -16.862 -4.852  8.882   1.00 51.66 ? 778 HOH A O   1 
HETATM 688 O O   . HOH E 4 .  ? -8.572  -1.605  15.774  1.00 53.29 ? 779 HOH A O   1 
HETATM 689 O O   . HOH E 4 .  ? -18.020 -8.809  24.477  1.00 28.38 ? 780 HOH A O   1 
HETATM 690 O O   . HOH E 4 .  ? -3.704  6.872   -8.487  1.00 42.42 ? 781 HOH A O   1 
HETATM 691 O O   . HOH E 4 .  ? -0.543  9.212   -10.461 1.00 47.25 ? 782 HOH A O   1 
HETATM 692 O O   . HOH E 4 .  ? -6.194  -8.092  12.077  1.00 40.48 ? 783 HOH A O   1 
HETATM 693 O O   . HOH E 4 .  ? -2.106  -5.116  -3.766  1.00 49.22 ? 784 HOH A O   1 
HETATM 694 O O   . HOH E 4 .  ? -7.509  -5.851  18.195  1.00 44.91 ? 785 HOH A O   1 
HETATM 695 O O   . HOH E 4 .  ? -20.658 -16.338 20.921  1.00 35.66 ? 786 HOH A O   1 
HETATM 696 O O   . HOH E 4 .  ? -6.869  -2.459  17.263  1.00 51.43 ? 787 HOH A O   1 
HETATM 697 O O   . HOH E 4 .  ? -0.171  9.427   -5.690  1.00 48.85 ? 788 HOH A O   1 
HETATM 698 O O   . HOH E 4 .  ? -4.042  -15.982 10.755  1.00 50.55 ? 789 HOH A O   1 
HETATM 699 O O   . HOH E 4 .  ? 17.112  16.340  -19.543 1.00 52.40 ? 790 HOH A O   1 
HETATM 700 O O   . HOH E 4 .  ? 8.523   15.511  -20.453 1.00 52.04 ? 791 HOH A O   1 
HETATM 701 O O   . HOH E 4 .  ? -14.325 -12.109 5.283   1.00 51.20 ? 792 HOH A O   1 
HETATM 702 O O   . HOH E 4 .  ? -7.582  -11.789 17.184  1.00 57.58 ? 793 HOH A O   1 
HETATM 703 O O   . HOH E 4 .  ? -16.156 -9.838  20.959  1.00 31.36 ? 794 HOH A O   1 
HETATM 704 O O   . HOH E 4 .  ? 6.698   13.588  -18.885 1.00 48.44 ? 795 HOH A O   1 
HETATM 705 O O   . HOH E 4 .  ? -10.968 -0.523  1.669   1.00 62.17 ? 796 HOH A O   1 
HETATM 706 O O   . HOH E 4 .  ? -13.435 -4.154  10.215  1.00 61.88 ? 797 HOH A O   1 
HETATM 707 O O   . HOH E 4 .  ? -15.349 -11.143 8.570   1.00 69.12 ? 798 HOH A O   1 
# 
loop_
_atom_site_anisotrop.id 
_atom_site_anisotrop.type_symbol 
_atom_site_anisotrop.pdbx_label_atom_id 
_atom_site_anisotrop.pdbx_label_alt_id 
_atom_site_anisotrop.pdbx_label_comp_id 
_atom_site_anisotrop.pdbx_label_asym_id 
_atom_site_anisotrop.pdbx_label_seq_id 
_atom_site_anisotrop.pdbx_PDB_ins_code 
_atom_site_anisotrop.U[1][1] 
_atom_site_anisotrop.U[2][2] 
_atom_site_anisotrop.U[3][3] 
_atom_site_anisotrop.U[1][2] 
_atom_site_anisotrop.U[1][3] 
_atom_site_anisotrop.U[2][3] 
_atom_site_anisotrop.pdbx_auth_seq_id 
_atom_site_anisotrop.pdbx_auth_comp_id 
_atom_site_anisotrop.pdbx_auth_asym_id 
_atom_site_anisotrop.pdbx_auth_atom_id 
1   N N   . GLN A 6  ? 0.5891 0.6069 0.5941 -0.0369 0.0100  -0.0111 7   GLN A N   
2   C CA  . GLN A 6  ? 0.5796 0.5835 0.5728 -0.0174 0.0032  0.0021  7   GLN A CA  
3   C C   . GLN A 6  ? 0.5808 0.5997 0.5816 -0.0151 -0.0030 0.0137  7   GLN A C   
4   O O   . GLN A 6  ? 0.5062 0.5817 0.5712 -0.0014 -0.0152 0.0434  7   GLN A O   
5   C CB  . GLN A 6  ? 0.5783 0.5762 0.5701 -0.0225 0.0003  -0.0123 7   GLN A CB  
6   C CG  . GLN A 6  ? 0.5609 0.5648 0.5370 -0.0008 0.0131  0.0123  7   GLN A CG  
7   C CD  . GLN A 6  ? 0.5311 0.5289 0.5272 -0.0388 0.0319  0.0023  7   GLN A CD  
8   O OE1 . GLN A 6  ? 0.5834 0.5766 0.5815 0.0468  0.0208  0.0054  7   GLN A OE1 
9   N NE2 . GLN A 6  ? 0.3985 0.2666 0.3324 -0.0934 0.0649  0.1029  7   GLN A NE2 
10  N N   . LYS A 7  ? 0.5790 0.5980 0.5844 -0.0239 -0.0005 -0.0040 8   LYS A N   
11  C CA  . LYS A 7  ? 0.5652 0.5801 0.5606 -0.0103 -0.0064 -0.0060 8   LYS A CA  
12  C C   . LYS A 7  ? 0.5626 0.5662 0.5479 -0.0078 0.0077  -0.0165 8   LYS A C   
13  O O   . LYS A 7  ? 0.5001 0.5283 0.5153 -0.0114 -0.0132 -0.0398 8   LYS A O   
14  C CB  . LYS A 7  ? 0.5574 0.5627 0.5588 -0.0163 -0.0022 -0.0186 8   LYS A CB  
15  N N   . ARG A 8  ? 0.5496 0.5491 0.5546 -0.0059 0.0063  -0.0094 9   ARG A N   
16  C CA  . ARG A 8  ? 0.5134 0.5272 0.5287 -0.0153 0.0122  0.0038  9   ARG A CA  
17  C C   . ARG A 8  ? 0.5033 0.4976 0.5036 -0.0147 0.0130  0.0110  9   ARG A C   
18  O O   . ARG A 8  ? 0.4827 0.4908 0.4839 -0.0274 0.0265  -0.0035 9   ARG A O   
19  C CB  . ARG A 8  ? 0.5083 0.5304 0.5782 -0.0085 0.0215  0.0062  9   ARG A CB  
20  C CG  . ARG A 8  ? 0.5081 0.5167 0.5383 0.0070  0.0125  0.0034  9   ARG A CG  
21  C CD  . ARG A 8  ? 0.4200 0.4416 0.4471 -0.0409 0.0006  0.0394  9   ARG A CD  
22  N NE  . ARG A 8  ? 0.2639 0.2349 0.2520 -0.0326 -0.0184 0.0516  9   ARG A NE  
23  C CZ  . ARG A 8  ? 0.3583 0.3210 0.3290 -0.0092 -0.0149 0.0314  9   ARG A CZ  
24  N NH1 . ARG A 8  ? 0.3931 0.3508 0.3091 -0.0171 0.0087  -0.0308 9   ARG A NH1 
25  N NH2 . ARG A 8  ? 0.4537 0.3407 0.3221 -0.0191 0.0117  -0.0029 9   ARG A NH2 
26  N N   . ALA A 9  ? 0.4543 0.4298 0.4689 -0.0005 0.0203  0.0186  10  ALA A N   
27  C CA  . ALA A 9  ? 0.4588 0.4332 0.4524 0.0097  0.0189  0.0250  10  ALA A CA  
28  C C   . ALA A 9  ? 0.4694 0.4190 0.4715 0.0145  0.0372  0.0229  10  ALA A C   
29  O O   . ALA A 9  ? 0.5007 0.3759 0.4710 0.0429  0.0734  0.0242  10  ALA A O   
30  C CB  . ALA A 9  ? 0.4496 0.4391 0.4379 -0.0025 0.0254  0.0183  10  ALA A CB  
31  N N   . GLN A 10 ? 0.4406 0.4062 0.4653 0.0060  0.0293  0.0444  11  GLN A N   
32  C CA  . GLN A 10 ? 0.4333 0.4341 0.4666 0.0026  0.0168  0.0280  11  GLN A CA  
33  C C   . GLN A 10 ? 0.4154 0.4384 0.4629 0.0100  0.0181  0.0374  11  GLN A C   
34  O O   . GLN A 10 ? 0.3163 0.4188 0.4582 0.0307  0.0206  0.0441  11  GLN A O   
35  C CB  . GLN A 10 ? 0.4464 0.4408 0.4739 -0.0031 0.0151  0.0240  11  GLN A CB  
36  C CG  . GLN A 10 ? 0.4987 0.4996 0.5261 -0.0042 -0.0007 0.0141  11  GLN A CG  
37  C CD  . GLN A 10 ? 0.5419 0.5609 0.5884 -0.0028 -0.0053 0.0165  11  GLN A CD  
38  O OE1 . GLN A 10 ? 0.6266 0.6281 0.6711 -0.0177 -0.0272 0.0170  11  GLN A OE1 
39  N NE2 . GLN A 10 ? 0.6145 0.6168 0.6125 0.0024  0.0021  0.0103  11  GLN A NE2 
40  N N   . ILE A 11 ? 0.3996 0.4754 0.4794 -0.0054 0.0172  0.0371  12  ILE A N   
41  C CA  . ILE A 11 ? 0.4356 0.4907 0.4849 -0.0062 0.0097  0.0267  12  ILE A CA  
42  C C   . ILE A 11 ? 0.4635 0.4909 0.4829 -0.0029 0.0154  0.0099  12  ILE A C   
43  O O   . ILE A 11 ? 0.4760 0.5377 0.4638 0.0158  0.0095  0.0090  12  ILE A O   
44  C CB  . ILE A 11 ? 0.4715 0.4981 0.5057 -0.0082 0.0024  0.0265  12  ILE A CB  
45  C CG1 . ILE A 11 ? 0.4431 0.5151 0.4892 0.0009  -0.0041 0.0116  12  ILE A CG1 
46  C CG2 . ILE A 11 ? 0.4149 0.4760 0.5069 -0.0321 -0.0002 0.0489  12  ILE A CG2 
47  C CD1 . ILE A 11 ? 0.3864 0.4555 0.4070 -0.0334 -0.0075 -0.0049 12  ILE A CD1 
48  N N   . GLN A 12 ? 0.4687 0.4886 0.4900 -0.0105 0.0180  0.0093  13  GLN A N   
49  C CA  . GLN A 12 ? 0.4633 0.4753 0.4845 -0.0074 0.0183  0.0078  13  GLN A CA  
50  C C   . GLN A 12 ? 0.4744 0.4736 0.4791 -0.0046 0.0219  0.0112  13  GLN A C   
51  O O   . GLN A 12 ? 0.4316 0.4481 0.4535 -0.0228 0.0411  -0.0047 13  GLN A O   
52  C CB  . GLN A 12 ? 0.4644 0.4766 0.4797 -0.0029 0.0162  0.0093  13  GLN A CB  
53  C CG  . GLN A 12 ? 0.4443 0.4725 0.4875 -0.0017 0.0155  0.0095  13  GLN A CG  
54  C CD  . GLN A 12 ? 0.4317 0.4891 0.4354 -0.0056 -0.0297 0.0311  13  GLN A CD  
55  O OE1 . GLN A 12 ? 0.3889 0.5113 0.4349 0.0208  -0.0448 0.0414  13  GLN A OE1 
56  N NE2 . GLN A 12 ? 0.5101 0.5475 0.4935 -0.0075 -0.0208 0.0165  13  GLN A NE2 
57  N N   . LYS A 13 ? 0.4702 0.4514 0.4819 -0.0077 0.0363  0.0008  14  LYS A N   
58  C CA  . LYS A 13 ? 0.4682 0.4412 0.4647 -0.0040 0.0295  -0.0030 14  LYS A CA  
59  C C   . LYS A 13 ? 0.4506 0.4058 0.4386 -0.0042 0.0425  -0.0011 14  LYS A C   
60  O O   . LYS A 13 ? 0.4267 0.3509 0.4020 0.0092  0.0844  -0.0375 14  LYS A O   
61  C CB  . LYS A 13 ? 0.4986 0.4597 0.4872 -0.0131 0.0274  -0.0046 14  LYS A CB  
62  C CG  . LYS A 13 ? 0.5429 0.5052 0.5087 -0.0162 0.0175  -0.0017 14  LYS A CG  
63  C CD  . LYS A 13 ? 0.6182 0.6084 0.6093 -0.0096 0.0014  0.0008  14  LYS A CD  
64  C CE  . LYS A 13 ? 0.6431 0.6495 0.6563 -0.0067 -0.0087 -0.0007 14  LYS A CE  
65  N NZ  . LYS A 13 ? 0.6950 0.6954 0.6898 -0.0085 0.0034  0.0200  14  LYS A NZ  
66  N N   . ARG A 14 ? 0.3835 0.3955 0.4068 -0.0009 0.0470  0.0245  15  ARG A N   
67  C CA  . ARG A 14 ? 0.3834 0.3954 0.4117 0.0016  0.0320  0.0160  15  ARG A CA  
68  C C   . ARG A 14 ? 0.3744 0.4069 0.4048 0.0156  0.0335  0.0232  15  ARG A C   
69  O O   . ARG A 14 ? 0.2958 0.3654 0.3737 0.0073  0.0509  0.0117  15  ARG A O   
70  C CB  . ARG A 14 ? 0.3945 0.4129 0.4236 -0.0063 0.0374  0.0250  15  ARG A CB  
71  C CG  . ARG A 14 ? 0.4800 0.4717 0.4682 -0.0061 0.0061  0.0203  15  ARG A CG  
72  C CD  . ARG A 14 ? 0.5778 0.5529 0.5514 -0.0098 0.0064  0.0043  15  ARG A CD  
73  N NE  . ARG A 14 ? 0.6480 0.6336 0.5951 0.0089  0.0246  0.0018  15  ARG A NE  
74  C CZ  . ARG A 14 ? 0.6667 0.6616 0.6505 0.0110  0.0186  -0.0059 15  ARG A CZ  
75  N NH1 . ARG A 14 ? 0.6707 0.6759 0.6497 0.0145  0.0118  0.0035  15  ARG A NH1 
76  N NH2 . ARG A 14 ? 0.6642 0.6547 0.6324 0.0013  0.0106  -0.0153 15  ARG A NH2 
77  N N   . GLU A 15 ? 0.3972 0.4265 0.4319 0.0233  0.0358  0.0325  16  GLU A N   
78  C CA  . GLU A 15 ? 0.4161 0.4458 0.4574 0.0326  0.0269  0.0229  16  GLU A CA  
79  C C   . GLU A 15 ? 0.3979 0.4406 0.4357 0.0368  0.0325  0.0145  16  GLU A C   
80  O O   . GLU A 15 ? 0.4142 0.4615 0.4976 0.0445  0.0452  0.0294  16  GLU A O   
81  C CB  . GLU A 15 ? 0.4306 0.4563 0.4516 0.0202  0.0223  0.0226  16  GLU A CB  
82  C CG  . GLU A 15 ? 0.4878 0.4807 0.4971 0.0056  -0.0053 0.0068  16  GLU A CG  
83  C CD  . GLU A 15 ? 0.5574 0.5081 0.5005 0.0090  -0.0043 -0.0135 16  GLU A CD  
84  O OE1 . GLU A 15 ? 0.5492 0.5054 0.5564 0.0266  0.0030  -0.0351 16  GLU A OE1 
85  O OE2 . GLU A 15 ? 0.5498 0.5166 0.4921 0.0282  -0.0080 0.0024  16  GLU A OE2 
86  N N   . GLU A 16 ? 0.4413 0.4636 0.4587 0.0167  0.0487  0.0140  17  GLU A N   
87  C CA  . GLU A 16 ? 0.4674 0.4382 0.4426 0.0042  0.0333  0.0076  17  GLU A CA  
88  C C   . GLU A 16 ? 0.4657 0.4242 0.4271 0.0061  0.0420  0.0117  17  GLU A C   
89  O O   . GLU A 16 ? 0.5027 0.4074 0.4095 -0.0127 0.0751  0.0026  17  GLU A O   
90  C CB  . GLU A 16 ? 0.4906 0.4488 0.4692 -0.0013 0.0247  0.0118  17  GLU A CB  
91  C CG  . GLU A 16 ? 0.4931 0.4868 0.4963 -0.0051 0.0241  0.0004  17  GLU A CG  
92  C CD  . GLU A 16 ? 0.5257 0.4943 0.4990 -0.0109 0.0238  0.0055  17  GLU A CD  
93  O OE1 . GLU A 16 ? 0.5136 0.4994 0.5042 -0.0232 -0.0066 0.0288  17  GLU A OE1 
94  O OE2 . GLU A 16 ? 0.5565 0.5013 0.5147 -0.0497 0.0691  0.0006  17  GLU A OE2 
95  N N   . LEU A 17 ? 0.4129 0.3933 0.3795 0.0031  0.0400  0.0089  18  LEU A N   
96  C CA  . LEU A 17 ? 0.3456 0.3647 0.3625 -0.0086 0.0309  0.0088  18  LEU A CA  
97  C C   . LEU A 17 ? 0.3168 0.3378 0.3315 0.0041  0.0202  0.0239  18  LEU A C   
98  O O   . LEU A 17 ? 0.2619 0.3190 0.2810 0.0059  0.0373  0.0215  18  LEU A O   
99  C CB  . LEU A 17 ? 0.3303 0.3771 0.3426 0.0067  0.0160  0.0057  18  LEU A CB  
100 C CG  . LEU A 17 ? 0.3680 0.3953 0.3988 0.0051  0.0299  0.0038  18  LEU A CG  
101 C CD1 . LEU A 17 ? 0.4129 0.4671 0.4297 -0.0147 0.0020  -0.0033 18  LEU A CD1 
102 C CD2 . LEU A 17 ? 0.3705 0.4034 0.3545 0.0209  0.0694  -0.0083 18  LEU A CD2 
103 N N   . LEU A 18 ? 0.2742 0.3349 0.3152 0.0158  0.0239  0.0256  19  LEU A N   
104 C CA  . LEU A 18 ? 0.3224 0.3637 0.3569 -0.0023 0.0174  0.0259  19  LEU A CA  
105 C C   . LEU A 18 ? 0.3278 0.3522 0.3549 0.0012  0.0256  0.0228  19  LEU A C   
106 O O   . LEU A 18 ? 0.2925 0.3321 0.3705 0.0111  0.0349  0.0438  19  LEU A O   
107 C CB  . LEU A 18 ? 0.3494 0.3850 0.3682 -0.0185 -0.0012 0.0224  19  LEU A CB  
108 C CG  . LEU A 18 ? 0.4031 0.4325 0.4522 -0.0060 -0.0166 0.0071  19  LEU A CG  
109 C CD1 . LEU A 18 ? 0.4703 0.4911 0.4941 -0.0336 -0.0079 0.0371  19  LEU A CD1 
110 C CD2 . LEU A 18 ? 0.4767 0.4874 0.4562 -0.0210 -0.0047 -0.0084 19  LEU A CD2 
111 N N   . SER A 19 ? 0.3320 0.3572 0.3779 0.0068  0.0536  0.0364  20  SER A N   
112 C CA  . SER A 19 ? 0.3696 0.3690 0.3870 0.0182  0.0454  0.0218  20  SER A CA  
113 C C   . SER A 19 ? 0.3702 0.3522 0.3658 0.0248  0.0515  0.0170  20  SER A C   
114 O O   . SER A 19 ? 0.3550 0.3567 0.3457 0.0561  0.0972  0.0325  20  SER A O   
115 C CB  . SER A 19 ? 0.4047 0.3942 0.4248 0.0270  0.0340  0.0135  20  SER A CB  
116 O OG  . SER A 19 ? 0.4487 0.4749 0.5034 -0.0113 0.0235  -0.0082 20  SER A OG  
117 N N   . ALA A 20 ? 0.3464 0.3196 0.3197 0.0150  0.0726  -0.0069 21  ALA A N   
118 C CA  . ALA A 20 ? 0.3589 0.3117 0.3140 -0.0098 0.0608  -0.0051 21  ALA A CA  
119 C C   . ALA A 20 ? 0.3185 0.2905 0.2873 -0.0124 0.0598  -0.0053 21  ALA A C   
120 O O   . ALA A 20 ? 0.3584 0.3060 0.2792 -0.0303 0.0671  0.0035  21  ALA A O   
121 C CB  . ALA A 20 ? 0.3600 0.3186 0.3080 -0.0165 0.0635  -0.0137 21  ALA A CB  
122 N N   . LEU A 21 ? 0.2950 0.2630 0.2529 -0.0074 0.0461  0.0046  22  LEU A N   
123 C CA  . LEU A 21 ? 0.2712 0.2761 0.2549 -0.0131 0.0329  0.0125  22  LEU A CA  
124 C C   . LEU A 21 ? 0.2609 0.2733 0.2542 -0.0064 0.0189  0.0145  22  LEU A C   
125 O O   . LEU A 21 ? 0.2425 0.2568 0.2041 -0.0070 0.0159  -0.0014 22  LEU A O   
126 C CB  . LEU A 21 ? 0.2763 0.2924 0.2583 -0.0044 0.0292  0.0234  22  LEU A CB  
127 C CG  . LEU A 21 ? 0.2926 0.3005 0.2505 -0.0228 -0.0220 0.0219  22  LEU A CG  
128 C CD1 . LEU A 21 ? 0.2845 0.2822 0.3096 0.0010  -0.0037 0.0526  22  LEU A CD1 
129 C CD2 . LEU A 21 ? 0.2739 0.2837 0.2583 -0.0400 -0.0339 0.0533  22  LEU A CD2 
130 N N   . ILE A 22 ? 0.2477 0.3007 0.2592 -0.0017 0.0142  0.0216  23  ILE A N   
131 C CA  . ILE A 22 ? 0.2646 0.3169 0.2948 -0.0010 0.0121  0.0306  23  ILE A CA  
132 C C   . ILE A 22 ? 0.2592 0.3243 0.3071 -0.0102 0.0244  0.0254  23  ILE A C   
133 O O   . ILE A 22 ? 0.2827 0.3461 0.2848 0.0232  0.0335  0.0311  23  ILE A O   
134 C CB  . ILE A 22 ? 0.2957 0.3634 0.3398 -0.0072 0.0047  0.0458  23  ILE A CB  
135 C CG1 . ILE A 22 ? 0.3573 0.3953 0.3993 -0.0203 -0.0047 0.0388  23  ILE A CG1 
136 C CG2 . ILE A 22 ? 0.3220 0.4131 0.3687 -0.0280 -0.0128 0.0423  23  ILE A CG2 
137 C CD1 . ILE A 22 ? 0.3560 0.4311 0.4513 -0.0048 0.0066  0.0654  23  ILE A CD1 
138 N N   . ASP A 23 ? 0.2830 0.3045 0.3192 0.0000  0.0483  0.0249  24  ASP A N   
139 C CA  . ASP A 23 ? 0.3364 0.3166 0.3406 -0.0016 0.0394  0.0105  24  ASP A CA  
140 C C   . ASP A 23 ? 0.3006 0.2887 0.2942 0.0041  0.0363  0.0001  24  ASP A C   
141 O O   . ASP A 23 ? 0.3131 0.2400 0.2760 0.0250  0.0527  -0.0005 24  ASP A O   
142 C CB  . ASP A 23 ? 0.3556 0.3224 0.3668 0.0096  0.0468  0.0101  24  ASP A CB  
143 C CG  . ASP A 23 ? 0.4036 0.3846 0.4147 -0.0040 0.0318  -0.0055 24  ASP A CG  
144 O OD1 . ASP A 23 ? 0.4521 0.4304 0.4847 0.0148  0.0395  0.0332  24  ASP A OD1 
145 O OD2 . ASP A 23 ? 0.4750 0.4147 0.4852 0.0114  0.0129  -0.0152 24  ASP A OD2 
146 N N   . GLY A 24 ? 0.3018 0.2677 0.2387 -0.0113 0.0366  -0.0023 25  GLY A N   
147 C CA  . GLY A 24 ? 0.2644 0.2621 0.2198 -0.0098 0.0082  -0.0052 25  GLY A CA  
148 C C   . GLY A 24 ? 0.2435 0.2605 0.1997 -0.0035 0.0177  -0.0041 25  GLY A C   
149 O O   . GLY A 24 ? 0.2361 0.2564 0.2159 -0.0066 0.0013  0.0085  25  GLY A O   
150 N N   . THR A 25 ? 0.2401 0.2531 0.1913 0.0152  0.0231  0.0147  26  THR A N   
151 C CA  . THR A 25 ? 0.2317 0.2792 0.2345 0.0165  0.0282  0.0037  26  THR A CA  
152 C C   . THR A 25 ? 0.2313 0.2627 0.2309 0.0092  0.0262  0.0022  26  THR A C   
153 O O   . THR A 25 ? 0.1996 0.2539 0.2004 0.0051  0.0470  0.0127  26  THR A O   
154 C CB  . THR A 25 ? 0.3105 0.2637 0.2462 0.0295  0.0121  0.0099  26  THR A CB  
155 O OG1 . THR A 25 ? 0.3456 0.3662 0.4067 0.0241  -0.0047 0.0072  26  THR A OG1 
156 C CG2 . THR A 25 ? 0.3353 0.3390 0.2978 -0.0035 0.0070  0.0044  26  THR A CG2 
157 N N   . SER A 26 ? 0.2384 0.2594 0.2512 0.0147  0.0282  0.0073  27  SER A N   
158 C CA  . SER A 26 ? 0.2431 0.2684 0.2696 0.0062  0.0102  0.0096  27  SER A CA  
159 C C   . SER A 26 ? 0.2478 0.2616 0.2694 0.0133  0.0146  0.0080  27  SER A C   
160 O O   . SER A 26 ? 0.2328 0.2442 0.2298 0.0019  0.0146  0.0005  27  SER A O   
161 C CB  . SER A 26 ? 0.2851 0.3073 0.2899 0.0238  0.0047  0.0103  27  SER A CB  
162 O OG  . SER A 26 ? 0.3702 0.3653 0.4246 0.0164  -0.0045 0.0306  27  SER A OG  
163 N N   . ARG A 27 ? 0.2255 0.2690 0.2566 0.0249  0.0344  -0.0004 28  ARG A N   
164 C CA  . ARG A 27 ? 0.2416 0.2600 0.2710 0.0237  0.0254  -0.0021 28  ARG A CA  
165 C C   . ARG A 27 ? 0.2343 0.2522 0.2505 0.0143  0.0293  0.0040  28  ARG A C   
166 O O   . ARG A 27 ? 0.2200 0.2221 0.2347 0.0008  0.0319  0.0195  28  ARG A O   
167 C CB  . ARG A 27 ? 0.2623 0.2675 0.2868 0.0234  0.0220  0.0024  28  ARG A CB  
168 C CG  . ARG A 27 ? 0.3020 0.3345 0.3532 0.0232  0.0211  -0.0084 28  ARG A CG  
169 C CD  . ARG A 27 ? 0.3663 0.3909 0.3897 0.0232  0.0220  -0.0057 28  ARG A CD  
170 N NE  . ARG A 27 ? 0.4490 0.4427 0.4347 0.0322  0.0037  -0.0188 28  ARG A NE  
171 C CZ  . ARG A 27 ? 0.4438 0.4752 0.4834 0.0286  -0.0211 -0.0082 28  ARG A CZ  
172 N NH1 . ARG A 27 ? 0.5190 0.4984 0.4864 0.0101  -0.0219 -0.0086 28  ARG A NH1 
173 N NH2 . ARG A 27 ? 0.4427 0.4406 0.5247 0.0248  -0.0211 -0.0102 28  ARG A NH2 
174 N N   . LEU A 28 ? 0.2117 0.2219 0.2129 -0.0069 0.0324  0.0003  29  LEU A N   
175 C CA  . LEU A 28 ? 0.1916 0.2233 0.1959 -0.0076 0.0164  0.0003  29  LEU A CA  
176 C C   . LEU A 28 ? 0.2036 0.2264 0.1924 -0.0016 0.0194  0.0051  29  LEU A C   
177 O O   . LEU A 28 ? 0.1871 0.2359 0.1739 0.0087  0.0121  0.0353  29  LEU A O   
178 C CB  . LEU A 28 ? 0.1839 0.2044 0.2036 -0.0133 0.0185  -0.0019 29  LEU A CB  
179 C CG  . LEU A 28 ? 0.2066 0.1918 0.1844 0.0323  0.0217  -0.0129 29  LEU A CG  
180 C CD1 . LEU A 28 ? 0.2117 0.1996 0.1794 -0.0116 0.0245  0.0376  29  LEU A CD1 
181 C CD2 . LEU A 28 ? 0.2161 0.2198 0.2355 0.0042  0.0083  -0.0105 29  LEU A CD2 
182 N N   . GLU A 29 ? 0.2278 0.2432 0.2005 -0.0116 0.0239  0.0103  30  GLU A N   
183 C CA  . GLU A 29 ? 0.2453 0.2628 0.2209 -0.0215 0.0192  0.0073  30  GLU A CA  
184 C C   . GLU A 29 ? 0.2376 0.2657 0.2316 -0.0146 0.0023  0.0128  30  GLU A C   
185 O O   . GLU A 29 ? 0.2430 0.2569 0.2096 -0.0128 0.0043  0.0298  30  GLU A O   
186 C CB  . GLU A 29 ? 0.2872 0.3072 0.2592 -0.0168 0.0063  -0.0132 30  GLU A CB  
187 C CG  . GLU A 29 ? 0.2934 0.3313 0.2722 -0.0291 0.0178  -0.0054 30  GLU A CG  
188 C CD  . GLU A 29 ? 0.3471 0.3337 0.3825 -0.0246 0.0140  -0.0165 30  GLU A CD  
189 O OE1 . GLU A 29 ? 0.3570 0.3421 0.4545 -0.0409 0.0266  -0.0008 30  GLU A OE1 
190 O OE2 . GLU A 29 ? 0.3587 0.3635 0.4372 -0.0423 0.0237  -0.0223 30  GLU A OE2 
191 N N   . ASN A 30 ? 0.2368 0.2609 0.2201 -0.0150 0.0027  0.0284  31  ASN A N   
192 C CA  . ASN A 30 ? 0.2741 0.2902 0.2599 0.0028  -0.0035 0.0298  31  ASN A CA  
193 C C   . ASN A 30 ? 0.2617 0.2801 0.2535 0.0062  -0.0065 0.0456  31  ASN A C   
194 O O   . ASN A 30 ? 0.2681 0.3163 0.2890 0.0177  -0.0347 0.0934  31  ASN A O   
195 C CB  . ASN A 30 ? 0.2732 0.2919 0.2860 0.0083  -0.0100 0.0219  31  ASN A CB  
196 C CG  . ASN A 30 ? 0.3136 0.3222 0.3072 0.0137  -0.0069 0.0208  31  ASN A CG  
197 O OD1 . ASN A 30 ? 0.3122 0.3331 0.4431 0.0072  -0.0315 -0.0296 31  ASN A OD1 
198 N ND2 . ASN A 30 ? 0.3500 0.3893 0.4040 0.0184  0.0053  0.0157  31  ASN A ND2 
199 N N   . LYS A 31 ? 0.2364 0.2559 0.2413 0.0089  -0.0039 0.0419  32  LYS A N   
200 C CA  . LYS A 31 ? 0.2378 0.2481 0.2447 0.0110  -0.0135 0.0316  32  LYS A CA  
201 C C   . LYS A 31 ? 0.2476 0.2731 0.2610 0.0092  -0.0128 0.0353  32  LYS A C   
202 O O   . LYS A 31 ? 0.2378 0.2742 0.2434 0.0039  0.0068  0.0379  32  LYS A O   
203 C CB  . LYS A 31 ? 0.2436 0.2471 0.2404 0.0235  -0.0032 0.0333  32  LYS A CB  
204 C CG  . LYS A 31 ? 0.2597 0.2614 0.2625 -0.0109 -0.0446 0.0130  32  LYS A CG  
205 C CD  . LYS A 31 ? 0.2728 0.3146 0.3565 0.0268  -0.0129 0.0065  32  LYS A CD  
206 C CE  . LYS A 31 ? 0.3921 0.3745 0.4419 -0.0067 -0.0119 -0.0072 32  LYS A CE  
207 N NZ  . LYS A 31 ? 0.4027 0.3804 0.4698 0.0015  -0.0078 0.0094  32  LYS A NZ  
208 N N   . GLN A 32 ? 0.2685 0.2937 0.2792 0.0059  -0.0015 0.0483  33  GLN A N   
209 C CA  . GLN A 32 ? 0.2823 0.3222 0.3048 -0.0069 -0.0074 0.0378  33  GLN A CA  
210 C C   . GLN A 32 ? 0.2561 0.2941 0.2650 -0.0079 0.0053  0.0453  33  GLN A C   
211 O O   . GLN A 32 ? 0.2527 0.2889 0.2828 -0.0156 0.0251  0.0354  33  GLN A O   
212 C CB  . GLN A 32 ? 0.2932 0.3454 0.3411 0.0054  -0.0188 0.0440  33  GLN A CB  
213 C CG  . GLN A 32 ? 0.3880 0.4006 0.3616 -0.0032 -0.0031 0.0371  33  GLN A CG  
214 C CD  . GLN A 32 ? 0.5609 0.5245 0.5284 0.0027  -0.0031 0.0320  33  GLN A CD  
215 O OE1 . GLN A 32 ? 0.6403 0.5808 0.6221 -0.0315 -0.0062 0.0300  33  GLN A OE1 
216 N NE2 . GLN A 32 ? 0.5782 0.5931 0.5553 0.0121  -0.0205 0.0156  33  GLN A NE2 
217 N N   . PHE A 33 ? 0.2489 0.2765 0.2456 -0.0265 0.0071  0.0302  34  PHE A N   
218 C CA  . PHE A 33 ? 0.2333 0.2499 0.2287 -0.0222 -0.0058 0.0086  34  PHE A CA  
219 C C   . PHE A 33 ? 0.2248 0.2261 0.2231 -0.0224 -0.0105 0.0128  34  PHE A C   
220 O O   . PHE A 33 ? 0.2505 0.2762 0.2377 -0.0243 -0.0109 0.0150  34  PHE A O   
221 C CB  . PHE A 33 ? 0.2375 0.2369 0.2343 -0.0296 0.0008  0.0148  34  PHE A CB  
222 C CG  . PHE A 33 ? 0.2076 0.1933 0.1915 -0.0101 -0.0180 0.0064  34  PHE A CG  
223 C CD1 . PHE A 33 ? 0.2440 0.1827 0.1876 0.0071  0.0016  -0.0135 34  PHE A CD1 
224 C CD2 . PHE A 33 ? 0.2574 0.2269 0.2127 -0.0114 -0.0037 -0.0015 34  PHE A CD2 
225 C CE1 . PHE A 33 ? 0.2520 0.2172 0.2062 0.0158  -0.0081 0.0211  34  PHE A CE1 
226 C CE2 . PHE A 33 ? 0.2669 0.1842 0.2374 0.0051  0.0033  0.0021  34  PHE A CE2 
227 C CZ  . PHE A 33 ? 0.2360 0.1901 0.2370 0.0105  -0.0012 -0.0108 34  PHE A CZ  
228 N N   . PRO A 34 ? 0.2249 0.2271 0.2240 -0.0049 -0.0104 0.0114  35  PRO A N   
229 C CA  . PRO A 34 ? 0.2441 0.2254 0.2276 -0.0144 -0.0137 0.0098  35  PRO A CA  
230 C C   . PRO A 34 ? 0.2467 0.2080 0.2230 -0.0222 -0.0055 0.0063  35  PRO A C   
231 O O   . PRO A 34 ? 0.2348 0.1960 0.1926 -0.0103 0.0035  0.0176  35  PRO A O   
232 C CB  . PRO A 34 ? 0.2522 0.2264 0.2394 0.0035  0.0015  0.0041  35  PRO A CB  
233 C CG  . PRO A 34 ? 0.2298 0.2388 0.2298 -0.0178 0.0101  -0.0016 35  PRO A CG  
234 C CD  . PRO A 34 ? 0.2311 0.1967 0.2256 0.0046  -0.0009 -0.0019 35  PRO A CD  
235 N N   . TYR A 35 ? 0.2564 0.2408 0.2338 -0.0157 -0.0011 0.0162  36  TYR A N   
236 C CA  . TYR A 35 ? 0.2668 0.2573 0.2384 -0.0106 -0.0011 0.0077  36  TYR A CA  
237 C C   . TYR A 35 ? 0.2700 0.2467 0.2303 -0.0153 -0.0077 -0.0016 36  TYR A C   
238 O O   . TYR A 35 ? 0.2588 0.2630 0.2061 -0.0156 0.0028  0.0137  36  TYR A O   
239 C CB  . TYR A 35 ? 0.2521 0.2358 0.2579 -0.0206 -0.0018 0.0082  36  TYR A CB  
240 C CG  . TYR A 35 ? 0.2743 0.2549 0.2499 -0.0192 -0.0140 -0.0098 36  TYR A CG  
241 C CD1 . TYR A 35 ? 0.3255 0.2661 0.2541 0.0036  -0.0025 -0.0128 36  TYR A CD1 
242 C CD2 . TYR A 35 ? 0.2777 0.2565 0.2660 -0.0293 -0.0127 -0.0316 36  TYR A CD2 
243 C CE1 . TYR A 35 ? 0.3701 0.3081 0.3127 0.0019  0.0021  -0.0326 36  TYR A CE1 
244 C CE2 . TYR A 35 ? 0.3154 0.2991 0.2624 -0.0319 -0.0059 -0.0390 36  TYR A CE2 
245 C CZ  . TYR A 35 ? 0.3498 0.2838 0.2751 -0.0182 -0.0123 -0.0587 36  TYR A CZ  
246 O OH  . TYR A 35 ? 0.4162 0.4615 0.3056 0.0452  -0.0216 -0.0916 36  TYR A OH  
247 N N   . PRO A 36 ? 0.2639 0.2504 0.2341 -0.0091 -0.0012 0.0050  37  PRO A N   
248 C CA  . PRO A 36 ? 0.2917 0.2829 0.2489 -0.0042 0.0009  0.0140  37  PRO A CA  
249 C C   . PRO A 36 ? 0.3343 0.3159 0.2706 -0.0119 0.0033  0.0083  37  PRO A C   
250 O O   . PRO A 36 ? 0.3336 0.3020 0.2454 -0.0175 0.0194  0.0111  37  PRO A O   
251 C CB  . PRO A 36 ? 0.2932 0.2865 0.2812 -0.0059 0.0016  0.0104  37  PRO A CB  
252 C CG  . PRO A 36 ? 0.2963 0.3040 0.3065 -0.0098 0.0205  0.0218  37  PRO A CG  
253 C CD  . PRO A 36 ? 0.2610 0.2600 0.2522 -0.0164 -0.0068 -0.0026 37  PRO A CD  
254 N N   . GLY A 37 ? 0.3491 0.3349 0.2863 -0.0044 -0.0038 0.0221  38  GLY A N   
255 C CA  . GLY A 37 ? 0.3620 0.3438 0.3032 -0.0041 -0.0112 0.0227  38  GLY A CA  
256 C C   . GLY A 37 ? 0.3665 0.3377 0.3059 -0.0042 -0.0043 0.0069  38  GLY A C   
257 O O   . GLY A 37 ? 0.3527 0.2854 0.2534 -0.0276 0.0051  0.0053  38  GLY A O   
258 N N   . SER A 38 ? 0.3929 0.3504 0.3065 -0.0006 -0.0165 -0.0048 39  SER A N   
259 C CA  . SER A 38 ? 0.3960 0.3530 0.3305 0.0042  -0.0159 0.0012  39  SER A CA  
260 C C   . SER A 38 ? 0.3772 0.3413 0.3251 0.0059  -0.0121 0.0040  39  SER A C   
261 O O   . SER A 38 ? 0.4078 0.3251 0.3092 0.0072  -0.0105 0.0148  39  SER A O   
262 C CB  . SER A 38 ? 0.4009 0.3825 0.3397 0.0118  -0.0183 0.0035  39  SER A CB  
263 O OG  . SER A 38 ? 0.4820 0.3689 0.3622 0.0052  -0.0368 -0.0032 39  SER A OG  
264 N N   . THR A 39 ? 0.3724 0.3319 0.3353 0.0101  -0.0187 0.0065  40  THR A N   
265 C CA  . THR A 39 ? 0.3823 0.3303 0.3194 0.0221  -0.0115 0.0009  40  THR A CA  
266 C C   . THR A 39 ? 0.3501 0.3092 0.3047 0.0136  -0.0052 -0.0053 40  THR A C   
267 O O   . THR A 39 ? 0.3495 0.2910 0.3280 0.0032  -0.0067 0.0200  40  THR A O   
268 C CB  . THR A 39 ? 0.3818 0.3310 0.3453 0.0255  -0.0220 -0.0209 40  THR A CB  
269 O OG1 . THR A 39 ? 0.3966 0.3529 0.3034 0.0702  -0.0330 -0.0201 40  THR A OG1 
270 C CG2 . THR A 39 ? 0.4209 0.3027 0.3757 0.0395  -0.0306 -0.0036 40  THR A CG2 
271 N N   . GLY A 40 ? 0.3084 0.2765 0.2580 -0.0082 0.0026  0.0122  41  GLY A N   
272 C CA  . GLY A 40 ? 0.3135 0.2643 0.2687 -0.0086 0.0067  0.0099  41  GLY A CA  
273 C C   . GLY A 40 ? 0.3059 0.2672 0.2809 -0.0089 -0.0019 0.0176  41  GLY A C   
274 O O   . GLY A 40 ? 0.3012 0.2642 0.2659 -0.0064 -0.0045 0.0263  41  GLY A O   
275 N N   . LEU A 41 ? 0.2714 0.2600 0.2707 0.0014  0.0047  0.0222  42  LEU A N   
276 C CA  . LEU A 41 ? 0.2889 0.2831 0.2840 -0.0075 0.0020  0.0140  42  LEU A CA  
277 C C   . LEU A 41 ? 0.2961 0.2915 0.2692 -0.0114 0.0152  0.0161  42  LEU A C   
278 O O   . LEU A 41 ? 0.2903 0.2911 0.3030 -0.0165 -0.0082 0.0239  42  LEU A O   
279 C CB  . LEU A 41 ? 0.2831 0.2860 0.2881 0.0025  0.0114  0.0109  42  LEU A CB  
280 C CG  . LEU A 41 ? 0.2934 0.3031 0.2867 0.0115  0.0040  0.0167  42  LEU A CG  
281 C CD1 . LEU A 41 ? 0.2832 0.2838 0.3396 0.0122  -0.0093 0.0185  42  LEU A CD1 
282 C CD2 . LEU A 41 ? 0.2917 0.2877 0.3401 -0.0109 0.0100  0.0332  42  LEU A CD2 
283 N N   . ASP A 42 ? 0.2921 0.2830 0.2546 -0.0135 0.0156  0.0173  43  ASP A N   
284 C CA  . ASP A 42 ? 0.2958 0.2732 0.2681 -0.0088 0.0021  0.0048  43  ASP A CA  
285 C C   . ASP A 42 ? 0.3045 0.2761 0.2740 -0.0106 -0.0023 0.0058  43  ASP A C   
286 O O   . ASP A 42 ? 0.2837 0.2221 0.2561 -0.0396 0.0058  -0.0138 43  ASP A O   
287 C CB  . ASP A 42 ? 0.2997 0.2809 0.2715 -0.0103 0.0001  0.0094  43  ASP A CB  
288 C CG  . ASP A 42 ? 0.3094 0.2680 0.2508 -0.0005 0.0012  0.0051  43  ASP A CG  
289 O OD1 . ASP A 42 ? 0.3401 0.2477 0.2630 -0.0238 0.0281  -0.0011 43  ASP A OD1 
290 O OD2 . ASP A 42 ? 0.3593 0.2329 0.3135 -0.0007 0.0244  0.0510  43  ASP A OD2 
291 N N   . ASP A 43 ? 0.3199 0.2500 0.2972 -0.0135 0.0068  0.0084  44  ASP A N   
292 C CA  . ASP A 43 ? 0.3446 0.2792 0.3083 -0.0206 0.0060  -0.0077 44  ASP A CA  
293 C C   . ASP A 43 ? 0.3077 0.2450 0.2742 -0.0204 -0.0013 -0.0092 44  ASP A C   
294 O O   . ASP A 43 ? 0.3148 0.2006 0.2700 -0.0383 -0.0064 -0.0061 44  ASP A O   
295 C CB  . ASP A 43 ? 0.3732 0.2907 0.3577 -0.0168 0.0043  -0.0088 44  ASP A CB  
296 C CG  . ASP A 43 ? 0.4264 0.3727 0.4038 -0.0232 -0.0166 -0.0085 44  ASP A CG  
297 O OD1 . ASP A 43 ? 0.5321 0.4279 0.4644 0.0029  -0.0076 -0.0139 44  ASP A OD1 
298 O OD2 . ASP A 43 ? 0.5638 0.4523 0.4738 -0.0369 -0.0122 -0.0205 44  ASP A OD2 
299 N N   . THR A 44 ? 0.2867 0.2211 0.2202 -0.0136 0.0081  0.0045  45  THR A N   
300 C CA  . THR A 44 ? 0.3005 0.2145 0.2414 -0.0060 -0.0136 -0.0006 45  THR A CA  
301 C C   . THR A 44 ? 0.2608 0.1917 0.2252 -0.0044 -0.0118 0.0152  45  THR A C   
302 O O   . THR A 44 ? 0.2507 0.2220 0.2234 0.0072  -0.0119 -0.0023 45  THR A O   
303 C CB  . THR A 44 ? 0.2875 0.1951 0.2444 -0.0124 -0.0103 0.0096  45  THR A CB  
304 O OG1 . THR A 44 ? 0.3640 0.2079 0.2946 0.0018  0.0087  0.0082  45  THR A OG1 
305 C CG2 . THR A 44 ? 0.3108 0.2634 0.3084 -0.0031 -0.0008 0.0243  45  THR A CG2 
306 N N   . TYR A 45 ? 0.2647 0.1778 0.2162 0.0021  -0.0062 0.0247  46  TYR A N   
307 C CA  . TYR A 45 ? 0.2521 0.1989 0.2236 -0.0043 -0.0168 0.0118  46  TYR A CA  
308 C C   . TYR A 45 ? 0.2427 0.2092 0.2253 0.0004  -0.0088 0.0145  46  TYR A C   
309 O O   . TYR A 45 ? 0.2202 0.1712 0.2111 -0.0162 -0.0013 0.0011  46  TYR A O   
310 C CB  . TYR A 45 ? 0.2290 0.1921 0.2040 0.0075  -0.0127 0.0173  46  TYR A CB  
311 C CG  . TYR A 45 ? 0.2480 0.1847 0.1794 -0.0061 0.0117  0.0094  46  TYR A CG  
312 C CD1 . TYR A 45 ? 0.2254 0.1919 0.1622 0.0001  -0.0313 0.0204  46  TYR A CD1 
313 C CD2 . TYR A 45 ? 0.2199 0.2004 0.2067 -0.0233 0.0219  -0.0059 46  TYR A CD2 
314 C CE1 . TYR A 45 ? 0.2258 0.2117 0.1685 -0.0048 0.0065  0.0223  46  TYR A CE1 
315 C CE2 . TYR A 45 ? 0.2179 0.2038 0.2088 -0.0073 -0.0051 0.0184  46  TYR A CE2 
316 C CZ  . TYR A 45 ? 0.2179 0.2291 0.2343 -0.0004 -0.0095 0.0406  46  TYR A CZ  
317 O OH  . TYR A 45 ? 0.2264 0.1893 0.1771 -0.0070 -0.0035 0.0291  46  TYR A OH  
318 N N   . MET A 46 ? 0.2539 0.2255 0.2360 -0.0001 -0.0016 0.0063  47  MET A N   
319 C CA  . MET A 46 ? 0.2345 0.2045 0.2204 -0.0014 -0.0120 0.0090  47  MET A CA  
320 C C   . MET A 46 ? 0.2433 0.2274 0.2406 -0.0002 -0.0042 0.0127  47  MET A C   
321 O O   . MET A 46 ? 0.2374 0.1952 0.2156 -0.0053 0.0029  0.0387  47  MET A O   
322 C CB  . MET A 46 ? 0.2152 0.2108 0.2310 0.0060  -0.0050 0.0235  47  MET A CB  
323 C CG  . MET A 46 ? 0.2256 0.2661 0.2516 -0.0010 -0.0371 0.0090  47  MET A CG  
324 S SD  . MET A 46 ? 0.2576 0.2921 0.2559 -0.0090 -0.0071 0.0069  47  MET A SD  
325 C CE  . MET A 46 ? 0.3567 0.3357 0.2744 0.0240  0.0010  0.0183  47  MET A CE  
326 N N   . ASN A 47 ? 0.2592 0.1996 0.2327 0.0055  -0.0048 0.0057  48  ASN A N   
327 C CA  . ASN A 47 ? 0.2928 0.2409 0.2480 0.0104  -0.0007 0.0015  48  ASN A CA  
328 C C   . ASN A 47 ? 0.2664 0.2090 0.2407 0.0192  0.0033  -0.0080 48  ASN A C   
329 O O   . ASN A 47 ? 0.2711 0.2258 0.2106 0.0224  0.0095  -0.0078 48  ASN A O   
330 C CB  . ASN A 47 ? 0.3182 0.2474 0.2678 0.0131  -0.0068 -0.0053 48  ASN A CB  
331 C CG  . ASN A 47 ? 0.3421 0.2714 0.3323 0.0071  -0.0139 -0.0019 48  ASN A CG  
332 O OD1 . ASN A 47 ? 0.4415 0.4128 0.3878 0.0293  -0.0185 -0.0183 48  ASN A OD1 
333 N ND2 . ASN A 47 ? 0.3625 0.3123 0.4074 0.0803  -0.0004 0.0157  48  ASN A ND2 
334 N N   . SER A 48 ? 0.2491 0.1940 0.2229 0.0167  0.0043  0.0005  49  SER A N   
335 C CA  . SER A 48 ? 0.2335 0.1864 0.2117 0.0166  0.0047  0.0008  49  SER A CA  
336 C C   . SER A 48 ? 0.2084 0.1786 0.1849 0.0123  -0.0004 -0.0105 49  SER A C   
337 O O   . SER A 48 ? 0.2205 0.2142 0.2040 0.0170  0.0118  -0.0182 49  SER A O   
338 C CB  . SER A 48 ? 0.2389 0.2005 0.2097 0.0196  0.0207  -0.0104 49  SER A CB  
339 O OG  . SER A 48 ? 0.3233 0.2676 0.2817 0.0318  0.0029  0.0026  49  SER A OG  
340 N N   . LEU A 49 ? 0.1861 0.1878 0.1814 -0.0028 0.0067  -0.0030 50  LEU A N   
341 C CA  . LEU A 49 ? 0.1800 0.1874 0.1855 -0.0030 0.0064  -0.0095 50  LEU A CA  
342 C C   . LEU A 49 ? 0.1752 0.1860 0.1847 -0.0007 0.0109  -0.0032 50  LEU A C   
343 O O   . LEU A 49 ? 0.1915 0.1694 0.1827 0.0053  0.0267  0.0112  50  LEU A O   
344 C CB  . LEU A 49 ? 0.1869 0.1920 0.1827 -0.0006 0.0152  0.0051  50  LEU A CB  
345 C CG  . LEU A 49 ? 0.1910 0.1718 0.2108 0.0140  0.0127  0.0034  50  LEU A CG  
346 C CD1 . LEU A 49 ? 0.2351 0.1929 0.1798 -0.0050 0.0042  0.0104  50  LEU A CD1 
347 C CD2 . LEU A 49 ? 0.1903 0.2027 0.2214 0.0315  0.0396  -0.0029 50  LEU A CD2 
348 N N   . ILE A 50 ? 0.1867 0.1846 0.1933 -0.0055 0.0122  0.0042  51  ILE A N   
349 C CA  . ILE A 50 ? 0.2005 0.2009 0.2025 0.0043  0.0028  0.0146  51  ILE A CA  
350 C C   . ILE A 50 ? 0.1904 0.2053 0.1942 -0.0056 -0.0002 0.0031  51  ILE A C   
351 O O   . ILE A 50 ? 0.1921 0.2102 0.1874 -0.0118 0.0100  0.0003  51  ILE A O   
352 C CB  . ILE A 50 ? 0.1945 0.2082 0.2019 -0.0023 0.0060  0.0067  51  ILE A CB  
353 C CG1 . ILE A 50 ? 0.2117 0.2077 0.2057 0.0118  0.0166  0.0331  51  ILE A CG1 
354 C CG2 . ILE A 50 ? 0.2130 0.2470 0.1694 0.0032  -0.0132 0.0157  51  ILE A CG2 
355 C CD1 . ILE A 50 ? 0.2196 0.2031 0.2226 -0.0286 0.0087  0.0354  51  ILE A CD1 
356 N N   . GLN A 51 ? 0.2072 0.1972 0.1904 -0.0080 -0.0041 -0.0040 52  GLN A N   
357 C CA  . GLN A 51 ? 0.2056 0.1967 0.1943 -0.0167 -0.0012 -0.0099 52  GLN A CA  
358 C C   . GLN A 51 ? 0.1870 0.2037 0.2069 -0.0024 -0.0023 -0.0013 52  GLN A C   
359 O O   . GLN A 51 ? 0.1909 0.1867 0.1700 -0.0040 -0.0028 -0.0203 52  GLN A O   
360 C CB  . GLN A 51 ? 0.2199 0.2469 0.2427 -0.0079 0.0175  -0.0138 52  GLN A CB  
361 C CG  . GLN A 51 ? 0.2461 0.2575 0.2806 -0.0039 0.0113  -0.0163 52  GLN A CG  
362 C CD  . GLN A 51 ? 0.2991 0.2966 0.3158 0.0226  0.0067  -0.0171 52  GLN A CD  
363 O OE1 . GLN A 51 ? 0.3625 0.2721 0.3003 0.0551  -0.0509 -0.0291 52  GLN A OE1 
364 N NE2 . GLN A 51 ? 0.1804 0.2580 0.2346 0.0496  0.0042  -0.0161 52  GLN A NE2 
365 N N   . TYR A 52 ? 0.1881 0.1917 0.1741 -0.0027 0.0010  0.0089  53  TYR A N   
366 C CA  . TYR A 52 ? 0.1891 0.1864 0.1683 0.0070  -0.0010 -0.0005 53  TYR A CA  
367 C C   . TYR A 52 ? 0.1763 0.1805 0.1701 0.0031  0.0056  0.0016  53  TYR A C   
368 O O   . TYR A 52 ? 0.1946 0.1699 0.2019 -0.0159 0.0135  0.0106  53  TYR A O   
369 C CB  . TYR A 52 ? 0.1853 0.1987 0.1851 0.0067  0.0072  -0.0127 53  TYR A CB  
370 C CG  . TYR A 52 ? 0.2011 0.1848 0.1676 -0.0156 -0.0063 0.0092  53  TYR A CG  
371 C CD1 . TYR A 52 ? 0.1787 0.1791 0.1699 -0.0056 -0.0008 -0.0311 53  TYR A CD1 
372 C CD2 . TYR A 52 ? 0.2065 0.1943 0.1669 -0.0092 -0.0181 0.0046  53  TYR A CD2 
373 C CE1 . TYR A 52 ? 0.1811 0.2300 0.1851 -0.0210 0.0115  -0.0197 53  TYR A CE1 
374 C CE2 . TYR A 52 ? 0.1643 0.1771 0.2156 0.0179  -0.0025 -0.0017 53  TYR A CE2 
375 C CZ  . TYR A 52 ? 0.2209 0.1880 0.1752 -0.0020 -0.0275 -0.0142 53  TYR A CZ  
376 O OH  . TYR A 52 ? 0.1906 0.1721 0.1896 -0.0270 0.0119  -0.0092 53  TYR A OH  
377 N N   . LEU A 53 ? 0.1869 0.1689 0.1849 0.0145  0.0135  -0.0028 54  LEU A N   
378 C CA  . LEU A 53 ? 0.1864 0.1879 0.1949 0.0162  0.0058  0.0049  54  LEU A CA  
379 C C   . LEU A 53 ? 0.1900 0.1902 0.1969 0.0234  0.0137  0.0014  54  LEU A C   
380 O O   . LEU A 53 ? 0.1532 0.1950 0.1852 0.0298  0.0246  0.0116  54  LEU A O   
381 C CB  . LEU A 53 ? 0.1672 0.1796 0.2056 0.0194  0.0053  -0.0127 54  LEU A CB  
382 C CG  . LEU A 53 ? 0.1788 0.1724 0.1649 0.0235  0.0170  0.0132  54  LEU A CG  
383 C CD1 . LEU A 53 ? 0.1868 0.1938 0.1570 -0.0010 -0.0060 -0.0204 54  LEU A CD1 
384 C CD2 . LEU A 53 ? 0.2133 0.1584 0.1722 0.0109  0.0150  -0.0211 54  LEU A CD2 
385 N N   . GLN A 54 ? 0.1917 0.1616 0.1891 0.0058  0.0169  0.0138  55  GLN A N   
386 C CA  . GLN A 54 ? 0.1971 0.1785 0.1940 0.0006  0.0138  -0.0031 55  GLN A CA  
387 C C   . GLN A 54 ? 0.2032 0.1852 0.2026 0.0099  0.0097  -0.0023 55  GLN A C   
388 O O   . GLN A 54 ? 0.1910 0.1805 0.2127 0.0205  0.0083  0.0044  55  GLN A O   
389 C CB  . GLN A 54 ? 0.1820 0.1820 0.1949 0.0100  0.0156  -0.0046 55  GLN A CB  
390 C CG  . GLN A 54 ? 0.1645 0.1831 0.1865 -0.0021 0.0272  -0.0125 55  GLN A CG  
391 C CD  . GLN A 54 ? 0.2280 0.1858 0.1812 0.0090  0.0358  -0.0105 55  GLN A CD  
392 O OE1 . GLN A 54 ? 0.2094 0.2566 0.3000 -0.0207 0.0077  0.0067  55  GLN A OE1 
393 N NE2 . GLN A 54 ? 0.1778 0.2026 0.1823 0.0018  -0.0330 -0.0083 55  GLN A NE2 
394 N N   . GLU A 55 ? 0.2092 0.1817 0.1879 0.0009  -0.0126 -0.0004 56  GLU A N   
395 C CA  . GLU A 55 ? 0.2128 0.1885 0.1975 0.0064  -0.0039 -0.0022 56  GLU A CA  
396 C C   . GLU A 55 ? 0.1988 0.1925 0.2014 -0.0055 -0.0012 -0.0020 56  GLU A C   
397 O O   . GLU A 55 ? 0.1870 0.1954 0.1908 -0.0085 0.0120  0.0233  56  GLU A O   
398 C CB  . GLU A 55 ? 0.2453 0.1834 0.2257 0.0082  0.0052  -0.0096 56  GLU A CB  
399 C CG  . GLU A 55 ? 0.2263 0.2422 0.2795 0.0016  -0.0138 0.0116  56  GLU A CG  
400 C CD  . GLU A 55 ? 0.2856 0.3021 0.3434 0.0089  -0.0210 0.0207  56  GLU A CD  
401 O OE1 . GLU A 55 ? 0.2492 0.3479 0.3336 0.0376  -0.0591 0.0004  56  GLU A OE1 
402 O OE2 . GLU A 55 ? 0.3439 0.3689 0.4682 0.0490  -0.0221 0.0259  56  GLU A OE2 
403 N N   . ARG A 56 ? 0.1828 0.1927 0.2064 0.0091  0.0087  0.0090  57  ARG A N   
404 C CA  . ARG A 56 ? 0.1891 0.1862 0.2019 -0.0051 0.0023  0.0161  57  ARG A CA  
405 C C   . ARG A 56 ? 0.2065 0.1927 0.1972 -0.0083 0.0054  0.0040  57  ARG A C   
406 O O   . ARG A 56 ? 0.1824 0.1847 0.1940 -0.0052 0.0178  0.0055  57  ARG A O   
407 C CB  . ARG A 56 ? 0.2226 0.1855 0.1989 0.0071  -0.0031 0.0082  57  ARG A CB  
408 C CG  . ARG A 56 ? 0.1821 0.1791 0.2002 0.0052  0.0099  -0.0066 57  ARG A CG  
409 C CD  . ARG A 56 ? 0.1862 0.1900 0.2174 0.0163  -0.0075 -0.0180 57  ARG A CD  
410 N NE  . ARG A 56 ? 0.2139 0.1906 0.1933 0.0119  -0.0478 -0.0123 57  ARG A NE  
411 C CZ  . ARG A 56 ? 0.2087 0.1935 0.1633 0.0116  -0.0132 -0.0212 57  ARG A CZ  
412 N NH1 . ARG A 56 ? 0.1876 0.2153 0.1888 -0.0108 0.0144  -0.0246 57  ARG A NH1 
413 N NH2 . ARG A 56 ? 0.2096 0.1860 0.2271 0.0373  -0.0242 -0.0226 57  ARG A NH2 
414 N N   . LYS A 57 ? 0.2074 0.2044 0.2018 -0.0086 -0.0024 0.0231  58  LYS A N   
415 C CA  . LYS A 57 ? 0.2107 0.2205 0.2173 -0.0015 -0.0003 -0.0003 58  LYS A CA  
416 C C   . LYS A 57 ? 0.2042 0.2132 0.2117 -0.0117 0.0013  -0.0078 58  LYS A C   
417 O O   . LYS A 57 ? 0.1938 0.1727 0.2029 0.0024  -0.0110 0.0002  58  LYS A O   
418 C CB  . LYS A 57 ? 0.1909 0.2112 0.2236 -0.0015 0.0096  -0.0129 58  LYS A CB  
419 C CG  . LYS A 57 ? 0.1989 0.1838 0.1862 0.0000  0.0052  -0.0056 58  LYS A CG  
420 C CD  . LYS A 57 ? 0.2327 0.1734 0.1790 -0.0170 0.0089  -0.0110 58  LYS A CD  
421 C CE  . LYS A 57 ? 0.2236 0.1827 0.2233 -0.0247 -0.0154 -0.0181 58  LYS A CE  
422 N NZ  . LYS A 57 ? 0.2453 0.2146 0.2153 -0.0211 0.0255  -0.0046 58  LYS A NZ  
423 N N   . GLN A 58 ? 0.1926 0.2046 0.1982 -0.0165 0.0139  -0.0124 59  GLN A N   
424 C CA  . GLN A 58 ? 0.2135 0.2218 0.2059 -0.0069 0.0166  -0.0035 59  GLN A CA  
425 C C   . GLN A 58 ? 0.2110 0.2065 0.2094 0.0039  0.0126  -0.0119 59  GLN A C   
426 O O   . GLN A 58 ? 0.2089 0.2127 0.1729 0.0135  0.0127  0.0056  59  GLN A O   
427 C CB  . GLN A 58 ? 0.2216 0.2212 0.2267 -0.0062 0.0157  -0.0301 59  GLN A CB  
428 C CG  . GLN A 58 ? 0.2597 0.3340 0.3264 -0.0203 0.0101  -0.0045 59  GLN A CG  
429 C CD  . GLN A 58 ? 0.3676 0.3918 0.3813 -0.0256 -0.0076 -0.0029 59  GLN A CD  
430 O OE1 . GLN A 58 ? 0.3646 0.3963 0.4369 0.0177  0.0208  0.0406  59  GLN A OE1 
431 N NE2 . GLN A 58 ? 0.4042 0.4542 0.4760 -0.0005 0.0107  -0.0350 59  GLN A NE2 
432 N N   . ILE A 59 ? 0.1963 0.1979 0.1817 0.0047  0.0082  -0.0033 60  ILE A N   
433 C CA  . ILE A 59 ? 0.2067 0.1972 0.1933 0.0000  0.0092  -0.0042 60  ILE A CA  
434 C C   . ILE A 59 ? 0.1822 0.1832 0.1888 0.0073  -0.0001 0.0136  60  ILE A C   
435 O O   . ILE A 59 ? 0.1766 0.1923 0.2300 0.0061  0.0016  0.0260  60  ILE A O   
436 C CB  . ILE A 59 ? 0.2054 0.1919 0.1740 0.0054  0.0181  -0.0023 60  ILE A CB  
437 C CG1 . ILE A 59 ? 0.2004 0.1767 0.1938 0.0020  0.0046  -0.0176 60  ILE A CG1 
438 C CG2 . ILE A 59 ? 0.1802 0.2344 0.2089 0.0027  0.0058  0.0033  60  ILE A CG2 
439 C CD1 . ILE A 59 ? 0.2853 0.2409 0.2599 0.0404  -0.0096 0.0351  60  ILE A CD1 
440 N N   . GLU A 60 ? 0.1923 0.1756 0.1791 -0.0089 0.0157  0.0090  61  GLU A N   
441 C CA  . GLU A 60 ? 0.1910 0.1882 0.1861 0.0010  0.0023  0.0056  61  GLU A CA  
442 C C   . GLU A 60 ? 0.2094 0.2141 0.2018 0.0063  0.0110  0.0104  61  GLU A C   
443 O O   . GLU A 60 ? 0.1908 0.1954 0.1832 -0.0199 0.0089  0.0055  61  GLU A O   
444 C CB  . GLU A 60 ? 0.1956 0.1743 0.1835 -0.0074 -0.0011 -0.0007 61  GLU A CB  
445 C CG  . GLU A 60 ? 0.1848 0.1742 0.2074 -0.0024 0.0010  -0.0141 61  GLU A CG  
446 C CD  . GLU A 60 ? 0.1796 0.1146 0.1852 0.0121  0.0008  0.0099  61  GLU A CD  
447 O OE1 . GLU A 60 ? 0.1769 0.2078 0.1718 -0.0023 -0.0043 0.0028  61  GLU A OE1 
448 O OE2 . GLU A 60 ? 0.1964 0.1732 0.1647 0.0045  -0.0181 -0.0278 61  GLU A OE2 
449 N N   . ASP A 61 ? 0.1895 0.1867 0.1782 0.0148  0.0022  0.0096  62  ASP A N   
450 C CA  . ASP A 61 ? 0.1973 0.2134 0.1981 0.0112  0.0050  0.0063  62  ASP A CA  
451 C C   . ASP A 61 ? 0.2188 0.2324 0.2087 0.0041  0.0137  -0.0030 62  ASP A C   
452 O O   . ASP A 61 ? 0.2331 0.2158 0.2011 -0.0133 0.0178  0.0021  62  ASP A O   
453 C CB  . ASP A 61 ? 0.2095 0.2002 0.2112 0.0319  -0.0009 -0.0079 62  ASP A CB  
454 C CG  . ASP A 61 ? 0.1913 0.1908 0.1901 0.0135  -0.0295 0.0128  62  ASP A CG  
455 O OD1 . ASP A 61 ? 0.1862 0.2167 0.2144 0.0258  0.0067  0.0181  62  ASP A OD1 
456 O OD2 . ASP A 61 ? 0.1964 0.2322 0.2065 0.0040  -0.0202 -0.0200 62  ASP A OD2 
457 N N   . LYS A 62 ? 0.2002 0.2115 0.2093 -0.0073 0.0145  0.0129  63  LYS A N   
458 C CA  . LYS A 62 ? 0.2287 0.2407 0.2221 0.0109  0.0293  -0.0034 63  LYS A CA  
459 C C   . LYS A 62 ? 0.2142 0.2459 0.2292 0.0019  0.0215  0.0008  63  LYS A C   
460 O O   . LYS A 62 ? 0.1923 0.2520 0.2342 -0.0003 0.0248  0.0033  63  LYS A O   
461 C CB  . LYS A 62 ? 0.2563 0.2584 0.2376 0.0121  0.0328  0.0126  63  LYS A CB  
462 C CG  . LYS A 62 ? 0.3803 0.3828 0.3704 -0.0063 0.0272  -0.0139 63  LYS A CG  
463 C CD  . LYS A 62 ? 0.4843 0.4921 0.4966 0.0272  -0.0029 0.0077  63  LYS A CD  
464 C CE  . LYS A 62 ? 0.5308 0.5557 0.5609 0.0029  -0.0055 0.0022  63  LYS A CE  
465 N NZ  . LYS A 62 ? 0.5888 0.5747 0.6223 0.0096  -0.0163 0.0033  63  LYS A NZ  
466 N N   . TRP A 63 ? 0.2124 0.2109 0.2018 -0.0095 0.0166  -0.0039 64  TRP A N   
467 C CA  . TRP A 63 ? 0.2144 0.2300 0.2255 -0.0062 0.0085  0.0025  64  TRP A CA  
468 C C   . TRP A 63 ? 0.2244 0.2046 0.2013 -0.0068 0.0114  -0.0048 64  TRP A C   
469 O O   . TRP A 63 ? 0.2150 0.2375 0.2017 -0.0109 0.0221  -0.0038 64  TRP A O   
470 C CB  . TRP A 63 ? 0.2237 0.2063 0.2139 -0.0186 0.0142  0.0032  64  TRP A CB  
471 C CG  . TRP A 63 ? 0.2558 0.2985 0.2655 -0.0212 0.0157  0.0065  64  TRP A CG  
472 C CD1 . TRP A 63 ? 0.3095 0.3246 0.3230 -0.0038 0.0063  0.0074  64  TRP A CD1 
473 C CD2 . TRP A 63 ? 0.3159 0.3335 0.2911 -0.0132 0.0287  0.0067  64  TRP A CD2 
474 N NE1 . TRP A 63 ? 0.3247 0.3573 0.3562 -0.0361 0.0011  -0.0071 64  TRP A NE1 
475 C CE2 . TRP A 63 ? 0.3219 0.2997 0.3349 -0.0177 0.0252  0.0037  64  TRP A CE2 
476 C CE3 . TRP A 63 ? 0.3429 0.3203 0.3407 0.0094  -0.0065 0.0309  64  TRP A CE3 
477 C CZ2 . TRP A 63 ? 0.3542 0.3151 0.3253 -0.0182 0.0234  0.0115  64  TRP A CZ2 
478 C CZ3 . TRP A 63 ? 0.4023 0.3629 0.3588 -0.0014 0.0075  0.0046  64  TRP A CZ3 
479 C CH2 . TRP A 63 ? 0.3693 0.3128 0.3240 -0.0024 0.0101  0.0407  64  TRP A CH2 
480 N N   A ARG A 64 ? 0.2133 0.2077 0.1938 -0.0039 0.0096  0.0011  65  ARG A N   
481 N N   B ARG A 64 ? 0.2106 0.2034 0.1915 -0.0043 0.0087  0.0016  65  ARG A N   
482 C CA  A ARG A 64 ? 0.2294 0.2223 0.1969 -0.0034 0.0119  0.0027  65  ARG A CA  
483 C CA  B ARG A 64 ? 0.2242 0.2138 0.1945 -0.0047 0.0105  0.0041  65  ARG A CA  
484 C C   A ARG A 64 ? 0.2310 0.2167 0.1914 -0.0017 0.0151  0.0030  65  ARG A C   
485 C C   B ARG A 64 ? 0.2314 0.2123 0.1904 -0.0031 0.0126  0.0029  65  ARG A C   
486 O O   A ARG A 64 ? 0.2301 0.2164 0.2010 0.0061  0.0310  0.0127  65  ARG A O   
487 O O   B ARG A 64 ? 0.2299 0.2088 0.1996 0.0055  0.0214  0.0127  65  ARG A O   
488 C CB  A ARG A 64 ? 0.2391 0.2283 0.2235 0.0101  0.0153  -0.0031 65  ARG A CB  
489 C CB  B ARG A 64 ? 0.2325 0.2176 0.2204 0.0107  0.0149  -0.0038 65  ARG A CB  
490 C CG  A ARG A 64 ? 0.2775 0.2724 0.2309 -0.0022 -0.0116 -0.0190 65  ARG A CG  
491 C CG  B ARG A 64 ? 0.2526 0.2344 0.2267 -0.0102 -0.0098 -0.0028 65  ARG A CG  
492 C CD  A ARG A 64 ? 0.2833 0.2934 0.2776 0.0076  0.0269  -0.0075 65  ARG A CD  
493 C CD  B ARG A 64 ? 0.2662 0.2673 0.2782 0.0204  0.0199  -0.0022 65  ARG A CD  
494 N NE  A ARG A 64 ? 0.2936 0.2895 0.3177 -0.0050 -0.0056 0.0254  65  ARG A NE  
495 N NE  B ARG A 64 ? 0.2462 0.2867 0.2770 0.0353  0.0024  0.0195  65  ARG A NE  
496 C CZ  A ARG A 64 ? 0.2377 0.2876 0.2924 -0.0040 -0.0009 0.0147  65  ARG A CZ  
497 C CZ  B ARG A 64 ? 0.2165 0.2860 0.3003 0.0206  0.0054  0.0032  65  ARG A CZ  
498 N NH1 A ARG A 64 ? 0.1966 0.2939 0.3016 0.0063  0.0013  0.0351  65  ARG A NH1 
499 N NH1 B ARG A 64 ? 0.2174 0.3072 0.3058 0.0184  -0.0248 0.0087  65  ARG A NH1 
500 N NH2 A ARG A 64 ? 0.1787 0.1664 0.2703 0.0000  -0.0119 0.0139  65  ARG A NH2 
501 N NH2 B ARG A 64 ? 0.1924 0.2588 0.2863 0.0236  0.0225  -0.0088 65  ARG A NH2 
502 N N   . ALA A 65 ? 0.2460 0.2210 0.1832 0.0066  0.0237  0.0129  66  ALA A N   
503 C CA  . ALA A 65 ? 0.2535 0.2250 0.1961 -0.0044 0.0202  -0.0001 66  ALA A CA  
504 C C   . ALA A 65 ? 0.2779 0.2439 0.2243 -0.0053 0.0310  0.0010  66  ALA A C   
505 O O   . ALA A 65 ? 0.2881 0.2469 0.2389 0.0024  0.0319  0.0351  66  ALA A O   
506 C CB  . ALA A 65 ? 0.2661 0.2083 0.1796 -0.0209 0.0340  -0.0223 66  ALA A CB  
507 N N   . SER A 66 ? 0.2937 0.2479 0.2498 -0.0067 0.0262  0.0178  67  SER A N   
508 C CA  . SER A 66 ? 0.2904 0.2763 0.2718 0.0017  0.0417  0.0055  67  SER A CA  
509 C C   . SER A 66 ? 0.2901 0.2724 0.2839 -0.0186 0.0410  0.0141  67  SER A C   
510 O O   . SER A 66 ? 0.3194 0.2738 0.2482 -0.0132 0.0490  0.0357  67  SER A O   
511 C CB  . SER A 66 ? 0.2880 0.3012 0.2899 0.0066  0.0428  0.0025  67  SER A CB  
512 O OG  . SER A 66 ? 0.3314 0.3306 0.3239 -0.0001 0.0308  0.0012  67  SER A OG  
513 N N   . LEU A 67 ? 0.2701 0.2690 0.2689 -0.0190 0.0327  0.0087  68  LEU A N   
514 C CA  . LEU A 67 ? 0.2734 0.2798 0.2810 -0.0107 0.0180  0.0062  68  LEU A CA  
515 C C   . LEU A 67 ? 0.2954 0.2879 0.2912 -0.0019 0.0271  0.0069  68  LEU A C   
516 O O   . LEU A 67 ? 0.2934 0.2867 0.3295 -0.0173 0.0314  0.0142  68  LEU A O   
517 C CB  . LEU A 67 ? 0.2813 0.2810 0.2938 -0.0219 0.0152  0.0040  68  LEU A CB  
518 C CG  . LEU A 67 ? 0.2689 0.2997 0.3216 -0.0078 -0.0020 -0.0060 68  LEU A CG  
519 C CD1 . LEU A 67 ? 0.2911 0.3213 0.4056 -0.0191 -0.0240 -0.0228 68  LEU A CD1 
520 C CD2 . LEU A 67 ? 0.3076 0.3224 0.3451 -0.0299 0.0426  -0.0235 68  LEU A CD2 
521 N N   . LEU A 68 ? 0.2994 0.2974 0.2796 -0.0052 0.0123  0.0191  69  LEU A N   
522 C CA  . LEU A 68 ? 0.3284 0.3042 0.3101 0.0032  0.0195  0.0283  69  LEU A CA  
523 C C   . LEU A 68 ? 0.3396 0.3175 0.3022 0.0015  0.0246  0.0206  69  LEU A C   
524 O O   . LEU A 68 ? 0.3434 0.3069 0.2975 0.0090  0.0371  0.0133  69  LEU A O   
525 C CB  . LEU A 68 ? 0.3235 0.3187 0.2960 0.0087  -0.0077 0.0265  69  LEU A CB  
526 C CG  . LEU A 68 ? 0.3574 0.3613 0.3591 -0.0008 0.0059  0.0371  69  LEU A CG  
527 C CD1 . LEU A 68 ? 0.3742 0.3669 0.3666 0.0066  0.0135  0.0075  69  LEU A CD1 
528 C CD2 . LEU A 68 ? 0.3507 0.3764 0.3716 -0.0049 -0.0198 0.0250  69  LEU A CD2 
529 N N   . LYS A 69 ? 0.3503 0.3290 0.3108 0.0014  0.0376  0.0178  70  LYS A N   
530 C CA  . LYS A 69 ? 0.3947 0.3795 0.3715 0.0004  0.0372  0.0138  70  LYS A CA  
531 C C   . LYS A 69 ? 0.3849 0.3640 0.3758 0.0029  0.0346  0.0126  70  LYS A C   
532 O O   . LYS A 69 ? 0.3626 0.3698 0.3523 0.0172  0.0597  0.0092  70  LYS A O   
533 C CB  . LYS A 69 ? 0.4051 0.3945 0.3792 0.0078  0.0377  0.0044  70  LYS A CB  
534 C CG  . LYS A 69 ? 0.4867 0.4936 0.4746 0.0025  0.0389  0.0012  70  LYS A CG  
535 C CD  . LYS A 69 ? 0.5714 0.5641 0.5666 0.0002  0.0145  -0.0183 70  LYS A CD  
536 C CE  . LYS A 69 ? 0.6051 0.6144 0.5869 0.0097  0.0203  -0.0071 70  LYS A CE  
537 N NZ  . LYS A 69 ? 0.6285 0.6198 0.5941 0.0115  -0.0066 0.0063  70  LYS A NZ  
538 N N   . GLY A 70 ? 0.3808 0.3633 0.3832 0.0014  0.0314  0.0255  71  GLY A N   
539 C CA  . GLY A 70 ? 0.3722 0.3665 0.3921 0.0080  0.0227  0.0207  71  GLY A CA  
540 C C   . GLY A 70 ? 0.3718 0.3595 0.3904 0.0017  0.0190  0.0299  71  GLY A C   
541 O O   . GLY A 70 ? 0.3068 0.3165 0.3723 -0.0007 0.0188  0.0423  71  GLY A O   
542 N N   . ILE A 71 ? 0.3635 0.3533 0.3771 0.0022  0.0226  0.0327  72  ILE A N   
543 C CA  . ILE A 71 ? 0.3886 0.3781 0.4054 0.0074  0.0066  0.0254  72  ILE A CA  
544 C C   . ILE A 71 ? 0.4211 0.4204 0.4263 0.0071  0.0108  0.0284  72  ILE A C   
545 O O   . ILE A 71 ? 0.4309 0.4127 0.4427 0.0050  0.0046  0.0270  72  ILE A O   
546 C CB  . ILE A 71 ? 0.3924 0.3672 0.4018 0.0030  0.0074  0.0295  72  ILE A CB  
547 C CG1 . ILE A 71 ? 0.4114 0.3729 0.4088 0.0105  0.0060  0.0185  72  ILE A CG1 
548 C CG2 . ILE A 71 ? 0.3914 0.3593 0.4366 0.0083  0.0062  0.0186  72  ILE A CG2 
549 C CD1 . ILE A 71 ? 0.4274 0.4072 0.4379 0.0237  0.0148  -0.0021 72  ILE A CD1 
550 N N   . GLN A 72 ? 0.4546 0.4499 0.4527 -0.0031 0.0082  0.0256  73  GLN A N   
551 C CA  . GLN A 72 ? 0.5054 0.5003 0.4837 -0.0057 0.0034  0.0202  73  GLN A CA  
552 C C   . GLN A 72 ? 0.5227 0.5185 0.5063 -0.0150 0.0093  0.0195  73  GLN A C   
553 O O   . GLN A 72 ? 0.5424 0.5440 0.5073 -0.0303 0.0127  0.0246  73  GLN A O   
554 C CB  . GLN A 72 ? 0.5159 0.5046 0.4819 -0.0081 0.0053  0.0212  73  GLN A CB  
555 C CG  . GLN A 72 ? 0.5391 0.5338 0.5106 0.0013  -0.0094 0.0147  73  GLN A CG  
556 C CD  . GLN A 72 ? 0.5962 0.5498 0.5591 0.0034  -0.0025 -0.0158 73  GLN A CD  
557 O OE1 . GLN A 72 ? 0.6362 0.5611 0.5657 0.0215  0.0055  -0.0089 73  GLN A OE1 
558 N NE2 . GLN A 72 ? 0.6373 0.5928 0.5960 0.0062  -0.0199 -0.0453 73  GLN A NE2 
559 N N   . ASP A 73 ? 0.5379 0.5294 0.5340 -0.0116 0.0199  0.0148  74  ASP A N   
560 C CA  . ASP A 73 ? 0.5591 0.5642 0.5541 -0.0082 0.0266  0.0112  74  ASP A CA  
561 C C   . ASP A 73 ? 0.5677 0.5677 0.5692 -0.0093 0.0238  0.0147  74  ASP A C   
562 O O   . ASP A 73 ? 0.5729 0.5731 0.5860 -0.0055 0.0274  0.0053  74  ASP A O   
563 C CB  . ASP A 73 ? 0.5657 0.5720 0.5565 -0.0104 0.0333  0.0097  74  ASP A CB  
564 C CG  . ASP A 73 ? 0.5741 0.5902 0.5591 -0.0066 0.0299  0.0068  74  ASP A CG  
565 O OD1 . ASP A 73 ? 0.5883 0.6287 0.5268 0.0039  0.0246  0.0171  74  ASP A OD1 
566 O OD2 . ASP A 73 ? 0.6016 0.5823 0.5956 0.0345  0.0416  -0.0149 74  ASP A OD2 
567 N N   . HIS A 74 ? 0.5665 0.5700 0.5768 -0.0024 0.0268  0.0173  75  HIS A N   
568 C CA  . HIS A 74 ? 0.5929 0.5947 0.6027 -0.0041 0.0171  0.0135  75  HIS A CA  
569 C C   . HIS A 74 ? 0.6114 0.6104 0.6186 -0.0067 0.0124  0.0113  75  HIS A C   
570 O O   . HIS A 74 ? 0.6083 0.5952 0.6171 -0.0161 0.0185  0.0192  75  HIS A O   
571 C CB  . HIS A 74 ? 0.5950 0.5946 0.6124 -0.0044 0.0162  0.0158  75  HIS A CB  
572 C CG  . HIS A 74 ? 0.6100 0.6100 0.6131 -0.0105 0.0040  0.0232  75  HIS A CG  
573 N ND1 . HIS A 74 ? 0.6145 0.6246 0.6203 -0.0149 0.0086  0.0127  75  HIS A ND1 
574 C CD2 . HIS A 74 ? 0.6234 0.6292 0.6284 -0.0200 0.0072  0.0162  75  HIS A CD2 
575 C CE1 . HIS A 74 ? 0.6211 0.6331 0.6285 -0.0091 0.0096  0.0138  75  HIS A CE1 
576 N NE2 . HIS A 74 ? 0.6419 0.6353 0.6471 -0.0100 0.0045  0.0122  75  HIS A NE2 
577 N N   . VAL A 75 ? 0.6351 0.6263 0.6462 -0.0060 0.0120  0.0115  76  VAL A N   
578 C CA  . VAL A 75 ? 0.6506 0.6536 0.6675 -0.0004 0.0026  0.0042  76  VAL A CA  
579 C C   . VAL A 75 ? 0.6786 0.6811 0.6964 -0.0003 -0.0018 -0.0030 76  VAL A C   
580 O O   . VAL A 75 ? 0.6660 0.6819 0.7101 0.0069  -0.0137 -0.0035 76  VAL A O   
581 C CB  . VAL A 75 ? 0.6489 0.6514 0.6622 0.0009  0.0011  0.0073  76  VAL A CB  
582 C CG1 . VAL A 75 ? 0.6201 0.6226 0.6545 -0.0008 0.0005  0.0105  76  VAL A CG1 
583 C CG2 . VAL A 75 ? 0.6274 0.6489 0.6722 0.0200  0.0042  -0.0008 76  VAL A CG2 
584 N N   . LEU A 76 ? 0.7028 0.7126 0.7206 0.0008  0.0000  -0.0028 77  LEU A N   
585 C CA  . LEU A 76 ? 0.7235 0.7232 0.7265 -0.0012 0.0018  -0.0025 77  LEU A CA  
586 C C   . LEU A 76 ? 0.7336 0.7276 0.7346 0.0015  0.0045  -0.0046 77  LEU A C   
587 O O   . LEU A 76 ? 0.7445 0.7271 0.7321 -0.0042 0.0104  -0.0033 77  LEU A O   
588 C CB  . LEU A 76 ? 0.7266 0.7323 0.7295 -0.0016 0.0028  -0.0008 77  LEU A CB  
589 C CG  . LEU A 76 ? 0.7289 0.7369 0.7315 -0.0009 -0.0034 0.0008  77  LEU A CG  
590 C CD1 . LEU A 76 ? 0.7127 0.7415 0.7227 -0.0025 -0.0141 0.0011  77  LEU A CD1 
591 C CD2 . LEU A 76 ? 0.7464 0.7385 0.7356 -0.0041 0.0017  -0.0047 77  LEU A CD2 
592 S S   . SO4 B .  ? 0.3276 0.3662 0.3354 0.0069  -0.0411 -0.0011 601 SO4 A S   
593 O O1  . SO4 B .  ? 0.3233 0.3375 0.3263 -0.0268 -0.0017 0.0128  601 SO4 A O1  
594 O O2  . SO4 B .  ? 0.1987 0.2552 0.2499 -0.0356 -0.0226 0.0200  601 SO4 A O2  
595 O O3  . SO4 B .  ? 0.3430 0.3535 0.3790 -0.0091 -0.0041 0.0144  601 SO4 A O3  
596 O O4  . SO4 B .  ? 0.3326 0.3481 0.3577 0.0017  -0.0116 0.0086  601 SO4 A O4  
597 C C   . TRS C .  ? 0.2487 0.2504 0.2488 0.0023  0.0005  -0.0001 602 TRS A C   
598 C C1  . TRS C .  ? 0.2449 0.2366 0.2041 0.0025  -0.0029 -0.0020 602 TRS A C1  
599 C C2  . TRS C .  ? 0.2058 0.2435 0.2318 0.0081  -0.0092 0.0035  602 TRS A C2  
600 C C3  . TRS C .  ? 0.2303 0.2176 0.2387 0.0127  0.0044  -0.0115 602 TRS A C3  
601 N N   . TRS C .  ? 0.2450 0.2424 0.2491 0.0012  0.0033  0.0040  602 TRS A N   
602 O O1  . TRS C .  ? 0.2301 0.2359 0.2423 0.0031  0.0006  0.0066  602 TRS A O1  
603 O O2  . TRS C .  ? 0.2354 0.2329 0.2388 0.0047  0.0037  -0.0110 602 TRS A O2  
604 O O3  . TRS C .  ? 0.2450 0.2481 0.2347 -0.0096 0.0000  0.0055  602 TRS A O3  
605 S S   . SO4 D .  ? 0.8051 0.7888 0.8029 0.0051  -0.0122 -0.0035 603 SO4 A S   
606 O O1  . SO4 D .  ? 0.7937 0.7947 0.8005 0.0059  -0.0143 -0.0064 603 SO4 A O1  
607 O O2  . SO4 D .  ? 0.8049 0.7983 0.7960 0.0088  -0.0056 -0.0077 603 SO4 A O2  
608 O O3  . SO4 D .  ? 0.7699 0.7522 0.7641 0.0167  -0.0226 0.0020  603 SO4 A O3  
609 O O4  . SO4 D .  ? 0.7829 0.7756 0.7783 0.0033  -0.0101 0.0004  603 SO4 A O4  
610 O O   . HOH E .  ? 0.0260 0.0274 0.0255 -0.0012 0.0004  -0.0007 701 HOH A O   
611 O O   . HOH E .  ? 0.2060 0.2200 0.1937 0.0026  0.0275  0.0024  702 HOH A O   
612 O O   . HOH E .  ? 0.3509 0.2887 0.2959 0.0176  0.0035  -0.0004 703 HOH A O   
613 O O   . HOH E .  ? 0.1913 0.3150 0.2668 0.0127  0.0271  0.0102  704 HOH A O   
614 O O   . HOH E .  ? 0.3502 0.3022 0.3238 -0.0083 -0.0178 -0.0354 705 HOH A O   
615 O O   . HOH E .  ? 0.2802 0.2741 0.2873 -0.0041 0.0249  -0.0544 706 HOH A O   
616 O O   . HOH E .  ? 0.2817 0.2631 0.2858 0.0132  -0.0193 -0.0064 707 HOH A O   
617 O O   . HOH E .  ? 0.3459 0.4064 0.3588 0.0537  -0.0299 -0.0067 708 HOH A O   
618 O O   . HOH E .  ? 0.2675 0.2212 0.2511 0.0098  -0.0084 0.0200  709 HOH A O   
619 O O   . HOH E .  ? 0.2686 0.2301 0.2737 0.0262  0.0174  -0.0134 710 HOH A O   
620 O O   . HOH E .  ? 0.3369 0.2804 0.2992 0.0496  -0.0352 -0.0411 711 HOH A O   
621 O O   . HOH E .  ? 0.4060 0.3072 0.3630 -0.0819 -0.0053 0.0172  712 HOH A O   
622 O O   . HOH E .  ? 0.2488 0.3879 0.3671 0.0221  0.0222  0.0368  713 HOH A O   
623 O O   . HOH E .  ? 0.3617 0.2829 0.3055 0.0688  0.0303  -0.0070 714 HOH A O   
624 O O   . HOH E .  ? 0.2592 0.3616 0.3582 0.0607  0.0374  0.0565  715 HOH A O   
625 O O   . HOH E .  ? 0.3127 0.4166 0.3162 -0.0416 0.0283  0.0341  716 HOH A O   
626 O O   . HOH E .  ? 0.3879 0.4275 0.3821 0.0045  0.0619  0.0179  717 HOH A O   
627 O O   . HOH E .  ? 0.3519 0.2487 0.4614 -0.0665 0.0748  -0.0210 718 HOH A O   
628 O O   . HOH E .  ? 0.4544 0.4038 0.4347 0.0921  0.0028  0.0645  719 HOH A O   
629 O O   . HOH E .  ? 0.4887 0.3923 0.3361 0.0011  0.0137  -0.0017 720 HOH A O   
630 O O   . HOH E .  ? 0.3802 0.3856 0.4275 -0.0281 0.0846  -0.0617 721 HOH A O   
631 O O   . HOH E .  ? 0.4445 0.4734 0.4916 -0.0412 -0.0292 0.0075  722 HOH A O   
632 O O   . HOH E .  ? 0.5032 0.3826 0.3828 0.0355  -0.0327 0.0160  723 HOH A O   
633 O O   . HOH E .  ? 0.5075 0.4540 0.4800 0.0034  0.0161  0.0862  724 HOH A O   
634 O O   . HOH E .  ? 0.4863 0.4554 0.5079 0.0469  0.0115  -0.0245 725 HOH A O   
635 O O   . HOH E .  ? 0.4138 0.3258 0.3503 0.0562  0.0301  0.1251  726 HOH A O   
636 O O   . HOH E .  ? 0.4372 0.3845 0.4316 -0.0104 0.0236  -0.0298 727 HOH A O   
637 O O   . HOH E .  ? 0.3442 0.4503 0.4144 -0.0108 -0.0135 0.0036  728 HOH A O   
638 O O   . HOH E .  ? 0.3439 0.4857 0.4778 -0.0790 -0.0246 0.0737  729 HOH A O   
639 O O   . HOH E .  ? 0.4798 0.3750 0.3981 0.1065  -0.0095 -0.0546 730 HOH A O   
640 O O   . HOH E .  ? 0.3727 0.4674 0.4403 0.0316  -0.0530 -0.0265 731 HOH A O   
641 O O   . HOH E .  ? 0.4380 0.5191 0.4984 -0.0447 0.0372  0.0313  732 HOH A O   
642 O O   . HOH E .  ? 0.5425 0.6032 0.4456 0.0616  -0.0425 -0.0262 733 HOH A O   
643 O O   . HOH E .  ? 0.6267 0.5307 0.4993 0.0068  0.0052  0.0077  734 HOH A O   
644 O O   . HOH E .  ? 0.3859 0.2932 0.4577 0.0018  0.0047  0.1231  735 HOH A O   
645 O O   . HOH E .  ? 0.3858 0.3527 0.4410 0.0241  -0.0056 0.0387  736 HOH A O   
646 O O   . HOH E .  ? 0.6103 0.5945 0.5911 0.0198  -0.0048 0.0126  737 HOH A O   
647 O O   . HOH E .  ? 0.5022 0.5384 0.4987 0.0660  -0.0445 -0.0307 738 HOH A O   
648 O O   . HOH E .  ? 0.3202 0.4585 0.5036 -0.0327 0.0587  0.0582  739 HOH A O   
649 O O   . HOH E .  ? 0.5502 0.5387 0.5629 -0.0131 0.0576  -0.0782 740 HOH A O   
650 O O   . HOH E .  ? 0.5479 0.5857 0.6169 0.0143  0.0201  0.1159  741 HOH A O   
651 O O   . HOH E .  ? 0.5024 0.5128 0.3994 -0.1529 0.0371  -0.0014 742 HOH A O   
652 O O   . HOH E .  ? 0.4589 0.4252 0.4533 -0.0298 0.0057  0.0273  743 HOH A O   
653 O O   . HOH E .  ? 0.5032 0.3898 0.4917 -0.0673 0.0265  -0.0456 744 HOH A O   
654 O O   . HOH E .  ? 0.5342 0.3139 0.3990 -0.0173 0.0016  -0.0274 745 HOH A O   
655 O O   . HOH E .  ? 0.4867 0.4652 0.4492 -0.0126 0.0014  -0.0012 746 HOH A O   
656 O O   . HOH E .  ? 0.7108 0.7096 0.7201 0.0076  -0.0093 -0.0236 747 HOH A O   
657 O O   . HOH E .  ? 0.6849 0.6248 0.5799 0.0028  0.0319  -0.0197 748 HOH A O   
658 O O   . HOH E .  ? 0.7131 0.7145 0.7155 -0.0180 -0.0024 0.0168  749 HOH A O   
659 O O   . HOH E .  ? 0.4211 0.4788 0.5326 0.0476  -0.0611 0.0318  750 HOH A O   
660 O O   . HOH E .  ? 0.5355 0.4966 0.5419 -0.0275 0.0739  0.0182  751 HOH A O   
661 O O   . HOH E .  ? 0.5168 0.4930 0.5442 -0.0201 0.0212  -0.0296 752 HOH A O   
662 O O   . HOH E .  ? 0.4794 0.5370 0.3259 -0.0586 0.0484  0.0044  753 HOH A O   
663 O O   . HOH E .  ? 0.4790 0.5380 0.6589 0.0430  0.0095  0.0303  754 HOH A O   
664 O O   . HOH E .  ? 0.6066 0.6102 0.5228 0.0299  0.0532  -0.0590 755 HOH A O   
665 O O   . HOH E .  ? 0.7641 0.7552 0.7433 0.0135  0.0098  -0.0034 756 HOH A O   
666 O O   . HOH E .  ? 0.4162 0.4714 0.3830 0.0180  -0.0956 0.0032  757 HOH A O   
667 O O   . HOH E .  ? 0.4756 0.4360 0.4821 -0.0021 0.0080  -0.0701 758 HOH A O   
668 O O   . HOH E .  ? 0.5380 0.5197 0.4764 0.0207  0.0062  0.0362  759 HOH A O   
669 O O   . HOH E .  ? 0.4793 0.4052 0.4691 -0.0463 0.0966  0.0593  760 HOH A O   
670 O O   . HOH E .  ? 1.0380 0.9877 1.0072 -0.0375 0.0088  0.0190  761 HOH A O   
671 O O   . HOH E .  ? 0.6577 0.5662 0.6484 -0.0051 -0.0298 -0.0241 762 HOH A O   
672 O O   . HOH E .  ? 0.5415 0.4762 0.4879 -0.0076 -0.0130 0.0339  763 HOH A O   
673 O O   . HOH E .  ? 0.4743 0.4302 0.4878 -0.0180 -0.0258 0.0763  764 HOH A O   
674 O O   . HOH E .  ? 0.2415 0.2237 0.2372 0.0119  0.0265  -0.0082 765 HOH A O   
675 O O   . HOH E .  ? 0.3957 0.4533 0.4321 -0.0612 -0.0493 -0.0096 766 HOH A O   
676 O O   . HOH E .  ? 0.6376 0.6258 0.5995 0.0276  0.0335  -0.0065 767 HOH A O   
677 O O   . HOH E .  ? 0.5171 0.5156 0.4825 0.0072  0.0337  0.0468  768 HOH A O   
678 O O   . HOH E .  ? 0.6544 0.5832 0.5285 -0.0045 -0.0069 -0.1015 769 HOH A O   
679 O O   . HOH E .  ? 0.1941 0.2025 0.1599 -0.0178 0.0427  -0.0032 770 HOH A O   
680 O O   . HOH E .  ? 0.4689 0.4249 0.4831 0.0048  -0.0535 -0.0575 771 HOH A O   
681 O O   . HOH E .  ? 0.4728 0.6256 0.5136 0.0184  -0.0474 -0.0797 772 HOH A O   
682 O O   . HOH E .  ? 0.5443 0.5321 0.6232 -0.0287 0.0960  0.0197  773 HOH A O   
683 O O   . HOH E .  ? 0.5669 0.6176 0.5652 -0.0344 0.0212  -0.0267 774 HOH A O   
684 O O   . HOH E .  ? 0.6757 0.6623 0.6905 0.0528  -0.0698 0.0395  775 HOH A O   
685 O O   . HOH E .  ? 1.1592 1.1234 1.1124 0.0187  -0.0038 0.0015  776 HOH A O   
686 O O   . HOH E .  ? 0.6649 0.7058 0.6151 -0.0219 -0.0484 -0.0081 777 HOH A O   
687 O O   . HOH E .  ? 0.6266 0.6658 0.6705 0.0184  -0.0545 0.0186  778 HOH A O   
688 O O   . HOH E .  ? 0.6995 0.6203 0.7047 -0.0021 -0.0114 0.0340  779 HOH A O   
689 O O   . HOH E .  ? 0.3068 0.3404 0.4311 -0.0301 -0.0254 0.0886  780 HOH A O   
690 O O   . HOH E .  ? 0.5533 0.5103 0.5482 0.0225  0.0157  0.0081  781 HOH A O   
691 O O   . HOH E .  ? 0.5443 0.6107 0.6400 0.0908  -0.0520 0.0428  782 HOH A O   
692 O O   . HOH E .  ? 0.5282 0.4910 0.5188 0.0107  0.0600  -0.0066 783 HOH A O   
693 O O   . HOH E .  ? 0.6731 0.5664 0.6304 0.0045  -0.0024 -0.0147 784 HOH A O   
694 O O   . HOH E .  ? 0.5691 0.5404 0.5967 -0.0821 0.0809  -0.0237 785 HOH A O   
695 O O   . HOH E .  ? 0.5775 0.3168 0.4605 -0.0074 -0.0660 0.0017  786 HOH A O   
696 O O   . HOH E .  ? 0.6096 0.6636 0.6807 0.0152  -0.0074 -0.0047 787 HOH A O   
697 O O   . HOH E .  ? 0.6032 0.6259 0.6269 0.0081  -0.0631 0.0191  788 HOH A O   
698 O O   . HOH E .  ? 0.7015 0.5853 0.6339 -0.0150 0.0345  0.0169  789 HOH A O   
699 O O   . HOH E .  ? 0.6388 0.6715 0.6804 -0.0225 0.0329  0.0324  790 HOH A O   
700 O O   . HOH E .  ? 0.6334 0.6933 0.6504 0.0310  -0.0078 0.0016  791 HOH A O   
701 O O   . HOH E .  ? 0.6051 0.6854 0.6546 0.0290  -0.0177 0.0183  792 HOH A O   
702 O O   . HOH E .  ? 0.7197 0.7274 0.7405 -0.0439 0.0155  0.0238  793 HOH A O   
703 O O   . HOH E .  ? 0.4052 0.4349 0.3515 0.0764  -0.0806 -0.0698 794 HOH A O   
704 O O   . HOH E .  ? 0.5544 0.6597 0.6263 -0.0126 -0.0002 0.0380  795 HOH A O   
705 O O   . HOH E .  ? 0.7661 0.7897 0.8063 0.0461  -0.0166 -0.0134 796 HOH A O   
706 O O   . HOH E .  ? 0.8101 0.7632 0.7775 0.0101  0.0051  -0.0043 797 HOH A O   
707 O O   . HOH E .  ? 0.8435 0.8842 0.8982 -0.0148 -0.0059 0.0458  798 HOH A O   
# 
